data_4K48
# 
_entry.id   4K48 
# 
_audit_conform.dict_name       mmcif_pdbx.dic 
_audit_conform.dict_version    5.381 
_audit_conform.dict_location   http://mmcif.pdb.org/dictionaries/ascii/mmcif_pdbx.dic 
# 
loop_
_database_2.database_id 
_database_2.database_code 
_database_2.pdbx_database_accession 
_database_2.pdbx_DOI 
PDB   4K48         pdb_00004k48 10.2210/pdb4k48/pdb 
RCSB  RCSB078870   ?            ?                   
WWPDB D_1000078870 ?            ?                   
# 
_pdbx_database_related.db_name        PDB 
_pdbx_database_related.db_id          4K47 
_pdbx_database_related.details        . 
_pdbx_database_related.content_type   unspecified 
# 
_pdbx_database_status.status_code                     REL 
_pdbx_database_status.entry_id                        4K48 
_pdbx_database_status.recvd_initial_deposition_date   2013-04-12 
_pdbx_database_status.deposit_site                    RCSB 
_pdbx_database_status.process_site                    PDBJ 
_pdbx_database_status.methods_development_category    ? 
_pdbx_database_status.status_code_sf                  REL 
_pdbx_database_status.status_code_mr                  ? 
_pdbx_database_status.SG_entry                        ? 
_pdbx_database_status.status_code_cs                  ? 
_pdbx_database_status.pdb_format_compatible           Y 
_pdbx_database_status.status_code_nmr_data            ? 
# 
loop_
_audit_author.name 
_audit_author.pdbx_ordinal 
'Hu, Q.H.'   1  
'Liu, R.J.'  2  
'Fang, Z.P.' 3  
'Zhang, J.'  4  
'Ding, Y.Y.' 5  
'Tan, M.'    6  
'Wang, M.'   7  
'Pan, W.'    8  
'Zhou, H.C.' 9  
'Wang, E.D.' 10 
# 
_citation.id                        primary 
_citation.title                     
'Discovery of a potent benzoxaborole-based anti-pneumococcal agent targeting leucyl-tRNA synthetase' 
_citation.journal_abbrev            'Sci Rep' 
_citation.journal_volume            3 
_citation.page_first                2475 
_citation.page_last                 2475 
_citation.year                      2013 
_citation.journal_id_ASTM           ? 
_citation.country                   UK 
_citation.journal_id_ISSN           2045-2322 
_citation.journal_id_CSD            ? 
_citation.book_publisher            ? 
_citation.pdbx_database_id_PubMed   23959225 
_citation.pdbx_database_id_DOI      10.1038/srep02475 
# 
loop_
_citation_author.citation_id 
_citation_author.name 
_citation_author.ordinal 
_citation_author.identifier_ORCID 
primary 'Hu, Q.H.'   1  ? 
primary 'Liu, R.J.'  2  ? 
primary 'Fang, Z.P.' 3  ? 
primary 'Zhang, J.'  4  ? 
primary 'Ding, Y.Y.' 5  ? 
primary 'Tan, M.'    6  ? 
primary 'Wang, M.'   7  ? 
primary 'Pan, W.'    8  ? 
primary 'Zhou, H.C.' 9  ? 
primary 'Wang, E.D.' 10 ? 
# 
_cell.entry_id           4K48 
_cell.length_a           88.018 
_cell.length_b           88.018 
_cell.length_c           135.405 
_cell.angle_alpha        90.00 
_cell.angle_beta         90.00 
_cell.angle_gamma        120.00 
_cell.Z_PDB              12 
_cell.pdbx_unique_axis   ? 
_cell.length_a_esd       ? 
_cell.length_b_esd       ? 
_cell.length_c_esd       ? 
_cell.angle_alpha_esd    ? 
_cell.angle_beta_esd     ? 
_cell.angle_gamma_esd    ? 
# 
_symmetry.entry_id                         4K48 
_symmetry.space_group_name_H-M             'P 61 2 2' 
_symmetry.pdbx_full_space_group_name_H-M   ? 
_symmetry.cell_setting                     ? 
_symmetry.Int_Tables_number                178 
_symmetry.space_group_name_Hall            ? 
# 
loop_
_entity.id 
_entity.type 
_entity.src_method 
_entity.pdbx_description 
_entity.formula_weight 
_entity.pdbx_number_of_molecules 
_entity.pdbx_ec 
_entity.pdbx_mutation 
_entity.pdbx_fragment 
_entity.details 
1 polymer man 'Leucine--tRNA ligase' 21091.469 1  6.1.1.4 C399S 'UNP residues 228-410' ? 
2 water   nat water                  18.015    28 ?       ?     ?                      ? 
# 
_entity_name_com.entity_id   1 
_entity_name_com.name        'Leucyl-tRNA synthetase, LeuRS' 
# 
_entity_poly.entity_id                      1 
_entity_poly.type                           'polypeptide(L)' 
_entity_poly.nstd_linkage                   no 
_entity_poly.nstd_monomer                   no 
_entity_poly.pdbx_seq_one_letter_code       
;MTGANVTFKVKGTDKEFTVFTTRPDTLFGATFTVLAPEHELVDAITSSEQAEAVADYKHQASLKSDLVRTDLAKEKTGVW
TGAYAINPVNGKEMPIWIADYVLASYGTGAVMAVPAHDQRDWEFAKQFDLPIVEVLEGGNVEEAAYTEDGLHVNSDFLDG
LNKEDAIAKIVASLEEKGCGQEKVLEHHHHHH
;
_entity_poly.pdbx_seq_one_letter_code_can   
;MTGANVTFKVKGTDKEFTVFTTRPDTLFGATFTVLAPEHELVDAITSSEQAEAVADYKHQASLKSDLVRTDLAKEKTGVW
TGAYAINPVNGKEMPIWIADYVLASYGTGAVMAVPAHDQRDWEFAKQFDLPIVEVLEGGNVEEAAYTEDGLHVNSDFLDG
LNKEDAIAKIVASLEEKGCGQEKVLEHHHHHH
;
_entity_poly.pdbx_strand_id                 A 
_entity_poly.pdbx_target_identifier         ? 
# 
loop_
_entity_poly_seq.entity_id 
_entity_poly_seq.num 
_entity_poly_seq.mon_id 
_entity_poly_seq.hetero 
1 1   MET n 
1 2   THR n 
1 3   GLY n 
1 4   ALA n 
1 5   ASN n 
1 6   VAL n 
1 7   THR n 
1 8   PHE n 
1 9   LYS n 
1 10  VAL n 
1 11  LYS n 
1 12  GLY n 
1 13  THR n 
1 14  ASP n 
1 15  LYS n 
1 16  GLU n 
1 17  PHE n 
1 18  THR n 
1 19  VAL n 
1 20  PHE n 
1 21  THR n 
1 22  THR n 
1 23  ARG n 
1 24  PRO n 
1 25  ASP n 
1 26  THR n 
1 27  LEU n 
1 28  PHE n 
1 29  GLY n 
1 30  ALA n 
1 31  THR n 
1 32  PHE n 
1 33  THR n 
1 34  VAL n 
1 35  LEU n 
1 36  ALA n 
1 37  PRO n 
1 38  GLU n 
1 39  HIS n 
1 40  GLU n 
1 41  LEU n 
1 42  VAL n 
1 43  ASP n 
1 44  ALA n 
1 45  ILE n 
1 46  THR n 
1 47  SER n 
1 48  SER n 
1 49  GLU n 
1 50  GLN n 
1 51  ALA n 
1 52  GLU n 
1 53  ALA n 
1 54  VAL n 
1 55  ALA n 
1 56  ASP n 
1 57  TYR n 
1 58  LYS n 
1 59  HIS n 
1 60  GLN n 
1 61  ALA n 
1 62  SER n 
1 63  LEU n 
1 64  LYS n 
1 65  SER n 
1 66  ASP n 
1 67  LEU n 
1 68  VAL n 
1 69  ARG n 
1 70  THR n 
1 71  ASP n 
1 72  LEU n 
1 73  ALA n 
1 74  LYS n 
1 75  GLU n 
1 76  LYS n 
1 77  THR n 
1 78  GLY n 
1 79  VAL n 
1 80  TRP n 
1 81  THR n 
1 82  GLY n 
1 83  ALA n 
1 84  TYR n 
1 85  ALA n 
1 86  ILE n 
1 87  ASN n 
1 88  PRO n 
1 89  VAL n 
1 90  ASN n 
1 91  GLY n 
1 92  LYS n 
1 93  GLU n 
1 94  MET n 
1 95  PRO n 
1 96  ILE n 
1 97  TRP n 
1 98  ILE n 
1 99  ALA n 
1 100 ASP n 
1 101 TYR n 
1 102 VAL n 
1 103 LEU n 
1 104 ALA n 
1 105 SER n 
1 106 TYR n 
1 107 GLY n 
1 108 THR n 
1 109 GLY n 
1 110 ALA n 
1 111 VAL n 
1 112 MET n 
1 113 ALA n 
1 114 VAL n 
1 115 PRO n 
1 116 ALA n 
1 117 HIS n 
1 118 ASP n 
1 119 GLN n 
1 120 ARG n 
1 121 ASP n 
1 122 TRP n 
1 123 GLU n 
1 124 PHE n 
1 125 ALA n 
1 126 LYS n 
1 127 GLN n 
1 128 PHE n 
1 129 ASP n 
1 130 LEU n 
1 131 PRO n 
1 132 ILE n 
1 133 VAL n 
1 134 GLU n 
1 135 VAL n 
1 136 LEU n 
1 137 GLU n 
1 138 GLY n 
1 139 GLY n 
1 140 ASN n 
1 141 VAL n 
1 142 GLU n 
1 143 GLU n 
1 144 ALA n 
1 145 ALA n 
1 146 TYR n 
1 147 THR n 
1 148 GLU n 
1 149 ASP n 
1 150 GLY n 
1 151 LEU n 
1 152 HIS n 
1 153 VAL n 
1 154 ASN n 
1 155 SER n 
1 156 ASP n 
1 157 PHE n 
1 158 LEU n 
1 159 ASP n 
1 160 GLY n 
1 161 LEU n 
1 162 ASN n 
1 163 LYS n 
1 164 GLU n 
1 165 ASP n 
1 166 ALA n 
1 167 ILE n 
1 168 ALA n 
1 169 LYS n 
1 170 ILE n 
1 171 VAL n 
1 172 ALA n 
1 173 SER n 
1 174 LEU n 
1 175 GLU n 
1 176 GLU n 
1 177 LYS n 
1 178 GLY n 
1 179 CYS n 
1 180 GLY n 
1 181 GLN n 
1 182 GLU n 
1 183 LYS n 
1 184 VAL n 
1 185 LEU n 
1 186 GLU n 
1 187 HIS n 
1 188 HIS n 
1 189 HIS n 
1 190 HIS n 
1 191 HIS n 
1 192 HIS n 
# 
_entity_src_gen.entity_id                          1 
_entity_src_gen.pdbx_src_id                        1 
_entity_src_gen.pdbx_alt_source_flag               sample 
_entity_src_gen.pdbx_seq_type                      ? 
_entity_src_gen.pdbx_beg_seq_num                   ? 
_entity_src_gen.pdbx_end_seq_num                   ? 
_entity_src_gen.gene_src_common_name               ? 
_entity_src_gen.gene_src_genus                     ? 
_entity_src_gen.pdbx_gene_src_gene                 'leuS, SPN23F02440' 
_entity_src_gen.gene_src_species                   ? 
_entity_src_gen.gene_src_strain                    'ATCC 700669 / Spain 23F-1' 
_entity_src_gen.gene_src_tissue                    ? 
_entity_src_gen.gene_src_tissue_fraction           ? 
_entity_src_gen.gene_src_details                   ? 
_entity_src_gen.pdbx_gene_src_fragment             ? 
_entity_src_gen.pdbx_gene_src_scientific_name      'Streptococcus pneumoniae' 
_entity_src_gen.pdbx_gene_src_ncbi_taxonomy_id     561276 
_entity_src_gen.pdbx_gene_src_variant              ? 
_entity_src_gen.pdbx_gene_src_cell_line            ? 
_entity_src_gen.pdbx_gene_src_atcc                 ? 
_entity_src_gen.pdbx_gene_src_organ                ? 
_entity_src_gen.pdbx_gene_src_organelle            ? 
_entity_src_gen.pdbx_gene_src_cell                 ? 
_entity_src_gen.pdbx_gene_src_cellular_location    ? 
_entity_src_gen.host_org_common_name               ? 
_entity_src_gen.pdbx_host_org_scientific_name      'Escherichia coli' 
_entity_src_gen.pdbx_host_org_ncbi_taxonomy_id     562 
_entity_src_gen.host_org_genus                     ? 
_entity_src_gen.pdbx_host_org_gene                 ? 
_entity_src_gen.pdbx_host_org_organ                ? 
_entity_src_gen.host_org_species                   ? 
_entity_src_gen.pdbx_host_org_tissue               ? 
_entity_src_gen.pdbx_host_org_tissue_fraction      ? 
_entity_src_gen.pdbx_host_org_strain               ? 
_entity_src_gen.pdbx_host_org_variant              ? 
_entity_src_gen.pdbx_host_org_cell_line            ? 
_entity_src_gen.pdbx_host_org_atcc                 ? 
_entity_src_gen.pdbx_host_org_culture_collection   ? 
_entity_src_gen.pdbx_host_org_cell                 ? 
_entity_src_gen.pdbx_host_org_organelle            ? 
_entity_src_gen.pdbx_host_org_cellular_location    ? 
_entity_src_gen.pdbx_host_org_vector_type          plasmid 
_entity_src_gen.pdbx_host_org_vector               ? 
_entity_src_gen.host_org_details                   ? 
_entity_src_gen.expression_system_id               ? 
_entity_src_gen.plasmid_name                       ? 
_entity_src_gen.plasmid_details                    ? 
_entity_src_gen.pdbx_description                   ? 
# 
_struct_ref.id                         1 
_struct_ref.db_name                    UNP 
_struct_ref.db_code                    SYL_STRPJ 
_struct_ref.pdbx_db_accession          B8ZKS5 
_struct_ref.entity_id                  1 
_struct_ref.pdbx_seq_one_letter_code   
;TGANVTFKVKGTDKEFTVFTTRPDTLFGATFTVLAPEHELVDAITSSEQAEAVADYKHQASLKSDLVRTDLAKEKTGVWT
GAYAINPVNGKEMPIWIADYVLASYGTGAVMAVPAHDQRDWEFAKQFDLPIVEVLEGGNVEEAAYTEDGLHVNSDFLDGL
NKEDAIAKIVACLEEKGCGQEKV
;
_struct_ref.pdbx_align_begin           228 
_struct_ref.pdbx_db_isoform            ? 
# 
_struct_ref_seq.align_id                      1 
_struct_ref_seq.ref_id                        1 
_struct_ref_seq.pdbx_PDB_id_code              4K48 
_struct_ref_seq.pdbx_strand_id                A 
_struct_ref_seq.seq_align_beg                 2 
_struct_ref_seq.pdbx_seq_align_beg_ins_code   ? 
_struct_ref_seq.seq_align_end                 184 
_struct_ref_seq.pdbx_seq_align_end_ins_code   ? 
_struct_ref_seq.pdbx_db_accession             B8ZKS5 
_struct_ref_seq.db_align_beg                  228 
_struct_ref_seq.pdbx_db_align_beg_ins_code    ? 
_struct_ref_seq.db_align_end                  410 
_struct_ref_seq.pdbx_db_align_end_ins_code    ? 
_struct_ref_seq.pdbx_auth_seq_align_beg       228 
_struct_ref_seq.pdbx_auth_seq_align_end       410 
# 
loop_
_struct_ref_seq_dif.align_id 
_struct_ref_seq_dif.pdbx_pdb_id_code 
_struct_ref_seq_dif.mon_id 
_struct_ref_seq_dif.pdbx_pdb_strand_id 
_struct_ref_seq_dif.seq_num 
_struct_ref_seq_dif.pdbx_pdb_ins_code 
_struct_ref_seq_dif.pdbx_seq_db_name 
_struct_ref_seq_dif.pdbx_seq_db_accession_code 
_struct_ref_seq_dif.db_mon_id 
_struct_ref_seq_dif.pdbx_seq_db_seq_num 
_struct_ref_seq_dif.details 
_struct_ref_seq_dif.pdbx_auth_seq_num 
_struct_ref_seq_dif.pdbx_ordinal 
1 4K48 MET A 1   ? UNP B8ZKS5 ?   ?   'expression tag'      227 1  
1 4K48 SER A 173 ? UNP B8ZKS5 CYS 399 'engineered mutation' 399 2  
1 4K48 LEU A 185 ? UNP B8ZKS5 ?   ?   'expression tag'      411 3  
1 4K48 GLU A 186 ? UNP B8ZKS5 ?   ?   'expression tag'      412 4  
1 4K48 HIS A 187 ? UNP B8ZKS5 ?   ?   'expression tag'      413 5  
1 4K48 HIS A 188 ? UNP B8ZKS5 ?   ?   'expression tag'      414 6  
1 4K48 HIS A 189 ? UNP B8ZKS5 ?   ?   'expression tag'      415 7  
1 4K48 HIS A 190 ? UNP B8ZKS5 ?   ?   'expression tag'      416 8  
1 4K48 HIS A 191 ? UNP B8ZKS5 ?   ?   'expression tag'      417 9  
1 4K48 HIS A 192 ? UNP B8ZKS5 ?   ?   'expression tag'      418 10 
# 
loop_
_chem_comp.id 
_chem_comp.type 
_chem_comp.mon_nstd_flag 
_chem_comp.name 
_chem_comp.pdbx_synonyms 
_chem_comp.formula 
_chem_comp.formula_weight 
ALA 'L-peptide linking' y ALANINE         ? 'C3 H7 N O2'     89.093  
ARG 'L-peptide linking' y ARGININE        ? 'C6 H15 N4 O2 1' 175.209 
ASN 'L-peptide linking' y ASPARAGINE      ? 'C4 H8 N2 O3'    132.118 
ASP 'L-peptide linking' y 'ASPARTIC ACID' ? 'C4 H7 N O4'     133.103 
CYS 'L-peptide linking' y CYSTEINE        ? 'C3 H7 N O2 S'   121.158 
GLN 'L-peptide linking' y GLUTAMINE       ? 'C5 H10 N2 O3'   146.144 
GLU 'L-peptide linking' y 'GLUTAMIC ACID' ? 'C5 H9 N O4'     147.129 
GLY 'peptide linking'   y GLYCINE         ? 'C2 H5 N O2'     75.067  
HIS 'L-peptide linking' y HISTIDINE       ? 'C6 H10 N3 O2 1' 156.162 
HOH non-polymer         . WATER           ? 'H2 O'           18.015  
ILE 'L-peptide linking' y ISOLEUCINE      ? 'C6 H13 N O2'    131.173 
LEU 'L-peptide linking' y LEUCINE         ? 'C6 H13 N O2'    131.173 
LYS 'L-peptide linking' y LYSINE          ? 'C6 H15 N2 O2 1' 147.195 
MET 'L-peptide linking' y METHIONINE      ? 'C5 H11 N O2 S'  149.211 
PHE 'L-peptide linking' y PHENYLALANINE   ? 'C9 H11 N O2'    165.189 
PRO 'L-peptide linking' y PROLINE         ? 'C5 H9 N O2'     115.130 
SER 'L-peptide linking' y SERINE          ? 'C3 H7 N O3'     105.093 
THR 'L-peptide linking' y THREONINE       ? 'C4 H9 N O3'     119.119 
TRP 'L-peptide linking' y TRYPTOPHAN      ? 'C11 H12 N2 O2'  204.225 
TYR 'L-peptide linking' y TYROSINE        ? 'C9 H11 N O3'    181.189 
VAL 'L-peptide linking' y VALINE          ? 'C5 H11 N O2'    117.146 
# 
_exptl.entry_id          4K48 
_exptl.method            'X-RAY DIFFRACTION' 
_exptl.crystals_number   1 
# 
_exptl_crystal.id                    1 
_exptl_crystal.density_meas          ? 
_exptl_crystal.density_Matthews      3.59 
_exptl_crystal.density_percent_sol   65.73 
_exptl_crystal.description           ? 
_exptl_crystal.F_000                 ? 
_exptl_crystal.preparation           ? 
# 
_exptl_crystal_grow.crystal_id      1 
_exptl_crystal_grow.method          'VAPOR DIFFUSION, SITTING DROP' 
_exptl_crystal_grow.temp            293 
_exptl_crystal_grow.temp_details    ? 
_exptl_crystal_grow.pH              5.5 
_exptl_crystal_grow.pdbx_details    '0.1M Bis-Tris (pH5.5), 2M ammonium sulfate, VAPOR DIFFUSION, SITTING DROP, temperature 293K' 
_exptl_crystal_grow.pdbx_pH_range   . 
# 
_diffrn.id                     1 
_diffrn.ambient_temp           100 
_diffrn.ambient_temp_details   ? 
_diffrn.crystal_id             1 
# 
_diffrn_detector.diffrn_id              1 
_diffrn_detector.detector               CCD 
_diffrn_detector.type                   'ADSC QUANTUM 315' 
_diffrn_detector.pdbx_collection_date   2012-06-16 
_diffrn_detector.details                ? 
# 
_diffrn_radiation.diffrn_id                        1 
_diffrn_radiation.wavelength_id                    1 
_diffrn_radiation.pdbx_monochromatic_or_laue_m_l   M 
_diffrn_radiation.monochromator                    ? 
_diffrn_radiation.pdbx_diffrn_protocol             'SINGLE WAVELENGTH' 
_diffrn_radiation.pdbx_scattering_type             x-ray 
# 
_diffrn_radiation_wavelength.id           1 
_diffrn_radiation_wavelength.wavelength   0.9794 
_diffrn_radiation_wavelength.wt           1.0 
# 
_diffrn_source.diffrn_id                   1 
_diffrn_source.source                      SYNCHROTRON 
_diffrn_source.type                        'SSRF BEAMLINE BL17U' 
_diffrn_source.pdbx_synchrotron_site       SSRF 
_diffrn_source.pdbx_synchrotron_beamline   BL17U 
_diffrn_source.pdbx_wavelength             ? 
_diffrn_source.pdbx_wavelength_list        0.9794 
# 
_reflns.entry_id                     4K48 
_reflns.observed_criterion_sigma_I   ? 
_reflns.observed_criterion_sigma_F   ? 
_reflns.d_resolution_low             50.00 
_reflns.d_resolution_high            2.49 
_reflns.number_obs                   11374 
_reflns.number_all                   11418 
_reflns.percent_possible_obs         99.7 
_reflns.pdbx_Rmerge_I_obs            ? 
_reflns.pdbx_Rsym_value              ? 
_reflns.pdbx_netI_over_sigmaI        ? 
_reflns.B_iso_Wilson_estimate        ? 
_reflns.pdbx_redundancy              ? 
_reflns.R_free_details               ? 
_reflns.limit_h_max                  ? 
_reflns.limit_h_min                  ? 
_reflns.limit_k_max                  ? 
_reflns.limit_k_min                  ? 
_reflns.limit_l_max                  ? 
_reflns.limit_l_min                  ? 
_reflns.observed_criterion_F_max     ? 
_reflns.observed_criterion_F_min     ? 
_reflns.pdbx_chi_squared             ? 
_reflns.pdbx_scaling_rejects         ? 
_reflns.pdbx_ordinal                 1 
_reflns.pdbx_diffrn_id               1 
# 
_reflns_shell.d_res_high                  2.50 
_reflns_shell.d_res_low                   2.59 
_reflns_shell.percent_possible_all        100 
_reflns_shell.Rmerge_I_obs                ? 
_reflns_shell.pdbx_Rsym_value             ? 
_reflns_shell.meanI_over_sigI_obs         ? 
_reflns_shell.pdbx_redundancy             ? 
_reflns_shell.percent_possible_obs        ? 
_reflns_shell.number_unique_all           ? 
_reflns_shell.number_measured_all         ? 
_reflns_shell.number_measured_obs         ? 
_reflns_shell.number_unique_obs           ? 
_reflns_shell.pdbx_chi_squared            ? 
_reflns_shell.pdbx_rejects                ? 
_reflns_shell.pdbx_netI_over_sigmaI_obs   ? 
_reflns_shell.number_possible             ? 
_reflns_shell.Rmerge_F_all                ? 
_reflns_shell.Rmerge_F_obs                ? 
_reflns_shell.Rmerge_I_all                ? 
_reflns_shell.meanI_over_sigI_all         ? 
_reflns_shell.pdbx_Rrim_I_all             ? 
_reflns_shell.pdbx_Rpim_I_all             ? 
_reflns_shell.pdbx_ordinal                1 
_reflns_shell.pdbx_diffrn_id              1 
# 
_refine.entry_id                                 4K48 
_refine.ls_number_reflns_obs                     10726 
_refine.ls_number_reflns_all                     ? 
_refine.pdbx_ls_sigma_I                          ? 
_refine.pdbx_ls_sigma_F                          ? 
_refine.pdbx_data_cutoff_high_absF               ? 
_refine.pdbx_data_cutoff_low_absF                ? 
_refine.pdbx_data_cutoff_high_rms_absF           ? 
_refine.ls_d_res_low                             50.00 
_refine.ls_d_res_high                            2.49 
_refine.ls_percent_reflns_obs                    98.88 
_refine.ls_R_factor_obs                          0.20582 
_refine.ls_R_factor_all                          ? 
_refine.ls_R_factor_R_work                       0.20414 
_refine.ls_R_factor_R_free                       0.24107 
_refine.ls_R_factor_R_free_error                 ? 
_refine.ls_R_factor_R_free_error_details         ? 
_refine.ls_percent_reflns_R_free                 4.8 
_refine.ls_number_reflns_R_free                  535 
_refine.ls_number_parameters                     ? 
_refine.ls_number_restraints                     ? 
_refine.occupancy_min                            ? 
_refine.occupancy_max                            ? 
_refine.correlation_coeff_Fo_to_Fc               0.948 
_refine.correlation_coeff_Fo_to_Fc_free          0.931 
_refine.B_iso_mean                               59.570 
_refine.aniso_B[1][1]                            2.08 
_refine.aniso_B[2][2]                            2.08 
_refine.aniso_B[3][3]                            -3.12 
_refine.aniso_B[1][2]                            1.04 
_refine.aniso_B[1][3]                            0.00 
_refine.aniso_B[2][3]                            0.00 
_refine.solvent_model_details                    MASK 
_refine.solvent_model_param_ksol                 ? 
_refine.solvent_model_param_bsol                 ? 
_refine.pdbx_solvent_vdw_probe_radii             1.40 
_refine.pdbx_solvent_ion_probe_radii             0.80 
_refine.pdbx_solvent_shrinkage_radii             0.80 
_refine.pdbx_ls_cross_valid_method               THROUGHOUT 
_refine.details                                  'HYDROGENS HAVE BEEN ADDED IN THE RIDING POSITIONS' 
_refine.pdbx_starting_model                      3PZ5 
_refine.pdbx_method_to_determine_struct          'MOLECULAR REPLACEMENT' 
_refine.pdbx_isotropic_thermal_model             ? 
_refine.pdbx_stereochemistry_target_values       'MAXIMUM LIKELIHOOD' 
_refine.pdbx_stereochem_target_val_spec_case     ? 
_refine.pdbx_R_Free_selection_details            RANDOM 
_refine.pdbx_overall_ESU_R                       0.277 
_refine.pdbx_overall_ESU_R_Free                  0.224 
_refine.overall_SU_ML                            ? 
_refine.pdbx_overall_phase_error                 ? 
_refine.overall_SU_B                             ? 
_refine.overall_SU_R_Cruickshank_DPI             ? 
_refine.ls_redundancy_reflns_obs                 ? 
_refine.B_iso_min                                ? 
_refine.B_iso_max                                ? 
_refine.overall_SU_R_free                        ? 
_refine.ls_wR_factor_R_free                      ? 
_refine.ls_wR_factor_R_work                      ? 
_refine.overall_FOM_free_R_set                   ? 
_refine.overall_FOM_work_R_set                   ? 
_refine.pdbx_diffrn_id                           1 
_refine.pdbx_refine_id                           'X-RAY DIFFRACTION' 
_refine.pdbx_TLS_residual_ADP_flag               ? 
_refine.pdbx_overall_SU_R_free_Cruickshank_DPI   ? 
_refine.pdbx_overall_SU_R_Blow_DPI               ? 
_refine.pdbx_overall_SU_R_free_Blow_DPI          ? 
# 
_refine_hist.pdbx_refine_id                   'X-RAY DIFFRACTION' 
_refine_hist.cycle_id                         LAST 
_refine_hist.pdbx_number_atoms_protein        1401 
_refine_hist.pdbx_number_atoms_nucleic_acid   0 
_refine_hist.pdbx_number_atoms_ligand         0 
_refine_hist.number_atoms_solvent             28 
_refine_hist.number_atoms_total               1429 
_refine_hist.d_res_high                       2.49 
_refine_hist.d_res_low                        50.00 
# 
loop_
_refine_ls_restr.type 
_refine_ls_restr.dev_ideal 
_refine_ls_restr.dev_ideal_target 
_refine_ls_restr.weight 
_refine_ls_restr.number 
_refine_ls_restr.pdbx_restraint_function 
_refine_ls_restr.pdbx_refine_id 
r_bond_refined_d             0.009  0.022  ? 1429 ? 'X-RAY DIFFRACTION' 
r_bond_other_d               ?      ?      ? ?    ? 'X-RAY DIFFRACTION' 
r_angle_refined_deg          1.171  1.946  ? 1943 ? 'X-RAY DIFFRACTION' 
r_angle_other_deg            ?      ?      ? ?    ? 'X-RAY DIFFRACTION' 
r_dihedral_angle_1_deg       5.349  5.000  ? 182  ? 'X-RAY DIFFRACTION' 
r_dihedral_angle_2_deg       28.924 26.000 ? 65   ? 'X-RAY DIFFRACTION' 
r_dihedral_angle_3_deg       14.725 15.000 ? 232  ? 'X-RAY DIFFRACTION' 
r_dihedral_angle_4_deg       14.257 15.000 ? 3    ? 'X-RAY DIFFRACTION' 
r_chiral_restr               0.074  0.200  ? 222  ? 'X-RAY DIFFRACTION' 
r_gen_planes_refined         0.005  0.021  ? 1085 ? 'X-RAY DIFFRACTION' 
r_gen_planes_other           ?      ?      ? ?    ? 'X-RAY DIFFRACTION' 
r_nbd_refined                ?      ?      ? ?    ? 'X-RAY DIFFRACTION' 
r_nbd_other                  ?      ?      ? ?    ? 'X-RAY DIFFRACTION' 
r_nbtor_refined              ?      ?      ? ?    ? 'X-RAY DIFFRACTION' 
r_nbtor_other                ?      ?      ? ?    ? 'X-RAY DIFFRACTION' 
r_xyhbond_nbd_refined        ?      ?      ? ?    ? 'X-RAY DIFFRACTION' 
r_xyhbond_nbd_other          ?      ?      ? ?    ? 'X-RAY DIFFRACTION' 
r_metal_ion_refined          ?      ?      ? ?    ? 'X-RAY DIFFRACTION' 
r_metal_ion_other            ?      ?      ? ?    ? 'X-RAY DIFFRACTION' 
r_symmetry_vdw_refined       ?      ?      ? ?    ? 'X-RAY DIFFRACTION' 
r_symmetry_vdw_other         ?      ?      ? ?    ? 'X-RAY DIFFRACTION' 
r_symmetry_hbond_refined     ?      ?      ? ?    ? 'X-RAY DIFFRACTION' 
r_symmetry_hbond_other       ?      ?      ? ?    ? 'X-RAY DIFFRACTION' 
r_symmetry_metal_ion_refined ?      ?      ? ?    ? 'X-RAY DIFFRACTION' 
r_symmetry_metal_ion_other   ?      ?      ? ?    ? 'X-RAY DIFFRACTION' 
r_mcbond_it                  3.587  1.500  ? 906  ? 'X-RAY DIFFRACTION' 
r_mcbond_other               ?      ?      ? ?    ? 'X-RAY DIFFRACTION' 
r_mcangle_it                 5.212  2.000  ? 1455 ? 'X-RAY DIFFRACTION' 
r_scbond_it                  6.420  3.000  ? 523  ? 'X-RAY DIFFRACTION' 
r_scangle_it                 9.125  4.500  ? 488  ? 'X-RAY DIFFRACTION' 
r_rigid_bond_restr           ?      ?      ? ?    ? 'X-RAY DIFFRACTION' 
r_sphericity_free            ?      ?      ? ?    ? 'X-RAY DIFFRACTION' 
r_sphericity_bonded          ?      ?      ? ?    ? 'X-RAY DIFFRACTION' 
# 
_refine_ls_shell.pdbx_refine_id                   'X-RAY DIFFRACTION' 
_refine_ls_shell.pdbx_total_number_of_bins_used   20 
_refine_ls_shell.d_res_high                       2.493 
_refine_ls_shell.d_res_low                        2.558 
_refine_ls_shell.number_reflns_R_work             751 
_refine_ls_shell.R_factor_R_work                  0.275 
_refine_ls_shell.percent_reflns_obs               97.06 
_refine_ls_shell.R_factor_R_free                  0.260 
_refine_ls_shell.R_factor_R_free_error            ? 
_refine_ls_shell.percent_reflns_R_free            ? 
_refine_ls_shell.number_reflns_R_free             42 
_refine_ls_shell.number_reflns_all                ? 
_refine_ls_shell.R_factor_all                     ? 
_refine_ls_shell.number_reflns_obs                ? 
_refine_ls_shell.redundancy_reflns_obs            ? 
# 
_struct.entry_id                  4K48 
_struct.title                     'Structure of the Streptococcus pneumoniae leucyl-tRNA synthetase editing domain' 
_struct.pdbx_model_details        ? 
_struct.pdbx_CASP_flag            ? 
_struct.pdbx_model_type_details   ? 
# 
_struct_keywords.entry_id        4K48 
_struct_keywords.pdbx_keywords   LIGASE 
_struct_keywords.text            'leucyl-tRNA synthetase, benzoxaboroles, antibacterial, LIGASE' 
# 
loop_
_struct_asym.id 
_struct_asym.pdbx_blank_PDB_chainid_flag 
_struct_asym.pdbx_modified 
_struct_asym.entity_id 
_struct_asym.details 
A N N 1 ? 
B N N 2 ? 
# 
_struct_biol.id        1 
_struct_biol.details   ? 
# 
loop_
_struct_conf.conf_type_id 
_struct_conf.id 
_struct_conf.pdbx_PDB_helix_id 
_struct_conf.beg_label_comp_id 
_struct_conf.beg_label_asym_id 
_struct_conf.beg_label_seq_id 
_struct_conf.pdbx_beg_PDB_ins_code 
_struct_conf.end_label_comp_id 
_struct_conf.end_label_asym_id 
_struct_conf.end_label_seq_id 
_struct_conf.pdbx_end_PDB_ins_code 
_struct_conf.beg_auth_comp_id 
_struct_conf.beg_auth_asym_id 
_struct_conf.beg_auth_seq_id 
_struct_conf.end_auth_comp_id 
_struct_conf.end_auth_asym_id 
_struct_conf.end_auth_seq_id 
_struct_conf.pdbx_PDB_helix_class 
_struct_conf.details 
_struct_conf.pdbx_PDB_helix_length 
HELX_P HELX_P1 1 ARG A 23  ? ALA A 30  ? ARG A 249 ALA A 256 5 ? 8  
HELX_P HELX_P2 2 LEU A 41  ? THR A 46  ? LEU A 267 THR A 272 1 ? 6  
HELX_P HELX_P3 3 GLN A 50  ? LEU A 63  ? GLN A 276 LEU A 289 1 ? 14 
HELX_P HELX_P4 4 SER A 65  ? THR A 70  ? SER A 291 THR A 296 1 ? 6  
HELX_P HELX_P5 5 ASP A 118 ? ASP A 129 ? ASP A 344 ASP A 355 1 ? 12 
HELX_P HELX_P6 6 SER A 155 ? ASP A 159 ? SER A 381 ASP A 385 5 ? 5  
HELX_P HELX_P7 7 ASN A 162 ? GLY A 178 ? ASN A 388 GLY A 404 1 ? 17 
# 
_struct_conf_type.id          HELX_P 
_struct_conf_type.criteria    ? 
_struct_conf_type.reference   ? 
# 
loop_
_struct_sheet.id 
_struct_sheet.type 
_struct_sheet.number_strands 
_struct_sheet.details 
A ? 6 ? 
B ? 3 ? 
# 
loop_
_struct_sheet_order.sheet_id 
_struct_sheet_order.range_id_1 
_struct_sheet_order.range_id_2 
_struct_sheet_order.offset 
_struct_sheet_order.sense 
A 1 2 ? anti-parallel 
A 2 3 ? anti-parallel 
A 3 4 ? anti-parallel 
A 4 5 ? parallel      
A 5 6 ? anti-parallel 
B 1 2 ? anti-parallel 
B 2 3 ? anti-parallel 
# 
loop_
_struct_sheet_range.sheet_id 
_struct_sheet_range.id 
_struct_sheet_range.beg_label_comp_id 
_struct_sheet_range.beg_label_asym_id 
_struct_sheet_range.beg_label_seq_id 
_struct_sheet_range.pdbx_beg_PDB_ins_code 
_struct_sheet_range.end_label_comp_id 
_struct_sheet_range.end_label_asym_id 
_struct_sheet_range.end_label_seq_id 
_struct_sheet_range.pdbx_end_PDB_ins_code 
_struct_sheet_range.beg_auth_comp_id 
_struct_sheet_range.beg_auth_asym_id 
_struct_sheet_range.beg_auth_seq_id 
_struct_sheet_range.end_auth_comp_id 
_struct_sheet_range.end_auth_asym_id 
_struct_sheet_range.end_auth_seq_id 
A 1 GLU A 16  ? THR A 21  ? GLU A 242 THR A 247 
A 2 GLY A 3   ? VAL A 10  ? GLY A 229 VAL A 236 
A 3 VAL A 79  ? ILE A 86  ? VAL A 305 ILE A 312 
A 4 GLU A 93  ? ILE A 98  ? GLU A 319 ILE A 324 
A 5 PHE A 32  ? LEU A 35  ? PHE A 258 LEU A 261 
A 6 ALA A 110 ? ALA A 113 ? ALA A 336 ALA A 339 
B 1 GLU A 16  ? THR A 21  ? GLU A 242 THR A 247 
B 2 GLY A 3   ? VAL A 10  ? GLY A 229 VAL A 236 
B 3 GLY A 180 ? LYS A 183 ? GLY A 406 LYS A 409 
# 
loop_
_pdbx_struct_sheet_hbond.sheet_id 
_pdbx_struct_sheet_hbond.range_id_1 
_pdbx_struct_sheet_hbond.range_id_2 
_pdbx_struct_sheet_hbond.range_1_label_atom_id 
_pdbx_struct_sheet_hbond.range_1_label_comp_id 
_pdbx_struct_sheet_hbond.range_1_label_asym_id 
_pdbx_struct_sheet_hbond.range_1_label_seq_id 
_pdbx_struct_sheet_hbond.range_1_PDB_ins_code 
_pdbx_struct_sheet_hbond.range_1_auth_atom_id 
_pdbx_struct_sheet_hbond.range_1_auth_comp_id 
_pdbx_struct_sheet_hbond.range_1_auth_asym_id 
_pdbx_struct_sheet_hbond.range_1_auth_seq_id 
_pdbx_struct_sheet_hbond.range_2_label_atom_id 
_pdbx_struct_sheet_hbond.range_2_label_comp_id 
_pdbx_struct_sheet_hbond.range_2_label_asym_id 
_pdbx_struct_sheet_hbond.range_2_label_seq_id 
_pdbx_struct_sheet_hbond.range_2_PDB_ins_code 
_pdbx_struct_sheet_hbond.range_2_auth_atom_id 
_pdbx_struct_sheet_hbond.range_2_auth_comp_id 
_pdbx_struct_sheet_hbond.range_2_auth_asym_id 
_pdbx_struct_sheet_hbond.range_2_auth_seq_id 
A 1 2 O THR A 21 ? O THR A 247 N ALA A 4   ? N ALA A 230 
A 2 3 N LYS A 9  ? N LYS A 235 O ILE A 86  ? O ILE A 312 
A 3 4 N ALA A 85 ? N ALA A 311 O MET A 94  ? O MET A 320 
A 4 5 O TRP A 97 ? O TRP A 323 N LEU A 35  ? N LEU A 261 
A 5 6 N VAL A 34 ? N VAL A 260 O VAL A 111 ? O VAL A 337 
B 1 2 O THR A 21 ? O THR A 247 N ALA A 4   ? N ALA A 230 
B 2 3 N ASN A 5  ? N ASN A 231 O GLN A 181 ? O GLN A 407 
# 
_atom_sites.entry_id                    4K48 
_atom_sites.fract_transf_matrix[1][1]   0.01271872 
_atom_sites.fract_transf_matrix[1][2]   0.00058660 
_atom_sites.fract_transf_matrix[1][3]   0.00315956 
_atom_sites.fract_transf_matrix[2][1]   0.00745785 
_atom_sites.fract_transf_matrix[2][2]   -0.01076412 
_atom_sites.fract_transf_matrix[2][3]   -0.00078890 
_atom_sites.fract_transf_matrix[3][1]   0.00166222 
_atom_sites.fract_transf_matrix[3][2]   0.00166471 
_atom_sites.fract_transf_matrix[3][3]   -0.00700028 
_atom_sites.fract_transf_vector[1]      0.080202 
_atom_sites.fract_transf_vector[2]      -0.254838 
_atom_sites.fract_transf_vector[3]      0.002690 
# 
loop_
_atom_type.symbol 
C 
N 
O 
S 
# 
loop_
_atom_site.group_PDB 
_atom_site.id 
_atom_site.type_symbol 
_atom_site.label_atom_id 
_atom_site.label_alt_id 
_atom_site.label_comp_id 
_atom_site.label_asym_id 
_atom_site.label_entity_id 
_atom_site.label_seq_id 
_atom_site.pdbx_PDB_ins_code 
_atom_site.Cartn_x 
_atom_site.Cartn_y 
_atom_site.Cartn_z 
_atom_site.occupancy 
_atom_site.B_iso_or_equiv 
_atom_site.pdbx_formal_charge 
_atom_site.auth_seq_id 
_atom_site.auth_comp_id 
_atom_site.auth_asym_id 
_atom_site.auth_atom_id 
_atom_site.pdbx_PDB_model_num 
ATOM   1    N N   . THR A 1 2   ? -9.963  2.731   -14.871 1.00 91.78  ? 228 THR A N   1 
ATOM   2    C CA  . THR A 1 2   ? -10.309 1.310   -14.816 1.00 102.27 ? 228 THR A CA  1 
ATOM   3    C C   . THR A 1 2   ? -9.717  0.609   -13.576 1.00 99.94  ? 228 THR A C   1 
ATOM   4    O O   . THR A 1 2   ? -9.085  -0.449  -13.679 1.00 96.54  ? 228 THR A O   1 
ATOM   5    C CB  . THR A 1 2   ? -9.888  0.568   -16.117 1.00 105.86 ? 228 THR A CB  1 
ATOM   6    O OG1 . THR A 1 2   ? -10.145 -0.839  -15.983 1.00 107.41 ? 228 THR A OG1 1 
ATOM   7    C CG2 . THR A 1 2   ? -8.404  0.795   -16.427 1.00 102.37 ? 228 THR A CG2 1 
ATOM   8    N N   . GLY A 1 3   ? -9.933  1.196   -12.401 1.00 87.52  ? 229 GLY A N   1 
ATOM   9    C CA  . GLY A 1 3   ? -9.400  0.634   -11.171 1.00 82.36  ? 229 GLY A CA  1 
ATOM   10   C C   . GLY A 1 3   ? -10.422 0.350   -10.078 1.00 78.55  ? 229 GLY A C   1 
ATOM   11   O O   . GLY A 1 3   ? -11.568 -0.002  -10.355 1.00 80.47  ? 229 GLY A O   1 
ATOM   12   N N   . ALA A 1 4   ? -9.997  0.491   -8.825  1.00 73.94  ? 230 ALA A N   1 
ATOM   13   C CA  . ALA A 1 4   ? -10.867 0.261   -7.673  1.00 70.60  ? 230 ALA A CA  1 
ATOM   14   C C   . ALA A 1 4   ? -10.458 1.093   -6.460  1.00 64.35  ? 230 ALA A C   1 
ATOM   15   O O   . ALA A 1 4   ? -9.272  1.302   -6.206  1.00 65.10  ? 230 ALA A O   1 
ATOM   16   C CB  . ALA A 1 4   ? -10.893 -1.221  -7.310  1.00 66.47  ? 230 ALA A CB  1 
ATOM   17   N N   . ASN A 1 5   ? -11.452 1.570   -5.718  1.00 65.00  ? 231 ASN A N   1 
ATOM   18   C CA  . ASN A 1 5   ? -11.213 2.196   -4.426  1.00 62.44  ? 231 ASN A CA  1 
ATOM   19   C C   . ASN A 1 5   ? -11.307 1.149   -3.322  1.00 63.23  ? 231 ASN A C   1 
ATOM   20   O O   . ASN A 1 5   ? -12.282 0.411   -3.251  1.00 62.19  ? 231 ASN A O   1 
ATOM   21   C CB  . ASN A 1 5   ? -12.216 3.317   -4.171  1.00 59.49  ? 231 ASN A CB  1 
ATOM   22   C CG  . ASN A 1 5   ? -11.761 4.658   -4.740  1.00 69.31  ? 231 ASN A CG  1 
ATOM   23   O OD1 . ASN A 1 5   ? -10.590 4.842   -5.082  1.00 64.42  ? 231 ASN A OD1 1 
ATOM   24   N ND2 . ASN A 1 5   ? -12.686 5.608   -4.824  1.00 76.09  ? 231 ASN A ND2 1 
ATOM   25   N N   . VAL A 1 6   ? -10.283 1.059   -2.479  1.00 58.49  ? 232 VAL A N   1 
ATOM   26   C CA  . VAL A 1 6   ? -10.314 0.120   -1.366  1.00 56.42  ? 232 VAL A CA  1 
ATOM   27   C C   . VAL A 1 6   ? -10.170 0.859   -0.054  1.00 58.20  ? 232 VAL A C   1 
ATOM   28   O O   . VAL A 1 6   ? -9.296  1.708   0.103   1.00 60.79  ? 232 VAL A O   1 
ATOM   29   C CB  . VAL A 1 6   ? -9.217  -0.959  -1.441  1.00 58.83  ? 232 VAL A CB  1 
ATOM   30   C CG1 . VAL A 1 6   ? -9.303  -1.895  -0.196  1.00 52.98  ? 232 VAL A CG1 1 
ATOM   31   C CG2 . VAL A 1 6   ? -9.335  -1.753  -2.725  1.00 52.52  ? 232 VAL A CG2 1 
ATOM   32   N N   . THR A 1 7   ? -11.039 0.532   0.891   1.00 54.96  ? 233 THR A N   1 
ATOM   33   C CA  . THR A 1 7   ? -11.023 1.211   2.168   1.00 56.22  ? 233 THR A CA  1 
ATOM   34   C C   . THR A 1 7   ? -10.350 0.379   3.254   1.00 52.77  ? 233 THR A C   1 
ATOM   35   O O   . THR A 1 7   ? -10.574 -0.829  3.373   1.00 53.14  ? 233 THR A O   1 
ATOM   36   C CB  . THR A 1 7   ? -12.435 1.655   2.566   1.00 61.49  ? 233 THR A CB  1 
ATOM   37   O OG1 . THR A 1 7   ? -12.904 2.590   1.578   1.00 63.99  ? 233 THR A OG1 1 
ATOM   38   C CG2 . THR A 1 7   ? -12.426 2.313   3.954   1.00 56.53  ? 233 THR A CG2 1 
ATOM   39   N N   . PHE A 1 8   ? -9.490  1.043   4.018   1.00 52.77  ? 234 PHE A N   1 
ATOM   40   C CA  . PHE A 1 8   ? -8.782  0.414   5.118   1.00 49.47  ? 234 PHE A CA  1 
ATOM   41   C C   . PHE A 1 8   ? -9.134  1.102   6.434   1.00 48.08  ? 234 PHE A C   1 
ATOM   42   O O   . PHE A 1 8   ? -9.015  2.311   6.563   1.00 48.61  ? 234 PHE A O   1 
ATOM   43   C CB  . PHE A 1 8   ? -7.275  0.487   4.888   1.00 49.33  ? 234 PHE A CB  1 
ATOM   44   C CG  . PHE A 1 8   ? -6.805  -0.304  3.693   1.00 55.87  ? 234 PHE A CG  1 
ATOM   45   C CD1 . PHE A 1 8   ? -6.403  -1.625  3.831   1.00 54.38  ? 234 PHE A CD1 1 
ATOM   46   C CD2 . PHE A 1 8   ? -6.766  0.273   2.428   1.00 55.05  ? 234 PHE A CD2 1 
ATOM   47   C CE1 . PHE A 1 8   ? -5.971  -2.354  2.731   1.00 57.47  ? 234 PHE A CE1 1 
ATOM   48   C CE2 . PHE A 1 8   ? -6.341  -0.453  1.330   1.00 56.59  ? 234 PHE A CE2 1 
ATOM   49   C CZ  . PHE A 1 8   ? -5.944  -1.766  1.476   1.00 54.65  ? 234 PHE A CZ  1 
ATOM   50   N N   . LYS A 1 9   ? -9.579  0.321   7.407   1.00 48.07  ? 235 LYS A N   1 
ATOM   51   C CA  . LYS A 1 9   ? -9.769  0.843   8.748   1.00 53.85  ? 235 LYS A CA  1 
ATOM   52   C C   . LYS A 1 9   ? -8.409  0.980   9.433   1.00 48.33  ? 235 LYS A C   1 
ATOM   53   O O   . LYS A 1 9   ? -7.502  0.194   9.175   1.00 44.91  ? 235 LYS A O   1 
ATOM   54   C CB  . LYS A 1 9   ? -10.713 -0.066  9.543   1.00 56.10  ? 235 LYS A CB  1 
ATOM   55   C CG  . LYS A 1 9   ? -12.112 -0.159  8.921   1.00 61.81  ? 235 LYS A CG  1 
ATOM   56   C CD  . LYS A 1 9   ? -13.060 -1.051  9.731   1.00 73.89  ? 235 LYS A CD  1 
ATOM   57   C CE  . LYS A 1 9   ? -14.491 -0.918  9.209   1.00 74.80  ? 235 LYS A CE  1 
ATOM   58   N NZ  . LYS A 1 9   ? -15.311 -2.139  9.440   1.00 76.32  ? 235 LYS A NZ  1 
ATOM   59   N N   . VAL A 1 10  ? -8.257  2.000   10.271  1.00 50.83  ? 236 VAL A N   1 
ATOM   60   C CA  . VAL A 1 10  ? -7.067  2.130   11.102  1.00 49.22  ? 236 VAL A CA  1 
ATOM   61   C C   . VAL A 1 10  ? -7.317  1.399   12.429  1.00 50.61  ? 236 VAL A C   1 
ATOM   62   O O   . VAL A 1 10  ? -8.224  1.751   13.176  1.00 52.48  ? 236 VAL A O   1 
ATOM   63   C CB  . VAL A 1 10  ? -6.723  3.601   11.362  1.00 46.28  ? 236 VAL A CB  1 
ATOM   64   C CG1 . VAL A 1 10  ? -5.477  3.704   12.215  1.00 47.33  ? 236 VAL A CG1 1 
ATOM   65   C CG2 . VAL A 1 10  ? -6.545  4.350   10.041  1.00 48.75  ? 236 VAL A CG2 1 
ATOM   66   N N   . LYS A 1 11  ? -6.521  0.371   12.707  1.00 48.42  ? 237 LYS A N   1 
ATOM   67   C CA  . LYS A 1 11  ? -6.752  -0.473  13.872  1.00 50.71  ? 237 LYS A CA  1 
ATOM   68   C C   . LYS A 1 11  ? -6.823  0.316   15.171  1.00 54.97  ? 237 LYS A C   1 
ATOM   69   O O   . LYS A 1 11  ? -6.020  1.220   15.409  1.00 53.62  ? 237 LYS A O   1 
ATOM   70   C CB  . LYS A 1 11  ? -5.694  -1.569  13.997  1.00 51.53  ? 237 LYS A CB  1 
ATOM   71   C CG  . LYS A 1 11  ? -5.836  -2.338  15.280  1.00 53.35  ? 237 LYS A CG  1 
ATOM   72   C CD  . LYS A 1 11  ? -4.987  -3.589  15.327  1.00 57.72  ? 237 LYS A CD  1 
ATOM   73   C CE  . LYS A 1 11  ? -5.161  -4.277  16.687  1.00 56.49  ? 237 LYS A CE  1 
ATOM   74   N NZ  . LYS A 1 11  ? -4.509  -5.606  16.733  1.00 55.27  ? 237 LYS A NZ  1 
ATOM   75   N N   . GLY A 1 12  ? -7.806  -0.036  15.997  1.00 58.47  ? 238 GLY A N   1 
ATOM   76   C CA  . GLY A 1 12  ? -7.993  0.582   17.294  1.00 56.08  ? 238 GLY A CA  1 
ATOM   77   C C   . GLY A 1 12  ? -8.508  2.004   17.229  1.00 59.75  ? 238 GLY A C   1 
ATOM   78   O O   . GLY A 1 12  ? -8.378  2.755   18.195  1.00 61.28  ? 238 GLY A O   1 
ATOM   79   N N   . THR A 1 13  ? -9.076  2.397   16.091  1.00 58.32  ? 239 THR A N   1 
ATOM   80   C CA  . THR A 1 13  ? -9.699  3.715   16.011  1.00 60.40  ? 239 THR A CA  1 
ATOM   81   C C   . THR A 1 13  ? -10.942 3.757   15.139  1.00 63.03  ? 239 THR A C   1 
ATOM   82   O O   . THR A 1 13  ? -11.403 2.746   14.601  1.00 57.45  ? 239 THR A O   1 
ATOM   83   C CB  . THR A 1 13  ? -8.753  4.828   15.481  1.00 62.49  ? 239 THR A CB  1 
ATOM   84   O OG1 . THR A 1 13  ? -8.721  4.785   14.052  1.00 55.98  ? 239 THR A OG1 1 
ATOM   85   C CG2 . THR A 1 13  ? -7.345  4.699   16.039  1.00 58.42  ? 239 THR A CG2 1 
ATOM   86   N N   . ASP A 1 14  ? -11.441 4.980   14.999  1.00 70.03  ? 240 ASP A N   1 
ATOM   87   C CA  . ASP A 1 14  ? -12.689 5.311   14.333  1.00 68.36  ? 240 ASP A CA  1 
ATOM   88   C C   . ASP A 1 14  ? -12.366 5.785   12.915  1.00 68.80  ? 240 ASP A C   1 
ATOM   89   O O   . ASP A 1 14  ? -13.236 6.226   12.158  1.00 65.90  ? 240 ASP A O   1 
ATOM   90   C CB  . ASP A 1 14  ? -13.370 6.427   15.147  1.00 75.35  ? 240 ASP A CB  1 
ATOM   91   C CG  . ASP A 1 14  ? -12.350 7.309   15.942  1.00 85.20  ? 240 ASP A CG  1 
ATOM   92   O OD1 . ASP A 1 14  ? -11.889 6.915   17.056  1.00 73.28  ? 240 ASP A OD1 1 
ATOM   93   O OD2 . ASP A 1 14  ? -12.020 8.417   15.447  1.00 81.88  ? 240 ASP A OD2 1 
ATOM   94   N N   . LYS A 1 15  ? -11.091 5.675   12.563  1.00 64.21  ? 241 LYS A N   1 
ATOM   95   C CA  . LYS A 1 15  ? -10.584 6.252   11.326  1.00 64.70  ? 241 LYS A CA  1 
ATOM   96   C C   . LYS A 1 15  ? -10.471 5.256   10.160  1.00 60.58  ? 241 LYS A C   1 
ATOM   97   O O   . LYS A 1 15  ? -10.388 4.040   10.358  1.00 52.54  ? 241 LYS A O   1 
ATOM   98   C CB  . LYS A 1 15  ? -9.228  6.915   11.583  1.00 65.26  ? 241 LYS A CB  1 
ATOM   99   C CG  . LYS A 1 15  ? -9.233  7.975   12.668  1.00 62.29  ? 241 LYS A CG  1 
ATOM   100  C CD  . LYS A 1 15  ? -10.044 9.189   12.245  1.00 73.50  ? 241 LYS A CD  1 
ATOM   101  C CE  . LYS A 1 15  ? -9.849  10.343  13.228  1.00 80.15  ? 241 LYS A CE  1 
ATOM   102  N NZ  . LYS A 1 15  ? -9.995  9.896   14.655  1.00 80.25  ? 241 LYS A NZ  1 
ATOM   103  N N   . GLU A 1 16  ? -10.460 5.812   8.946   1.00 62.06  ? 242 GLU A N   1 
ATOM   104  C CA  . GLU A 1 16  ? -10.410 5.060   7.692   1.00 60.44  ? 242 GLU A CA  1 
ATOM   105  C C   . GLU A 1 16  ? -9.687  5.877   6.646   1.00 57.52  ? 242 GLU A C   1 
ATOM   106  O O   . GLU A 1 16  ? -9.609  7.098   6.742   1.00 55.95  ? 242 GLU A O   1 
ATOM   107  C CB  . GLU A 1 16  ? -11.808 4.810   7.145   1.00 56.16  ? 242 GLU A CB  1 
ATOM   108  C CG  . GLU A 1 16  ? -12.627 3.815   7.926   1.00 68.47  ? 242 GLU A CG  1 
ATOM   109  C CD  . GLU A 1 16  ? -13.981 3.566   7.265   1.00 83.45  ? 242 GLU A CD  1 
ATOM   110  O OE1 . GLU A 1 16  ? -14.231 4.166   6.181   1.00 68.11  ? 242 GLU A OE1 1 
ATOM   111  O OE2 . GLU A 1 16  ? -14.785 2.777   7.830   1.00 85.72  ? 242 GLU A OE2 1 
ATOM   112  N N   . PHE A 1 17  ? -9.176  5.203   5.630   1.00 54.78  ? 243 PHE A N   1 
ATOM   113  C CA  . PHE A 1 17  ? -8.669  5.894   4.461   1.00 54.00  ? 243 PHE A CA  1 
ATOM   114  C C   . PHE A 1 17  ? -8.888  5.026   3.244   1.00 53.03  ? 243 PHE A C   1 
ATOM   115  O O   . PHE A 1 17  ? -9.046  3.804   3.356   1.00 53.23  ? 243 PHE A O   1 
ATOM   116  C CB  . PHE A 1 17  ? -7.196  6.273   4.618   1.00 51.26  ? 243 PHE A CB  1 
ATOM   117  C CG  . PHE A 1 17  ? -6.269  5.100   4.752   1.00 52.49  ? 243 PHE A CG  1 
ATOM   118  C CD1 . PHE A 1 17  ? -5.752  4.471   3.627   1.00 50.18  ? 243 PHE A CD1 1 
ATOM   119  C CD2 . PHE A 1 17  ? -5.888  4.641   6.010   1.00 52.39  ? 243 PHE A CD2 1 
ATOM   120  C CE1 . PHE A 1 17  ? -4.875  3.388   3.750   1.00 51.78  ? 243 PHE A CE1 1 
ATOM   121  C CE2 . PHE A 1 17  ? -5.014  3.561   6.149   1.00 48.68  ? 243 PHE A CE2 1 
ATOM   122  C CZ  . PHE A 1 17  ? -4.508  2.932   5.015   1.00 54.42  ? 243 PHE A CZ  1 
ATOM   123  N N   . THR A 1 18  ? -8.924  5.667   2.086   1.00 51.36  ? 244 THR A N   1 
ATOM   124  C CA  . THR A 1 18  ? -9.174  4.975   0.842   1.00 53.82  ? 244 THR A CA  1 
ATOM   125  C C   . THR A 1 18  ? -7.909  4.975   -0.013  1.00 54.00  ? 244 THR A C   1 
ATOM   126  O O   . THR A 1 18  ? -7.217  5.995   -0.087  1.00 53.18  ? 244 THR A O   1 
ATOM   127  C CB  . THR A 1 18  ? -10.325 5.669   0.100   1.00 57.74  ? 244 THR A CB  1 
ATOM   128  O OG1 . THR A 1 18  ? -11.536 5.462   0.839   1.00 64.70  ? 244 THR A OG1 1 
ATOM   129  C CG2 . THR A 1 18  ? -10.496 5.109   -1.310  1.00 57.03  ? 244 THR A CG2 1 
ATOM   130  N N   . VAL A 1 19  ? -7.581  3.838   -0.627  1.00 51.24  ? 245 VAL A N   1 
ATOM   131  C CA  . VAL A 1 19  ? -6.540  3.835   -1.652  1.00 54.45  ? 245 VAL A CA  1 
ATOM   132  C C   . VAL A 1 19  ? -7.143  3.497   -3.005  1.00 59.05  ? 245 VAL A C   1 
ATOM   133  O O   . VAL A 1 19  ? -8.057  2.673   -3.101  1.00 53.99  ? 245 VAL A O   1 
ATOM   134  C CB  . VAL A 1 19  ? -5.311  2.898   -1.355  1.00 53.91  ? 245 VAL A CB  1 
ATOM   135  C CG1 . VAL A 1 19  ? -5.100  2.690   0.140   1.00 54.47  ? 245 VAL A CG1 1 
ATOM   136  C CG2 . VAL A 1 19  ? -5.433  1.577   -2.078  1.00 56.09  ? 245 VAL A CG2 1 
ATOM   137  N N   . PHE A 1 20  ? -6.657  4.160   -4.049  1.00 61.24  ? 246 PHE A N   1 
ATOM   138  C CA  . PHE A 1 20  ? -7.059  3.761   -5.388  1.00 64.71  ? 246 PHE A CA  1 
ATOM   139  C C   . PHE A 1 20  ? -6.028  2.810   -5.973  1.00 62.59  ? 246 PHE A C   1 
ATOM   140  O O   . PHE A 1 20  ? -4.830  3.111   -6.013  1.00 60.21  ? 246 PHE A O   1 
ATOM   141  C CB  . PHE A 1 20  ? -7.272  4.954   -6.319  1.00 64.95  ? 246 PHE A CB  1 
ATOM   142  C CG  . PHE A 1 20  ? -7.626  4.547   -7.719  1.00 69.86  ? 246 PHE A CG  1 
ATOM   143  C CD1 . PHE A 1 20  ? -8.934  4.219   -8.049  1.00 70.76  ? 246 PHE A CD1 1 
ATOM   144  C CD2 . PHE A 1 20  ? -6.641  4.451   -8.704  1.00 67.65  ? 246 PHE A CD2 1 
ATOM   145  C CE1 . PHE A 1 20  ? -9.264  3.824   -9.346  1.00 76.77  ? 246 PHE A CE1 1 
ATOM   146  C CE2 . PHE A 1 20  ? -6.963  4.052   -9.993  1.00 68.46  ? 246 PHE A CE2 1 
ATOM   147  C CZ  . PHE A 1 20  ? -8.277  3.738   -10.316 1.00 69.62  ? 246 PHE A CZ  1 
ATOM   148  N N   . THR A 1 21  ? -6.495  1.648   -6.411  1.00 62.91  ? 247 THR A N   1 
ATOM   149  C CA  . THR A 1 21  ? -5.586  0.678   -6.990  1.00 66.50  ? 247 THR A CA  1 
ATOM   150  C C   . THR A 1 21  ? -6.107  0.086   -8.290  1.00 69.24  ? 247 THR A C   1 
ATOM   151  O O   . THR A 1 21  ? -7.295  -0.227  -8.445  1.00 65.29  ? 247 THR A O   1 
ATOM   152  C CB  . THR A 1 21  ? -5.184  -0.452  -5.996  1.00 70.33  ? 247 THR A CB  1 
ATOM   153  O OG1 . THR A 1 21  ? -4.128  -1.251  -6.564  1.00 66.09  ? 247 THR A OG1 1 
ATOM   154  C CG2 . THR A 1 21  ? -6.396  -1.334  -5.630  1.00 67.68  ? 247 THR A CG2 1 
ATOM   155  N N   . THR A 1 22  ? -5.172  -0.037  -9.220  1.00 66.98  ? 248 THR A N   1 
ATOM   156  C CA  . THR A 1 22  ? -5.377  -0.673  -10.498 1.00 66.65  ? 248 THR A CA  1 
ATOM   157  C C   . THR A 1 22  ? -5.488  -2.184  -10.323 1.00 68.60  ? 248 THR A C   1 
ATOM   158  O O   . THR A 1 22  ? -6.085  -2.872  -11.163 1.00 67.50  ? 248 THR A O   1 
ATOM   159  C CB  . THR A 1 22  ? -4.191  -0.312  -11.408 1.00 66.05  ? 248 THR A CB  1 
ATOM   160  O OG1 . THR A 1 22  ? -4.527  0.867   -12.144 1.00 65.63  ? 248 THR A OG1 1 
ATOM   161  C CG2 . THR A 1 22  ? -3.843  -1.438  -12.367 1.00 71.74  ? 248 THR A CG2 1 
ATOM   162  N N   . ARG A 1 23  ? -4.938  -2.681  -9.209  1.00 66.54  ? 249 ARG A N   1 
ATOM   163  C CA  . ARG A 1 23  ? -4.773  -4.116  -8.982  1.00 59.82  ? 249 ARG A CA  1 
ATOM   164  C C   . ARG A 1 23  ? -5.301  -4.569  -7.637  1.00 62.49  ? 249 ARG A C   1 
ATOM   165  O O   . ARG A 1 23  ? -4.540  -5.044  -6.787  1.00 61.67  ? 249 ARG A O   1 
ATOM   166  C CB  . ARG A 1 23  ? -3.301  -4.507  -9.108  1.00 57.64  ? 249 ARG A CB  1 
ATOM   167  C CG  . ARG A 1 23  ? -2.703  -4.156  -10.463 1.00 66.12  ? 249 ARG A CG  1 
ATOM   168  C CD  . ARG A 1 23  ? -3.456  -4.859  -11.577 1.00 64.80  ? 249 ARG A CD  1 
ATOM   169  N NE  . ARG A 1 23  ? -3.450  -6.309  -11.382 1.00 68.77  ? 249 ARG A NE  1 
ATOM   170  C CZ  . ARG A 1 23  ? -2.617  -7.142  -11.999 1.00 71.05  ? 249 ARG A CZ  1 
ATOM   171  N NH1 . ARG A 1 23  ? -1.724  -6.663  -12.861 1.00 75.20  ? 249 ARG A NH1 1 
ATOM   172  N NH2 . ARG A 1 23  ? -2.679  -8.449  -11.763 1.00 65.05  ? 249 ARG A NH2 1 
ATOM   173  N N   . PRO A 1 24  ? -6.618  -4.446  -7.439  1.00 62.08  ? 250 PRO A N   1 
ATOM   174  C CA  . PRO A 1 24  ? -7.236  -4.927  -6.201  1.00 58.13  ? 250 PRO A CA  1 
ATOM   175  C C   . PRO A 1 24  ? -6.983  -6.423  -5.998  1.00 60.10  ? 250 PRO A C   1 
ATOM   176  O O   . PRO A 1 24  ? -7.044  -6.921  -4.872  1.00 57.22  ? 250 PRO A O   1 
ATOM   177  C CB  . PRO A 1 24  ? -8.726  -4.647  -6.425  1.00 60.89  ? 250 PRO A CB  1 
ATOM   178  C CG  . PRO A 1 24  ? -8.878  -4.505  -7.929  1.00 62.03  ? 250 PRO A CG  1 
ATOM   179  C CD  . PRO A 1 24  ? -7.604  -3.890  -8.382  1.00 62.42  ? 250 PRO A CD  1 
ATOM   180  N N   . ASP A 1 25  ? -6.676  -7.128  -7.080  1.00 56.53  ? 251 ASP A N   1 
ATOM   181  C CA  . ASP A 1 25  ? -6.415  -8.556  -7.004  1.00 56.10  ? 251 ASP A CA  1 
ATOM   182  C C   . ASP A 1 25  ? -5.104  -8.900  -6.303  1.00 56.40  ? 251 ASP A C   1 
ATOM   183  O O   . ASP A 1 25  ? -4.823  -10.064 -6.034  1.00 55.54  ? 251 ASP A O   1 
ATOM   184  C CB  . ASP A 1 25  ? -6.427  -9.162  -8.402  1.00 57.60  ? 251 ASP A CB  1 
ATOM   185  C CG  . ASP A 1 25  ? -5.463  -8.478  -9.340  1.00 60.95  ? 251 ASP A CG  1 
ATOM   186  O OD1 . ASP A 1 25  ? -5.679  -7.285  -9.631  1.00 65.24  ? 251 ASP A OD1 1 
ATOM   187  O OD2 . ASP A 1 25  ? -4.492  -9.126  -9.796  1.00 66.49  ? 251 ASP A OD2 1 
ATOM   188  N N   . THR A 1 26  ? -4.290  -7.900  -6.005  1.00 56.23  ? 252 THR A N   1 
ATOM   189  C CA  . THR A 1 26  ? -3.017  -8.174  -5.346  1.00 54.60  ? 252 THR A CA  1 
ATOM   190  C C   . THR A 1 26  ? -3.124  -7.914  -3.854  1.00 54.97  ? 252 THR A C   1 
ATOM   191  O O   . THR A 1 26  ? -2.144  -8.021  -3.110  1.00 55.91  ? 252 THR A O   1 
ATOM   192  C CB  . THR A 1 26  ? -1.888  -7.335  -5.948  1.00 54.99  ? 252 THR A CB  1 
ATOM   193  O OG1 . THR A 1 26  ? -2.317  -5.971  -6.056  1.00 54.52  ? 252 THR A OG1 1 
ATOM   194  C CG2 . THR A 1 26  ? -1.548  -7.854  -7.332  1.00 57.52  ? 252 THR A CG2 1 
ATOM   195  N N   . LEU A 1 27  ? -4.340  -7.584  -3.429  1.00 57.69  ? 253 LEU A N   1 
ATOM   196  C CA  . LEU A 1 27  ? -4.677  -7.335  -2.030  1.00 50.85  ? 253 LEU A CA  1 
ATOM   197  C C   . LEU A 1 27  ? -4.028  -8.276  -1.005  1.00 49.75  ? 253 LEU A C   1 
ATOM   198  O O   . LEU A 1 27  ? -3.607  -7.819  0.043   1.00 56.05  ? 253 LEU A O   1 
ATOM   199  C CB  . LEU A 1 27  ? -6.193  -7.363  -1.868  1.00 57.49  ? 253 LEU A CB  1 
ATOM   200  C CG  . LEU A 1 27  ? -6.888  -6.353  -0.955  1.00 65.39  ? 253 LEU A CG  1 
ATOM   201  C CD1 . LEU A 1 27  ? -5.908  -5.327  -0.390  1.00 58.30  ? 253 LEU A CD1 1 
ATOM   202  C CD2 . LEU A 1 27  ? -8.031  -5.674  -1.717  1.00 60.05  ? 253 LEU A CD2 1 
ATOM   203  N N   . PHE A 1 28  ? -3.951  -9.579  -1.274  1.00 48.60  ? 254 PHE A N   1 
ATOM   204  C CA  . PHE A 1 28  ? -3.379  -10.489 -0.266  1.00 49.67  ? 254 PHE A CA  1 
ATOM   205  C C   . PHE A 1 28  ? -1.871  -10.348 -0.156  1.00 54.51  ? 254 PHE A C   1 
ATOM   206  O O   . PHE A 1 28  ? -1.256  -10.884 0.765   1.00 45.04  ? 254 PHE A O   1 
ATOM   207  C CB  . PHE A 1 28  ? -3.711  -11.951 -0.551  1.00 53.60  ? 254 PHE A CB  1 
ATOM   208  C CG  . PHE A 1 28  ? -5.171  -12.278 -0.444  1.00 55.52  ? 254 PHE A CG  1 
ATOM   209  C CD1 . PHE A 1 28  ? -5.679  -12.883 0.702   1.00 59.26  ? 254 PHE A CD1 1 
ATOM   210  C CD2 . PHE A 1 28  ? -6.036  -11.995 -1.498  1.00 52.99  ? 254 PHE A CD2 1 
ATOM   211  C CE1 . PHE A 1 28  ? -7.032  -13.195 0.794   1.00 65.95  ? 254 PHE A CE1 1 
ATOM   212  C CE2 . PHE A 1 28  ? -7.377  -12.294 -1.419  1.00 57.46  ? 254 PHE A CE2 1 
ATOM   213  C CZ  . PHE A 1 28  ? -7.887  -12.897 -0.274  1.00 64.60  ? 254 PHE A CZ  1 
ATOM   214  N N   . GLY A 1 29  ? -1.281  -9.643  -1.122  1.00 53.72  ? 255 GLY A N   1 
ATOM   215  C CA  . GLY A 1 29  ? 0.142   -9.363  -1.109  1.00 51.09  ? 255 GLY A CA  1 
ATOM   216  C C   . GLY A 1 29  ? 0.492   -8.028  -0.474  1.00 53.04  ? 255 GLY A C   1 
ATOM   217  O O   . GLY A 1 29  ? 1.676   -7.708  -0.326  1.00 50.51  ? 255 GLY A O   1 
ATOM   218  N N   . ALA A 1 30  ? -0.531  -7.253  -0.099  1.00 55.62  ? 256 ALA A N   1 
ATOM   219  C CA  . ALA A 1 30  ? -0.342  -5.976  0.600   1.00 50.11  ? 256 ALA A CA  1 
ATOM   220  C C   . ALA A 1 30  ? 0.226   -6.218  1.989   1.00 50.98  ? 256 ALA A C   1 
ATOM   221  O O   . ALA A 1 30  ? -0.460  -6.751  2.856   1.00 61.37  ? 256 ALA A O   1 
ATOM   222  C CB  . ALA A 1 30  ? -1.656  -5.219  0.693   1.00 45.86  ? 256 ALA A CB  1 
ATOM   223  N N   . THR A 1 31  ? 1.478   -5.830  2.212   1.00 48.56  ? 257 THR A N   1 
ATOM   224  C CA  . THR A 1 31  ? 2.120   -6.108  3.497   1.00 50.56  ? 257 THR A CA  1 
ATOM   225  C C   . THR A 1 31  ? 2.287   -4.869  4.388   1.00 45.42  ? 257 THR A C   1 
ATOM   226  O O   . THR A 1 31  ? 2.569   -4.982  5.579   1.00 52.09  ? 257 THR A O   1 
ATOM   227  C CB  . THR A 1 31  ? 3.467   -6.797  3.290   1.00 50.66  ? 257 THR A CB  1 
ATOM   228  O OG1 . THR A 1 31  ? 4.299   -5.959  2.475   1.00 51.92  ? 257 THR A OG1 1 
ATOM   229  C CG2 . THR A 1 31  ? 3.251   -8.130  2.588   1.00 50.16  ? 257 THR A CG2 1 
ATOM   230  N N   . PHE A 1 32  ? 2.107   -3.693  3.802   1.00 40.96  ? 258 PHE A N   1 
ATOM   231  C CA  . PHE A 1 32  ? 2.054   -2.452  4.550   1.00 38.62  ? 258 PHE A CA  1 
ATOM   232  C C   . PHE A 1 32  ? 1.297   -1.414  3.717   1.00 43.54  ? 258 PHE A C   1 
ATOM   233  O O   . PHE A 1 32  ? 0.992   -1.640  2.543   1.00 43.40  ? 258 PHE A O   1 
ATOM   234  C CB  . PHE A 1 32  ? 3.466   -1.981  4.939   1.00 40.53  ? 258 PHE A CB  1 
ATOM   235  C CG  . PHE A 1 32  ? 4.405   -1.773  3.759   1.00 43.54  ? 258 PHE A CG  1 
ATOM   236  C CD1 . PHE A 1 32  ? 4.969   -2.866  3.086   1.00 46.67  ? 258 PHE A CD1 1 
ATOM   237  C CD2 . PHE A 1 32  ? 4.735   -0.493  3.335   1.00 41.09  ? 258 PHE A CD2 1 
ATOM   238  C CE1 . PHE A 1 32  ? 5.824   -2.683  1.993   1.00 44.08  ? 258 PHE A CE1 1 
ATOM   239  C CE2 . PHE A 1 32  ? 5.591   -0.298  2.235   1.00 46.68  ? 258 PHE A CE2 1 
ATOM   240  C CZ  . PHE A 1 32  ? 6.134   -1.396  1.566   1.00 40.94  ? 258 PHE A CZ  1 
ATOM   241  N N   . THR A 1 33  ? 0.980   -0.281  4.323   1.00 39.26  ? 259 THR A N   1 
ATOM   242  C CA  . THR A 1 33  ? 0.388   0.801   3.578   1.00 44.02  ? 259 THR A CA  1 
ATOM   243  C C   . THR A 1 33  ? 1.259   2.038   3.740   1.00 43.77  ? 259 THR A C   1 
ATOM   244  O O   . THR A 1 33  ? 1.916   2.199   4.755   1.00 41.83  ? 259 THR A O   1 
ATOM   245  C CB  . THR A 1 33  ? -1.036  1.095   4.055   1.00 45.14  ? 259 THR A CB  1 
ATOM   246  O OG1 . THR A 1 33  ? -0.993  1.437   5.431   1.00 50.76  ? 259 THR A OG1 1 
ATOM   247  C CG2 . THR A 1 33  ? -1.938  -0.130  3.891   1.00 46.61  ? 259 THR A CG2 1 
ATOM   248  N N   . VAL A 1 34  ? 1.274   2.899   2.723   1.00 44.41  ? 260 VAL A N   1 
ATOM   249  C CA  . VAL A 1 34  ? 2.126   4.079   2.732   1.00 43.07  ? 260 VAL A CA  1 
ATOM   250  C C   . VAL A 1 34  ? 1.268   5.309   2.471   1.00 43.95  ? 260 VAL A C   1 
ATOM   251  O O   . VAL A 1 34  ? 0.534   5.366   1.498   1.00 45.92  ? 260 VAL A O   1 
ATOM   252  C CB  . VAL A 1 34  ? 3.231   4.020   1.644   1.00 44.11  ? 260 VAL A CB  1 
ATOM   253  C CG1 . VAL A 1 34  ? 4.212   5.140   1.850   1.00 44.61  ? 260 VAL A CG1 1 
ATOM   254  C CG2 . VAL A 1 34  ? 3.966   2.694   1.670   1.00 40.34  ? 260 VAL A CG2 1 
ATOM   255  N N   . LEU A 1 35  ? 1.338   6.285   3.363   1.00 48.00  ? 261 LEU A N   1 
ATOM   256  C CA  . LEU A 1 35  ? 0.635   7.530   3.144   1.00 46.79  ? 261 LEU A CA  1 
ATOM   257  C C   . LEU A 1 35  ? 1.663   8.586   2.779   1.00 47.44  ? 261 LEU A C   1 
ATOM   258  O O   . LEU A 1 35  ? 2.799   8.547   3.258   1.00 46.14  ? 261 LEU A O   1 
ATOM   259  C CB  . LEU A 1 35  ? -0.120  7.951   4.401   1.00 45.28  ? 261 LEU A CB  1 
ATOM   260  C CG  . LEU A 1 35  ? -1.137  6.988   5.025   1.00 51.32  ? 261 LEU A CG  1 
ATOM   261  C CD1 . LEU A 1 35  ? -1.905  7.694   6.151   1.00 50.88  ? 261 LEU A CD1 1 
ATOM   262  C CD2 . LEU A 1 35  ? -2.101  6.413   4.000   1.00 45.12  ? 261 LEU A CD2 1 
ATOM   263  N N   . ALA A 1 36  ? 1.277   9.526   1.922   1.00 46.34  ? 262 ALA A N   1 
ATOM   264  C CA  . ALA A 1 36  ? 2.147   10.659  1.652   1.00 48.92  ? 262 ALA A CA  1 
ATOM   265  C C   . ALA A 1 36  ? 2.296   11.390  2.971   1.00 45.73  ? 262 ALA A C   1 
ATOM   266  O O   . ALA A 1 36  ? 1.362   11.443  3.759   1.00 44.76  ? 262 ALA A O   1 
ATOM   267  C CB  . ALA A 1 36  ? 1.548   11.566  0.598   1.00 44.06  ? 262 ALA A CB  1 
ATOM   268  N N   . PRO A 1 37  ? 3.482   11.935  3.232   1.00 49.64  ? 263 PRO A N   1 
ATOM   269  C CA  . PRO A 1 37  ? 3.676   12.668  4.488   1.00 45.49  ? 263 PRO A CA  1 
ATOM   270  C C   . PRO A 1 37  ? 2.564   13.683  4.719   1.00 51.78  ? 263 PRO A C   1 
ATOM   271  O O   . PRO A 1 37  ? 2.227   13.967  5.873   1.00 55.75  ? 263 PRO A O   1 
ATOM   272  C CB  . PRO A 1 37  ? 5.007   13.383  4.261   1.00 47.42  ? 263 PRO A CB  1 
ATOM   273  C CG  . PRO A 1 37  ? 5.759   12.472  3.320   1.00 47.15  ? 263 PRO A CG  1 
ATOM   274  C CD  . PRO A 1 37  ? 4.724   11.803  2.445   1.00 41.59  ? 263 PRO A CD  1 
ATOM   275  N N   . GLU A 1 38  ? 1.995   14.198  3.627   1.00 54.77  ? 264 GLU A N   1 
ATOM   276  C CA  . GLU A 1 38  ? 1.006   15.285  3.652   1.00 49.82  ? 264 GLU A CA  1 
ATOM   277  C C   . GLU A 1 38  ? -0.445  14.828  3.792   1.00 51.65  ? 264 GLU A C   1 
ATOM   278  O O   . GLU A 1 38  ? -1.344  15.652  3.905   1.00 57.53  ? 264 GLU A O   1 
ATOM   279  C CB  . GLU A 1 38  ? 1.113   16.129  2.377   1.00 51.84  ? 264 GLU A CB  1 
ATOM   280  C CG  . GLU A 1 38  ? 2.433   16.866  2.184   1.00 54.47  ? 264 GLU A CG  1 
ATOM   281  C CD  . GLU A 1 38  ? 3.548   15.992  1.600   1.00 59.33  ? 264 GLU A CD  1 
ATOM   282  O OE1 . GLU A 1 38  ? 3.247   14.882  1.100   1.00 53.47  ? 264 GLU A OE1 1 
ATOM   283  O OE2 . GLU A 1 38  ? 4.726   16.427  1.647   1.00 60.57  ? 264 GLU A OE2 1 
ATOM   284  N N   . HIS A 1 39  ? -0.686  13.525  3.758   1.00 51.69  ? 265 HIS A N   1 
ATOM   285  C CA  . HIS A 1 39  ? -2.042  13.005  3.864   1.00 53.40  ? 265 HIS A CA  1 
ATOM   286  C C   . HIS A 1 39  ? -2.739  13.527  5.138   1.00 57.34  ? 265 HIS A C   1 
ATOM   287  O O   . HIS A 1 39  ? -2.111  13.682  6.194   1.00 54.76  ? 265 HIS A O   1 
ATOM   288  C CB  . HIS A 1 39  ? -2.001  11.474  3.832   1.00 50.01  ? 265 HIS A CB  1 
ATOM   289  C CG  . HIS A 1 39  ? -3.349  10.822  3.732   1.00 48.65  ? 265 HIS A CG  1 
ATOM   290  N ND1 . HIS A 1 39  ? -4.213  10.728  4.800   1.00 56.00  ? 265 HIS A ND1 1 
ATOM   291  C CD2 . HIS A 1 39  ? -3.961  10.198  2.699   1.00 51.27  ? 265 HIS A CD2 1 
ATOM   292  C CE1 . HIS A 1 39  ? -5.304  10.078  4.429   1.00 52.57  ? 265 HIS A CE1 1 
ATOM   293  N NE2 . HIS A 1 39  ? -5.177  9.749   3.158   1.00 52.57  ? 265 HIS A NE2 1 
ATOM   294  N N   . GLU A 1 40  ? -4.036  13.797  5.028   1.00 58.64  ? 266 GLU A N   1 
ATOM   295  C CA  . GLU A 1 40  ? -4.794  14.414  6.117   1.00 64.57  ? 266 GLU A CA  1 
ATOM   296  C C   . GLU A 1 40  ? -4.790  13.596  7.405   1.00 61.31  ? 266 GLU A C   1 
ATOM   297  O O   . GLU A 1 40  ? -4.765  14.146  8.510   1.00 61.69  ? 266 GLU A O   1 
ATOM   298  C CB  . GLU A 1 40  ? -6.237  14.668  5.680   1.00 66.90  ? 266 GLU A CB  1 
ATOM   299  C CG  . GLU A 1 40  ? -6.347  15.736  4.600   1.00 92.43  ? 266 GLU A CG  1 
ATOM   300  C CD  . GLU A 1 40  ? -7.790  16.061  4.223   1.00 110.93 ? 266 GLU A CD  1 
ATOM   301  O OE1 . GLU A 1 40  ? -8.719  15.467  4.832   1.00 105.01 ? 266 GLU A OE1 1 
ATOM   302  O OE2 . GLU A 1 40  ? -7.987  16.913  3.317   1.00 102.23 ? 266 GLU A OE2 1 
ATOM   303  N N   . LEU A 1 41  ? -4.805  12.282  7.248   1.00 57.69  ? 267 LEU A N   1 
ATOM   304  C CA  . LEU A 1 41  ? -4.988  11.373  8.361   1.00 53.80  ? 267 LEU A CA  1 
ATOM   305  C C   . LEU A 1 41  ? -3.764  11.302  9.273   1.00 56.04  ? 267 LEU A C   1 
ATOM   306  O O   . LEU A 1 41  ? -3.872  10.970  10.456  1.00 59.61  ? 267 LEU A O   1 
ATOM   307  C CB  . LEU A 1 41  ? -5.277  9.982   7.816   1.00 54.17  ? 267 LEU A CB  1 
ATOM   308  C CG  . LEU A 1 41  ? -6.075  9.093   8.755   1.00 57.73  ? 267 LEU A CG  1 
ATOM   309  C CD1 . LEU A 1 41  ? -7.369  9.801   9.097   1.00 55.75  ? 267 LEU A CD1 1 
ATOM   310  C CD2 . LEU A 1 41  ? -6.335  7.759   8.097   1.00 55.38  ? 267 LEU A CD2 1 
ATOM   311  N N   . VAL A 1 42  ? -2.603  11.616  8.717   1.00 53.85  ? 268 VAL A N   1 
ATOM   312  C CA  . VAL A 1 42  ? -1.347  11.348  9.393   1.00 50.44  ? 268 VAL A CA  1 
ATOM   313  C C   . VAL A 1 42  ? -1.304  11.823  10.844  1.00 54.19  ? 268 VAL A C   1 
ATOM   314  O O   . VAL A 1 42  ? -1.044  11.025  11.741  1.00 54.15  ? 268 VAL A O   1 
ATOM   315  C CB  . VAL A 1 42  ? -0.138  11.882  8.586   1.00 53.02  ? 268 VAL A CB  1 
ATOM   316  C CG1 . VAL A 1 42  ? 1.126   11.903  9.436   1.00 50.09  ? 268 VAL A CG1 1 
ATOM   317  C CG2 . VAL A 1 42  ? 0.070   11.034  7.338   1.00 52.20  ? 268 VAL A CG2 1 
ATOM   318  N N   . ASP A 1 43  ? -1.552  13.104  11.091  1.00 60.25  ? 269 ASP A N   1 
ATOM   319  C CA  . ASP A 1 43  ? -1.423  13.614  12.466  1.00 60.60  ? 269 ASP A CA  1 
ATOM   320  C C   . ASP A 1 43  ? -2.381  12.901  13.438  1.00 58.62  ? 269 ASP A C   1 
ATOM   321  O O   . ASP A 1 43  ? -2.042  12.656  14.596  1.00 53.11  ? 269 ASP A O   1 
ATOM   322  C CB  . ASP A 1 43  ? -1.600  15.140  12.522  1.00 58.89  ? 269 ASP A CB  1 
ATOM   323  C CG  . ASP A 1 43  ? -0.441  15.900  11.841  1.00 78.31  ? 269 ASP A CG  1 
ATOM   324  O OD1 . ASP A 1 43  ? 0.589   15.258  11.522  1.00 73.04  ? 269 ASP A OD1 1 
ATOM   325  O OD2 . ASP A 1 43  ? -0.553  17.139  11.632  1.00 81.25  ? 269 ASP A OD2 1 
ATOM   326  N N   . ALA A 1 44  ? -3.563  12.550  12.946  1.00 57.79  ? 270 ALA A N   1 
ATOM   327  C CA  . ALA A 1 44  ? -4.584  11.919  13.767  1.00 53.29  ? 270 ALA A CA  1 
ATOM   328  C C   . ALA A 1 44  ? -4.189  10.529  14.236  1.00 58.06  ? 270 ALA A C   1 
ATOM   329  O O   . ALA A 1 44  ? -4.512  10.147  15.354  1.00 62.37  ? 270 ALA A O   1 
ATOM   330  C CB  . ALA A 1 44  ? -5.913  11.856  13.014  1.00 54.42  ? 270 ALA A CB  1 
ATOM   331  N N   . ILE A 1 45  ? -3.498  9.760   13.397  1.00 56.05  ? 271 ILE A N   1 
ATOM   332  C CA  . ILE A 1 45  ? -3.245  8.354   13.726  1.00 50.58  ? 271 ILE A CA  1 
ATOM   333  C C   . ILE A 1 45  ? -1.840  8.092   14.235  1.00 48.57  ? 271 ILE A C   1 
ATOM   334  O O   . ILE A 1 45  ? -1.501  6.973   14.579  1.00 51.16  ? 271 ILE A O   1 
ATOM   335  C CB  . ILE A 1 45  ? -3.491  7.462   12.521  1.00 53.14  ? 271 ILE A CB  1 
ATOM   336  C CG1 . ILE A 1 45  ? -2.451  7.763   11.441  1.00 48.62  ? 271 ILE A CG1 1 
ATOM   337  C CG2 . ILE A 1 45  ? -4.914  7.665   12.008  1.00 53.19  ? 271 ILE A CG2 1 
ATOM   338  C CD1 . ILE A 1 45  ? -2.611  6.933   10.201  1.00 49.54  ? 271 ILE A CD1 1 
ATOM   339  N N   . THR A 1 46  ? -1.022  9.126   14.283  1.00 44.99  ? 272 THR A N   1 
ATOM   340  C CA  . THR A 1 46  ? 0.348   8.967   14.736  1.00 46.24  ? 272 THR A CA  1 
ATOM   341  C C   . THR A 1 46  ? 0.411   8.710   16.253  1.00 53.39  ? 272 THR A C   1 
ATOM   342  O O   . THR A 1 46  ? -0.226  9.421   17.052  1.00 49.10  ? 272 THR A O   1 
ATOM   343  C CB  . THR A 1 46  ? 1.180   10.205  14.331  1.00 43.11  ? 272 THR A CB  1 
ATOM   344  O OG1 . THR A 1 46  ? 1.180   10.308  12.905  1.00 52.66  ? 272 THR A OG1 1 
ATOM   345  C CG2 . THR A 1 46  ? 2.613   10.093  14.792  1.00 44.28  ? 272 THR A CG2 1 
ATOM   346  N N   . SER A 1 47  ? 1.162   7.683   16.652  1.00 50.09  ? 273 SER A N   1 
ATOM   347  C CA  . SER A 1 47  ? 1.277   7.341   18.071  1.00 46.20  ? 273 SER A CA  1 
ATOM   348  C C   . SER A 1 47  ? 2.164   8.372   18.738  1.00 51.94  ? 273 SER A C   1 
ATOM   349  O O   . SER A 1 47  ? 3.004   8.999   18.074  1.00 51.92  ? 273 SER A O   1 
ATOM   350  C CB  . SER A 1 47  ? 1.885   5.954   18.259  1.00 44.71  ? 273 SER A CB  1 
ATOM   351  O OG  . SER A 1 47  ? 3.293   6.000   18.100  1.00 47.92  ? 273 SER A OG  1 
ATOM   352  N N   . SER A 1 48  ? 2.001   8.544   20.046  1.00 50.34  ? 274 SER A N   1 
ATOM   353  C CA  . SER A 1 48  ? 2.763   9.569   20.741  1.00 49.58  ? 274 SER A CA  1 
ATOM   354  C C   . SER A 1 48  ? 4.272   9.291   20.688  1.00 47.83  ? 274 SER A C   1 
ATOM   355  O O   . SER A 1 48  ? 5.074   10.221  20.721  1.00 46.58  ? 274 SER A O   1 
ATOM   356  C CB  . SER A 1 48  ? 2.275   9.731   22.180  1.00 49.40  ? 274 SER A CB  1 
ATOM   357  O OG  . SER A 1 48  ? 2.867   8.758   23.018  1.00 58.13  ? 274 SER A OG  1 
ATOM   358  N N   . GLU A 1 49  ? 4.659   8.020   20.591  1.00 46.79  ? 275 GLU A N   1 
ATOM   359  C CA  . GLU A 1 49  ? 6.080   7.666   20.467  1.00 44.75  ? 275 GLU A CA  1 
ATOM   360  C C   . GLU A 1 49  ? 6.655   8.045   19.105  1.00 48.08  ? 275 GLU A C   1 
ATOM   361  O O   . GLU A 1 49  ? 7.843   8.353   18.994  1.00 49.38  ? 275 GLU A O   1 
ATOM   362  C CB  . GLU A 1 49  ? 6.303   6.165   20.687  1.00 48.31  ? 275 GLU A CB  1 
ATOM   363  C CG  . GLU A 1 49  ? 5.996   5.621   22.106  1.00 49.97  ? 275 GLU A CG  1 
ATOM   364  C CD  . GLU A 1 49  ? 4.488   5.461   22.410  1.00 56.98  ? 275 GLU A CD  1 
ATOM   365  O OE1 . GLU A 1 49  ? 3.677   5.328   21.451  1.00 55.41  ? 275 GLU A OE1 1 
ATOM   366  O OE2 . GLU A 1 49  ? 4.122   5.476   23.618  1.00 56.58  ? 275 GLU A OE2 1 
ATOM   367  N N   . GLN A 1 50  ? 5.826   8.001   18.064  1.00 42.98  ? 276 GLN A N   1 
ATOM   368  C CA  . GLN A 1 50  ? 6.325   8.216   16.712  1.00 50.18  ? 276 GLN A CA  1 
ATOM   369  C C   . GLN A 1 50  ? 6.207   9.682   16.291  1.00 47.91  ? 276 GLN A C   1 
ATOM   370  O O   . GLN A 1 50  ? 6.797   10.096  15.300  1.00 47.34  ? 276 GLN A O   1 
ATOM   371  C CB  . GLN A 1 50  ? 5.611   7.298   15.713  1.00 47.33  ? 276 GLN A CB  1 
ATOM   372  C CG  . GLN A 1 50  ? 5.880   5.818   15.933  1.00 39.99  ? 276 GLN A CG  1 
ATOM   373  C CD  . GLN A 1 50  ? 7.358   5.482   15.822  1.00 44.89  ? 276 GLN A CD  1 
ATOM   374  O OE1 . GLN A 1 50  ? 7.986   5.067   16.795  1.00 43.21  ? 276 GLN A OE1 1 
ATOM   375  N NE2 . GLN A 1 50  ? 7.922   5.657   14.631  1.00 44.09  ? 276 GLN A NE2 1 
ATOM   376  N N   . ALA A 1 51  ? 5.476   10.456  17.087  1.00 48.20  ? 277 ALA A N   1 
ATOM   377  C CA  . ALA A 1 51  ? 5.045   11.813  16.722  1.00 50.54  ? 277 ALA A CA  1 
ATOM   378  C C   . ALA A 1 51  ? 6.153   12.744  16.253  1.00 50.42  ? 277 ALA A C   1 
ATOM   379  O O   . ALA A 1 51  ? 5.983   13.485  15.279  1.00 48.55  ? 277 ALA A O   1 
ATOM   380  C CB  . ALA A 1 51  ? 4.287   12.461  17.883  1.00 44.75  ? 277 ALA A CB  1 
ATOM   381  N N   . GLU A 1 52  ? 7.270   12.717  16.964  1.00 49.41  ? 278 GLU A N   1 
ATOM   382  C CA  . GLU A 1 52  ? 8.389   13.599  16.673  1.00 52.86  ? 278 GLU A CA  1 
ATOM   383  C C   . GLU A 1 52  ? 9.155   13.175  15.412  1.00 52.27  ? 278 GLU A C   1 
ATOM   384  O O   . GLU A 1 52  ? 9.585   14.020  14.640  1.00 50.65  ? 278 GLU A O   1 
ATOM   385  C CB  . GLU A 1 52  ? 9.310   13.689  17.902  1.00 54.00  ? 278 GLU A CB  1 
ATOM   386  C CG  . GLU A 1 52  ? 10.606  14.463  17.700  1.00 67.99  ? 278 GLU A CG  1 
ATOM   387  C CD  . GLU A 1 52  ? 11.387  14.677  19.015  1.00 91.29  ? 278 GLU A CD  1 
ATOM   388  O OE1 . GLU A 1 52  ? 10.994  14.118  20.075  1.00 82.86  ? 278 GLU A OE1 1 
ATOM   389  O OE2 . GLU A 1 52  ? 12.400  15.419  18.987  1.00 94.59  ? 278 GLU A OE2 1 
ATOM   390  N N   . ALA A 1 53  ? 9.322   11.873  15.197  1.00 50.93  ? 279 ALA A N   1 
ATOM   391  C CA  . ALA A 1 53  ? 9.995   11.398  13.992  1.00 48.53  ? 279 ALA A CA  1 
ATOM   392  C C   . ALA A 1 53  ? 9.100   11.665  12.793  1.00 47.73  ? 279 ALA A C   1 
ATOM   393  O O   . ALA A 1 53  ? 9.573   11.952  11.696  1.00 45.47  ? 279 ALA A O   1 
ATOM   394  C CB  . ALA A 1 53  ? 10.316  9.920   14.096  1.00 45.41  ? 279 ALA A CB  1 
ATOM   395  N N   . VAL A 1 54  ? 7.796   11.570  13.007  1.00 44.02  ? 280 VAL A N   1 
ATOM   396  C CA  . VAL A 1 54  ? 6.848   11.832  11.941  1.00 45.43  ? 280 VAL A CA  1 
ATOM   397  C C   . VAL A 1 54  ? 6.827   13.314  11.579  1.00 49.97  ? 280 VAL A C   1 
ATOM   398  O O   . VAL A 1 54  ? 6.663   13.683  10.423  1.00 52.26  ? 280 VAL A O   1 
ATOM   399  C CB  . VAL A 1 54  ? 5.440   11.348  12.317  1.00 44.75  ? 280 VAL A CB  1 
ATOM   400  C CG1 . VAL A 1 54  ? 4.391   12.002  11.429  1.00 43.76  ? 280 VAL A CG1 1 
ATOM   401  C CG2 . VAL A 1 54  ? 5.367   9.840   12.205  1.00 43.23  ? 280 VAL A CG2 1 
ATOM   402  N N   . ALA A 1 55  ? 7.019   14.176  12.564  1.00 48.34  ? 281 ALA A N   1 
ATOM   403  C CA  . ALA A 1 55  ? 7.042   15.594  12.267  1.00 47.85  ? 281 ALA A CA  1 
ATOM   404  C C   . ALA A 1 55  ? 8.349   16.006  11.575  1.00 46.98  ? 281 ALA A C   1 
ATOM   405  O O   . ALA A 1 55  ? 8.323   16.831  10.661  1.00 51.25  ? 281 ALA A O   1 
ATOM   406  C CB  . ALA A 1 55  ? 6.795   16.422  13.531  1.00 40.85  ? 281 ALA A CB  1 
ATOM   407  N N   . ASP A 1 56  ? 9.481   15.448  12.005  1.00 43.94  ? 282 ASP A N   1 
ATOM   408  C CA  . ASP A 1 56  ? 10.751  15.736  11.343  1.00 45.61  ? 282 ASP A CA  1 
ATOM   409  C C   . ASP A 1 56  ? 10.699  15.247  9.912   1.00 52.89  ? 282 ASP A C   1 
ATOM   410  O O   . ASP A 1 56  ? 11.276  15.850  9.019   1.00 53.93  ? 282 ASP A O   1 
ATOM   411  C CB  . ASP A 1 56  ? 11.940  15.076  12.046  1.00 50.63  ? 282 ASP A CB  1 
ATOM   412  C CG  . ASP A 1 56  ? 12.080  15.525  13.498  1.00 78.25  ? 282 ASP A CG  1 
ATOM   413  O OD1 . ASP A 1 56  ? 11.448  16.553  13.865  1.00 80.22  ? 282 ASP A OD1 1 
ATOM   414  O OD2 . ASP A 1 56  ? 12.810  14.853  14.276  1.00 81.81  ? 282 ASP A OD2 1 
ATOM   415  N N   . TYR A 1 57  ? 10.009  14.141  9.694   1.00 49.42  ? 283 TYR A N   1 
ATOM   416  C CA  . TYR A 1 57  ? 10.000  13.560  8.379   1.00 46.31  ? 283 TYR A CA  1 
ATOM   417  C C   . TYR A 1 57  ? 9.099   14.369  7.443   1.00 50.29  ? 283 TYR A C   1 
ATOM   418  O O   . TYR A 1 57  ? 9.436   14.568  6.274   1.00 48.74  ? 283 TYR A O   1 
ATOM   419  C CB  . TYR A 1 57  ? 9.607   12.087  8.418   1.00 44.68  ? 283 TYR A CB  1 
ATOM   420  C CG  . TYR A 1 57  ? 9.773   11.471  7.072   1.00 42.77  ? 283 TYR A CG  1 
ATOM   421  C CD1 . TYR A 1 57  ? 11.034  11.089  6.612   1.00 45.83  ? 283 TYR A CD1 1 
ATOM   422  C CD2 . TYR A 1 57  ? 8.686   11.327  6.216   1.00 46.21  ? 283 TYR A CD2 1 
ATOM   423  C CE1 . TYR A 1 57  ? 11.196  10.561  5.330   1.00 43.93  ? 283 TYR A CE1 1 
ATOM   424  C CE2 . TYR A 1 57  ? 8.839   10.792  4.940   1.00 43.79  ? 283 TYR A CE2 1 
ATOM   425  C CZ  . TYR A 1 57  ? 10.093  10.417  4.500   1.00 43.35  ? 283 TYR A CZ  1 
ATOM   426  O OH  . TYR A 1 57  ? 10.228  9.895   3.224   1.00 44.72  ? 283 TYR A OH  1 
ATOM   427  N N   . LYS A 1 58  ? 7.973   14.854  7.960   1.00 44.16  ? 284 LYS A N   1 
ATOM   428  C CA  . LYS A 1 58  ? 7.090   15.713  7.183   1.00 46.81  ? 284 LYS A CA  1 
ATOM   429  C C   . LYS A 1 58  ? 7.793   17.008  6.786   1.00 55.06  ? 284 LYS A C   1 
ATOM   430  O O   . LYS A 1 58  ? 7.621   17.504  5.668   1.00 49.10  ? 284 LYS A O   1 
ATOM   431  C CB  . LYS A 1 58  ? 5.828   16.052  7.958   1.00 43.63  ? 284 LYS A CB  1 
ATOM   432  C CG  . LYS A 1 58  ? 4.927   14.879  8.183   1.00 48.48  ? 284 LYS A CG  1 
ATOM   433  C CD  . LYS A 1 58  ? 3.758   15.285  9.047   1.00 50.08  ? 284 LYS A CD  1 
ATOM   434  C CE  . LYS A 1 58  ? 2.860   16.265  8.321   1.00 62.35  ? 284 LYS A CE  1 
ATOM   435  N NZ  . LYS A 1 58  ? 1.464   16.209  8.863   1.00 68.38  ? 284 LYS A NZ  1 
ATOM   436  N N   . HIS A 1 59  ? 8.583   17.552  7.705   1.00 53.55  ? 285 HIS A N   1 
ATOM   437  C CA  . HIS A 1 59  ? 9.350   18.753  7.426   1.00 54.11  ? 285 HIS A CA  1 
ATOM   438  C C   . HIS A 1 59  ? 10.349  18.496  6.291   1.00 54.86  ? 285 HIS A C   1 
ATOM   439  O O   . HIS A 1 59  ? 10.424  19.262  5.325   1.00 59.01  ? 285 HIS A O   1 
ATOM   440  C CB  . HIS A 1 59  ? 10.064  19.242  8.693   1.00 52.87  ? 285 HIS A CB  1 
ATOM   441  C CG  . HIS A 1 59  ? 11.027  20.366  8.444   1.00 69.04  ? 285 HIS A CG  1 
ATOM   442  N ND1 . HIS A 1 59  ? 10.618  21.627  8.047   1.00 69.69  ? 285 HIS A ND1 1 
ATOM   443  C CD2 . HIS A 1 59  ? 12.379  20.416  8.520   1.00 71.69  ? 285 HIS A CD2 1 
ATOM   444  C CE1 . HIS A 1 59  ? 11.677  22.405  7.899   1.00 69.09  ? 285 HIS A CE1 1 
ATOM   445  N NE2 . HIS A 1 59  ? 12.759  21.698  8.182   1.00 74.51  ? 285 HIS A NE2 1 
ATOM   446  N N   . GLN A 1 60  ? 11.101  17.408  6.402   1.00 51.33  ? 286 GLN A N   1 
ATOM   447  C CA  . GLN A 1 60  ? 12.107  17.052  5.413   1.00 51.11  ? 286 GLN A CA  1 
ATOM   448  C C   . GLN A 1 60  ? 11.531  16.786  4.031   1.00 54.00  ? 286 GLN A C   1 
ATOM   449  O O   . GLN A 1 60  ? 12.170  17.090  3.021   1.00 55.79  ? 286 GLN A O   1 
ATOM   450  C CB  . GLN A 1 60  ? 12.906  15.839  5.882   1.00 49.65  ? 286 GLN A CB  1 
ATOM   451  C CG  . GLN A 1 60  ? 14.117  16.217  6.735   1.00 60.28  ? 286 GLN A CG  1 
ATOM   452  C CD  . GLN A 1 60  ? 14.392  15.212  7.857   1.00 84.25  ? 286 GLN A CD  1 
ATOM   453  O OE1 . GLN A 1 60  ? 14.008  14.036  7.775   1.00 78.73  ? 286 GLN A OE1 1 
ATOM   454  N NE2 . GLN A 1 60  ? 15.053  15.679  8.921   1.00 89.09  ? 286 GLN A NE2 1 
ATOM   455  N N   . ALA A 1 61  ? 10.331  16.214  3.984   1.00 53.23  ? 287 ALA A N   1 
ATOM   456  C CA  . ALA A 1 61  ? 9.714   15.843  2.713   1.00 52.27  ? 287 ALA A CA  1 
ATOM   457  C C   . ALA A 1 61  ? 9.128   17.072  2.034   1.00 56.98  ? 287 ALA A C   1 
ATOM   458  O O   . ALA A 1 61  ? 9.011   17.127  0.797   1.00 55.83  ? 287 ALA A O   1 
ATOM   459  C CB  . ALA A 1 61  ? 8.629   14.781  2.922   1.00 45.50  ? 287 ALA A CB  1 
ATOM   460  N N   . SER A 1 62  ? 8.754   18.062  2.843   1.00 51.17  ? 288 SER A N   1 
ATOM   461  C CA  . SER A 1 62  ? 8.177   19.287  2.302   1.00 54.73  ? 288 SER A CA  1 
ATOM   462  C C   . SER A 1 62  ? 9.283   20.145  1.687   1.00 53.19  ? 288 SER A C   1 
ATOM   463  O O   . SER A 1 62  ? 9.010   21.097  0.962   1.00 50.07  ? 288 SER A O   1 
ATOM   464  C CB  . SER A 1 62  ? 7.424   20.065  3.385   1.00 45.04  ? 288 SER A CB  1 
ATOM   465  O OG  . SER A 1 62  ? 8.349   20.666  4.269   1.00 51.82  ? 288 SER A OG  1 
ATOM   466  N N   . LEU A 1 63  ? 10.531  19.797  1.988   1.00 50.52  ? 289 LEU A N   1 
ATOM   467  C CA  . LEU A 1 63  ? 11.678  20.465  1.395   1.00 49.05  ? 289 LEU A CA  1 
ATOM   468  C C   . LEU A 1 63  ? 12.134  19.796  0.088   1.00 53.99  ? 289 LEU A C   1 
ATOM   469  O O   . LEU A 1 63  ? 13.213  20.105  -0.434  1.00 48.49  ? 289 LEU A O   1 
ATOM   470  C CB  . LEU A 1 63  ? 12.846  20.510  2.383   1.00 44.71  ? 289 LEU A CB  1 
ATOM   471  C CG  . LEU A 1 63  ? 12.653  21.309  3.669   1.00 57.69  ? 289 LEU A CG  1 
ATOM   472  C CD1 . LEU A 1 63  ? 13.973  21.363  4.442   1.00 53.45  ? 289 LEU A CD1 1 
ATOM   473  C CD2 . LEU A 1 63  ? 12.121  22.716  3.391   1.00 50.97  ? 289 LEU A CD2 1 
ATOM   474  N N   . LYS A 1 64  ? 11.329  18.878  -0.434  1.00 52.07  ? 290 LYS A N   1 
ATOM   475  C CA  . LYS A 1 64  ? 11.697  18.200  -1.661  1.00 48.75  ? 290 LYS A CA  1 
ATOM   476  C C   . LYS A 1 64  ? 10.595  18.268  -2.693  1.00 54.11  ? 290 LYS A C   1 
ATOM   477  O O   . LYS A 1 64  ? 9.406   18.104  -2.369  1.00 52.01  ? 290 LYS A O   1 
ATOM   478  C CB  . LYS A 1 64  ? 12.079  16.762  -1.376  1.00 52.36  ? 290 LYS A CB  1 
ATOM   479  C CG  . LYS A 1 64  ? 13.343  16.675  -0.583  1.00 60.31  ? 290 LYS A CG  1 
ATOM   480  C CD  . LYS A 1 64  ? 13.958  15.301  -0.673  1.00 70.71  ? 290 LYS A CD  1 
ATOM   481  C CE  . LYS A 1 64  ? 13.397  14.363  0.362   1.00 65.22  ? 290 LYS A CE  1 
ATOM   482  N NZ  . LYS A 1 64  ? 14.226  13.118  0.417   1.00 72.64  ? 290 LYS A NZ  1 
ATOM   483  N N   . SER A 1 65  ? 10.994  18.534  -3.934  1.00 50.60  ? 291 SER A N   1 
ATOM   484  C CA  . SER A 1 65  ? 10.034  18.698  -5.008  1.00 52.59  ? 291 SER A CA  1 
ATOM   485  C C   . SER A 1 65  ? 9.498   17.334  -5.392  1.00 52.98  ? 291 SER A C   1 
ATOM   486  O O   . SER A 1 65  ? 10.135  16.316  -5.137  1.00 50.93  ? 291 SER A O   1 
ATOM   487  C CB  . SER A 1 65  ? 10.698  19.331  -6.227  1.00 50.87  ? 291 SER A CB  1 
ATOM   488  O OG  . SER A 1 65  ? 11.644  18.439  -6.794  1.00 51.32  ? 291 SER A OG  1 
ATOM   489  N N   . ASP A 1 66  ? 8.328   17.325  -6.015  1.00 54.44  ? 292 ASP A N   1 
ATOM   490  C CA  . ASP A 1 66  ? 7.756   16.100  -6.558  1.00 55.82  ? 292 ASP A CA  1 
ATOM   491  C C   . ASP A 1 66  ? 8.744   15.296  -7.393  1.00 58.14  ? 292 ASP A C   1 
ATOM   492  O O   . ASP A 1 66  ? 8.859   14.075  -7.244  1.00 58.31  ? 292 ASP A O   1 
ATOM   493  C CB  . ASP A 1 66  ? 6.518   16.433  -7.382  1.00 53.03  ? 292 ASP A CB  1 
ATOM   494  C CG  . ASP A 1 66  ? 5.346   16.851  -6.504  1.00 68.92  ? 292 ASP A CG  1 
ATOM   495  O OD1 . ASP A 1 66  ? 5.555   16.969  -5.266  1.00 63.30  ? 292 ASP A OD1 1 
ATOM   496  O OD2 . ASP A 1 66  ? 4.227   17.061  -7.047  1.00 69.50  ? 292 ASP A OD2 1 
ATOM   497  N N   . LEU A 1 67  ? 9.463   15.983  -8.266  1.00 55.73  ? 293 LEU A N   1 
ATOM   498  C CA  . LEU A 1 67  ? 10.369  15.317  -9.186  1.00 60.36  ? 293 LEU A CA  1 
ATOM   499  C C   . LEU A 1 67  ? 11.508  14.582  -8.473  1.00 56.45  ? 293 LEU A C   1 
ATOM   500  O O   . LEU A 1 67  ? 11.908  13.484  -8.872  1.00 57.20  ? 293 LEU A O   1 
ATOM   501  C CB  . LEU A 1 67  ? 10.936  16.336  -10.171 1.00 62.01  ? 293 LEU A CB  1 
ATOM   502  C CG  . LEU A 1 67  ? 11.841  15.766  -11.260 1.00 68.35  ? 293 LEU A CG  1 
ATOM   503  C CD1 . LEU A 1 67  ? 11.244  16.092  -12.611 1.00 60.87  ? 293 LEU A CD1 1 
ATOM   504  C CD2 . LEU A 1 67  ? 13.249  16.334  -11.124 1.00 66.06  ? 293 LEU A CD2 1 
ATOM   505  N N   . VAL A 1 68  ? 12.033  15.204  -7.428  1.00 49.78  ? 294 VAL A N   1 
ATOM   506  C CA  . VAL A 1 68  ? 13.064  14.593  -6.602  1.00 54.98  ? 294 VAL A CA  1 
ATOM   507  C C   . VAL A 1 68  ? 12.507  13.389  -5.820  1.00 58.67  ? 294 VAL A C   1 
ATOM   508  O O   . VAL A 1 68  ? 13.155  12.352  -5.694  1.00 61.66  ? 294 VAL A O   1 
ATOM   509  C CB  . VAL A 1 68  ? 13.614  15.615  -5.594  1.00 58.54  ? 294 VAL A CB  1 
ATOM   510  C CG1 . VAL A 1 68  ? 14.435  14.913  -4.508  1.00 53.51  ? 294 VAL A CG1 1 
ATOM   511  C CG2 . VAL A 1 68  ? 14.400  16.737  -6.313  1.00 47.15  ? 294 VAL A CG2 1 
ATOM   512  N N   . ARG A 1 69  ? 11.289  13.553  -5.310  1.00 56.23  ? 295 ARG A N   1 
ATOM   513  C CA  . ARG A 1 69  ? 10.624  12.562  -4.485  1.00 55.82  ? 295 ARG A CA  1 
ATOM   514  C C   . ARG A 1 69  ? 10.241  11.297  -5.254  1.00 60.28  ? 295 ARG A C   1 
ATOM   515  O O   . ARG A 1 69  ? 10.212  10.206  -4.681  1.00 61.78  ? 295 ARG A O   1 
ATOM   516  C CB  . ARG A 1 69  ? 9.389   13.183  -3.814  1.00 54.00  ? 295 ARG A CB  1 
ATOM   517  C CG  . ARG A 1 69  ? 9.749   14.140  -2.700  1.00 53.44  ? 295 ARG A CG  1 
ATOM   518  C CD  . ARG A 1 69  ? 8.563   14.931  -2.197  1.00 50.32  ? 295 ARG A CD  1 
ATOM   519  N NE  . ARG A 1 69  ? 7.444   14.094  -1.798  1.00 51.21  ? 295 ARG A NE  1 
ATOM   520  C CZ  . ARG A 1 69  ? 6.469   14.503  -0.994  1.00 51.75  ? 295 ARG A CZ  1 
ATOM   521  N NH1 . ARG A 1 69  ? 6.506   15.733  -0.499  1.00 54.89  ? 295 ARG A NH1 1 
ATOM   522  N NH2 . ARG A 1 69  ? 5.465   13.690  -0.678  1.00 49.66  ? 295 ARG A NH2 1 
ATOM   523  N N   . THR A 1 70  ? 9.948   11.441  -6.542  1.00 57.64  ? 296 THR A N   1 
ATOM   524  C CA  . THR A 1 70  ? 9.571   10.296  -7.365  1.00 60.95  ? 296 THR A CA  1 
ATOM   525  C C   . THR A 1 70  ? 10.701  9.807   -8.263  1.00 65.73  ? 296 THR A C   1 
ATOM   526  O O   . THR A 1 70  ? 10.473  9.057   -9.215  1.00 66.42  ? 296 THR A O   1 
ATOM   527  C CB  . THR A 1 70  ? 8.341   10.585  -8.224  1.00 61.96  ? 296 THR A CB  1 
ATOM   528  O OG1 . THR A 1 70  ? 8.571   11.761  -9.010  1.00 63.93  ? 296 THR A OG1 1 
ATOM   529  C CG2 . THR A 1 70  ? 7.114   10.785  -7.334  1.00 62.49  ? 296 THR A CG2 1 
ATOM   530  N N   . ASP A 1 71  ? 11.916  10.237  -7.944  1.00 71.78  ? 297 ASP A N   1 
ATOM   531  C CA  . ASP A 1 71  ? 13.123  9.746   -8.603  1.00 77.51  ? 297 ASP A CA  1 
ATOM   532  C C   . ASP A 1 71  ? 13.502  8.349   -8.048  1.00 82.39  ? 297 ASP A C   1 
ATOM   533  O O   . ASP A 1 71  ? 13.960  8.215   -6.892  1.00 72.61  ? 297 ASP A O   1 
ATOM   534  C CB  . ASP A 1 71  ? 14.267  10.764  -8.439  1.00 72.55  ? 297 ASP A CB  1 
ATOM   535  C CG  . ASP A 1 71  ? 15.572  10.290  -9.040  1.00 79.45  ? 297 ASP A CG  1 
ATOM   536  O OD1 . ASP A 1 71  ? 15.540  9.414   -9.940  1.00 82.73  ? 297 ASP A OD1 1 
ATOM   537  O OD2 . ASP A 1 71  ? 16.633  10.796  -8.612  1.00 76.83  ? 297 ASP A OD2 1 
ATOM   538  N N   . LEU A 1 72  ? 13.281  7.334   -8.894  1.00 84.50  ? 298 LEU A N   1 
ATOM   539  C CA  . LEU A 1 72  ? 13.528  5.909   -8.619  1.00 79.86  ? 298 LEU A CA  1 
ATOM   540  C C   . LEU A 1 72  ? 14.937  5.599   -8.111  1.00 81.90  ? 298 LEU A C   1 
ATOM   541  O O   . LEU A 1 72  ? 15.135  4.653   -7.333  1.00 79.61  ? 298 LEU A O   1 
ATOM   542  C CB  . LEU A 1 72  ? 13.290  5.091   -9.897  1.00 81.99  ? 298 LEU A CB  1 
ATOM   543  C CG  . LEU A 1 72  ? 11.866  4.842   -10.396 1.00 82.57  ? 298 LEU A CG  1 
ATOM   544  C CD1 . LEU A 1 72  ? 11.858  4.492   -11.885 1.00 80.28  ? 298 LEU A CD1 1 
ATOM   545  C CD2 . LEU A 1 72  ? 11.214  3.744   -9.565  1.00 83.37  ? 298 LEU A CD2 1 
ATOM   546  N N   . ALA A 1 73  ? 15.914  6.379   -8.574  1.00 81.54  ? 299 ALA A N   1 
ATOM   547  C CA  . ALA A 1 73  ? 17.320  6.165   -8.219  1.00 83.91  ? 299 ALA A CA  1 
ATOM   548  C C   . ALA A 1 73  ? 17.693  6.618   -6.790  1.00 79.34  ? 299 ALA A C   1 
ATOM   549  O O   . ALA A 1 73  ? 18.690  6.148   -6.229  1.00 72.67  ? 299 ALA A O   1 
ATOM   550  C CB  . ALA A 1 73  ? 18.245  6.832   -9.260  1.00 75.64  ? 299 ALA A CB  1 
ATOM   551  N N   . LYS A 1 74  ? 16.909  7.534   -6.214  1.00 76.01  ? 300 LYS A N   1 
ATOM   552  C CA  . LYS A 1 74  ? 17.162  8.004   -4.850  1.00 78.89  ? 300 LYS A CA  1 
ATOM   553  C C   . LYS A 1 74  ? 16.884  6.922   -3.798  1.00 71.07  ? 300 LYS A C   1 
ATOM   554  O O   . LYS A 1 74  ? 15.997  6.078   -3.967  1.00 68.33  ? 300 LYS A O   1 
ATOM   555  C CB  . LYS A 1 74  ? 16.344  9.259   -4.552  1.00 76.17  ? 300 LYS A CB  1 
ATOM   556  C CG  . LYS A 1 74  ? 16.892  10.505  -5.219  1.00 86.15  ? 300 LYS A CG  1 
ATOM   557  C CD  . LYS A 1 74  ? 18.247  10.896  -4.619  1.00 96.21  ? 300 LYS A CD  1 
ATOM   558  C CE  . LYS A 1 74  ? 18.967  11.917  -5.497  1.00 98.89  ? 300 LYS A CE  1 
ATOM   559  N NZ  . LYS A 1 74  ? 18.098  13.093  -5.779  1.00 92.79  ? 300 LYS A NZ  1 
ATOM   560  N N   . GLU A 1 75  ? 17.661  6.934   -2.724  1.00 63.78  ? 301 GLU A N   1 
ATOM   561  C CA  . GLU A 1 75  ? 17.395  6.043   -1.600  1.00 70.75  ? 301 GLU A CA  1 
ATOM   562  C C   . GLU A 1 75  ? 15.957  6.195   -1.057  1.00 62.63  ? 301 GLU A C   1 
ATOM   563  O O   . GLU A 1 75  ? 15.428  7.306   -0.967  1.00 58.83  ? 301 GLU A O   1 
ATOM   564  C CB  . GLU A 1 75  ? 18.409  6.287   -0.480  1.00 67.64  ? 301 GLU A CB  1 
ATOM   565  C CG  . GLU A 1 75  ? 18.099  5.538   0.802   1.00 73.50  ? 301 GLU A CG  1 
ATOM   566  C CD  . GLU A 1 75  ? 19.319  5.361   1.689   1.00 83.14  ? 301 GLU A CD  1 
ATOM   567  O OE1 . GLU A 1 75  ? 20.447  5.351   1.137   1.00 89.97  ? 301 GLU A OE1 1 
ATOM   568  O OE2 . GLU A 1 75  ? 19.150  5.233   2.929   1.00 79.46  ? 301 GLU A OE2 1 
ATOM   569  N N   . LYS A 1 76  ? 15.328  5.074   -0.711  1.00 56.86  ? 302 LYS A N   1 
ATOM   570  C CA  . LYS A 1 76  ? 14.009  5.111   -0.085  1.00 55.32  ? 302 LYS A CA  1 
ATOM   571  C C   . LYS A 1 76  ? 14.094  5.548   1.378   1.00 52.24  ? 302 LYS A C   1 
ATOM   572  O O   . LYS A 1 76  ? 15.000  5.176   2.130   1.00 55.85  ? 302 LYS A O   1 
ATOM   573  C CB  . LYS A 1 76  ? 13.274  3.768   -0.217  1.00 50.10  ? 302 LYS A CB  1 
ATOM   574  C CG  . LYS A 1 76  ? 12.809  3.452   -1.645  1.00 52.19  ? 302 LYS A CG  1 
ATOM   575  C CD  . LYS A 1 76  ? 11.642  4.336   -2.060  1.00 47.49  ? 302 LYS A CD  1 
ATOM   576  C CE  . LYS A 1 76  ? 11.147  4.019   -3.477  1.00 52.39  ? 302 LYS A CE  1 
ATOM   577  N NZ  . LYS A 1 76  ? 12.100  4.492   -4.544  1.00 66.07  ? 302 LYS A NZ  1 
ATOM   578  N N   . THR A 1 77  ? 13.104  6.329   1.771   1.00 50.95  ? 303 THR A N   1 
ATOM   579  C CA  . THR A 1 77  ? 13.154  7.084   2.997   1.00 46.08  ? 303 THR A CA  1 
ATOM   580  C C   . THR A 1 77  ? 11.732  7.047   3.598   1.00 48.44  ? 303 THR A C   1 
ATOM   581  O O   . THR A 1 77  ? 10.752  6.960   2.847   1.00 44.52  ? 303 THR A O   1 
ATOM   582  C CB  . THR A 1 77  ? 13.648  8.501   2.617   1.00 54.63  ? 303 THR A CB  1 
ATOM   583  O OG1 . THR A 1 77  ? 14.884  8.785   3.278   1.00 49.88  ? 303 THR A OG1 1 
ATOM   584  C CG2 . THR A 1 77  ? 12.623  9.563   2.863   1.00 37.27  ? 303 THR A CG2 1 
ATOM   585  N N   . GLY A 1 78  ? 11.605  7.047   4.928   1.00 44.42  ? 304 GLY A N   1 
ATOM   586  C CA  . GLY A 1 78  ? 10.289  6.986   5.540   1.00 37.11  ? 304 GLY A CA  1 
ATOM   587  C C   . GLY A 1 78  ? 10.281  6.676   7.026   1.00 45.18  ? 304 GLY A C   1 
ATOM   588  O O   . GLY A 1 78  ? 11.317  6.417   7.624   1.00 47.67  ? 304 GLY A O   1 
ATOM   589  N N   . VAL A 1 79  ? 9.101   6.707   7.636   1.00 43.48  ? 305 VAL A N   1 
ATOM   590  C CA  . VAL A 1 79  ? 8.998   6.519   9.073   1.00 37.21  ? 305 VAL A CA  1 
ATOM   591  C C   . VAL A 1 79  ? 7.649   5.884   9.406   1.00 40.23  ? 305 VAL A C   1 
ATOM   592  O O   . VAL A 1 79  ? 6.646   6.163   8.748   1.00 39.38  ? 305 VAL A O   1 
ATOM   593  C CB  . VAL A 1 79  ? 9.203   7.853   9.851   1.00 41.23  ? 305 VAL A CB  1 
ATOM   594  C CG1 . VAL A 1 79  ? 8.127   8.853   9.512   1.00 41.95  ? 305 VAL A CG1 1 
ATOM   595  C CG2 . VAL A 1 79  ? 9.191   7.602   11.358  1.00 46.29  ? 305 VAL A CG2 1 
ATOM   596  N N   . TRP A 1 80  ? 7.628   5.003   10.409  1.00 37.60  ? 306 TRP A N   1 
ATOM   597  C CA  . TRP A 1 80  ? 6.389   4.368   10.819  1.00 37.11  ? 306 TRP A CA  1 
ATOM   598  C C   . TRP A 1 80  ? 5.509   5.318   11.642  1.00 39.54  ? 306 TRP A C   1 
ATOM   599  O O   . TRP A 1 80  ? 6.005   6.022   12.521  1.00 40.15  ? 306 TRP A O   1 
ATOM   600  C CB  . TRP A 1 80  ? 6.705   3.115   11.609  1.00 37.32  ? 306 TRP A CB  1 
ATOM   601  C CG  . TRP A 1 80  ? 5.493   2.385   12.110  1.00 36.36  ? 306 TRP A CG  1 
ATOM   602  C CD1 . TRP A 1 80  ? 4.397   2.013   11.386  1.00 37.44  ? 306 TRP A CD1 1 
ATOM   603  C CD2 . TRP A 1 80  ? 5.273   1.915   13.440  1.00 38.49  ? 306 TRP A CD2 1 
ATOM   604  N NE1 . TRP A 1 80  ? 3.503   1.351   12.185  1.00 38.83  ? 306 TRP A NE1 1 
ATOM   605  C CE2 . TRP A 1 80  ? 4.022   1.273   13.453  1.00 40.23  ? 306 TRP A CE2 1 
ATOM   606  C CE3 . TRP A 1 80  ? 6.015   1.979   14.628  1.00 38.94  ? 306 TRP A CE3 1 
ATOM   607  C CZ2 . TRP A 1 80  ? 3.496   0.697   14.607  1.00 39.21  ? 306 TRP A CZ2 1 
ATOM   608  C CZ3 . TRP A 1 80  ? 5.495   1.410   15.766  1.00 38.57  ? 306 TRP A CZ3 1 
ATOM   609  C CH2 . TRP A 1 80  ? 4.244   0.782   15.752  1.00 40.84  ? 306 TRP A CH2 1 
ATOM   610  N N   . THR A 1 81  ? 4.208   5.357   11.361  1.00 37.53  ? 307 THR A N   1 
ATOM   611  C CA  . THR A 1 81  ? 3.331   6.276   12.091  1.00 40.83  ? 307 THR A CA  1 
ATOM   612  C C   . THR A 1 81  ? 3.057   5.835   13.529  1.00 40.60  ? 307 THR A C   1 
ATOM   613  O O   . THR A 1 81  ? 2.743   6.654   14.383  1.00 46.74  ? 307 THR A O   1 
ATOM   614  C CB  . THR A 1 81  ? 1.960   6.464   11.410  1.00 38.82  ? 307 THR A CB  1 
ATOM   615  O OG1 . THR A 1 81  ? 1.299   5.198   11.324  1.00 40.57  ? 307 THR A OG1 1 
ATOM   616  C CG2 . THR A 1 81  ? 2.117   7.047   10.028  1.00 38.47  ? 307 THR A CG2 1 
ATOM   617  N N   . GLY A 1 82  ? 3.165   4.543   13.791  1.00 39.06  ? 308 GLY A N   1 
ATOM   618  C CA  . GLY A 1 82  ? 2.781   4.001   15.073  1.00 41.65  ? 308 GLY A CA  1 
ATOM   619  C C   . GLY A 1 82  ? 1.431   3.325   14.972  1.00 42.99  ? 308 GLY A C   1 
ATOM   620  O O   . GLY A 1 82  ? 0.936   2.752   15.948  1.00 40.25  ? 308 GLY A O   1 
ATOM   621  N N   . ALA A 1 83  ? 0.849   3.376   13.775  1.00 41.06  ? 309 ALA A N   1 
ATOM   622  C CA  . ALA A 1 83  ? -0.476  2.823   13.526  1.00 39.03  ? 309 ALA A CA  1 
ATOM   623  C C   . ALA A 1 83  ? -0.469  1.650   12.526  1.00 42.02  ? 309 ALA A C   1 
ATOM   624  O O   . ALA A 1 83  ? 0.523   1.424   11.806  1.00 38.84  ? 309 ALA A O   1 
ATOM   625  C CB  . ALA A 1 83  ? -1.409  3.921   13.051  1.00 39.55  ? 309 ALA A CB  1 
ATOM   626  N N   . TYR A 1 84  ? -1.584  0.906   12.502  1.00 41.86  ? 310 TYR A N   1 
ATOM   627  C CA  . TYR A 1 84  ? -1.760  -0.265  11.631  1.00 42.57  ? 310 TYR A CA  1 
ATOM   628  C C   . TYR A 1 84  ? -3.060  -0.140  10.893  1.00 44.04  ? 310 TYR A C   1 
ATOM   629  O O   . TYR A 1 84  ? -4.042  0.370   11.439  1.00 41.53  ? 310 TYR A O   1 
ATOM   630  C CB  . TYR A 1 84  ? -1.802  -1.586  12.415  1.00 38.21  ? 310 TYR A CB  1 
ATOM   631  C CG  . TYR A 1 84  ? -0.590  -1.843  13.270  1.00 40.81  ? 310 TYR A CG  1 
ATOM   632  C CD1 . TYR A 1 84  ? 0.483   -2.595  12.785  1.00 40.70  ? 310 TYR A CD1 1 
ATOM   633  C CD2 . TYR A 1 84  ? -0.517  -1.343  14.575  1.00 46.80  ? 310 TYR A CD2 1 
ATOM   634  C CE1 . TYR A 1 84  ? 1.614   -2.830  13.574  1.00 39.77  ? 310 TYR A CE1 1 
ATOM   635  C CE2 . TYR A 1 84  ? 0.602   -1.571  15.376  1.00 44.54  ? 310 TYR A CE2 1 
ATOM   636  C CZ  . TYR A 1 84  ? 1.667   -2.310  14.861  1.00 46.66  ? 310 TYR A CZ  1 
ATOM   637  O OH  . TYR A 1 84  ? 2.773   -2.548  15.643  1.00 55.28  ? 310 TYR A OH  1 
ATOM   638  N N   . ALA A 1 85  ? -3.064  -0.620  9.654   1.00 44.14  ? 311 ALA A N   1 
ATOM   639  C CA  . ALA A 1 85  ? -4.279  -0.696  8.865   1.00 43.39  ? 311 ALA A CA  1 
ATOM   640  C C   . ALA A 1 85  ? -4.763  -2.143  8.809   1.00 45.62  ? 311 ALA A C   1 
ATOM   641  O O   . ALA A 1 85  ? -3.966  -3.078  8.919   1.00 48.38  ? 311 ALA A O   1 
ATOM   642  C CB  . ALA A 1 85  ? -4.048  -0.145  7.465   1.00 46.26  ? 311 ALA A CB  1 
ATOM   643  N N   . ILE A 1 86  ? -6.070  -2.321  8.648   1.00 44.10  ? 312 ILE A N   1 
ATOM   644  C CA  . ILE A 1 86  ? -6.649  -3.649  8.537   1.00 47.99  ? 312 ILE A CA  1 
ATOM   645  C C   . ILE A 1 86  ? -6.933  -4.009  7.082   1.00 49.27  ? 312 ILE A C   1 
ATOM   646  O O   . ILE A 1 86  ? -7.671  -3.316  6.390   1.00 48.43  ? 312 ILE A O   1 
ATOM   647  C CB  . ILE A 1 86  ? -7.972  -3.787  9.353   1.00 51.75  ? 312 ILE A CB  1 
ATOM   648  C CG1 . ILE A 1 86  ? -7.735  -3.468  10.839  1.00 43.60  ? 312 ILE A CG1 1 
ATOM   649  C CG2 . ILE A 1 86  ? -8.590  -5.188  9.139   1.00 43.02  ? 312 ILE A CG2 1 
ATOM   650  C CD1 . ILE A 1 86  ? -6.595  -4.279  11.446  1.00 47.41  ? 312 ILE A CD1 1 
ATOM   651  N N   . ASN A 1 87  ? -6.341  -5.104  6.627   1.00 53.12  ? 313 ASN A N   1 
ATOM   652  C CA  . ASN A 1 87  ? -6.655  -5.655  5.321   1.00 51.40  ? 313 ASN A CA  1 
ATOM   653  C C   . ASN A 1 87  ? -8.093  -6.165  5.328   1.00 56.37  ? 313 ASN A C   1 
ATOM   654  O O   . ASN A 1 87  ? -8.427  -7.078  6.097   1.00 55.84  ? 313 ASN A O   1 
ATOM   655  C CB  . ASN A 1 87  ? -5.691  -6.795  5.018   1.00 53.26  ? 313 ASN A CB  1 
ATOM   656  C CG  . ASN A 1 87  ? -5.662  -7.150  3.557   1.00 58.14  ? 313 ASN A CG  1 
ATOM   657  O OD1 . ASN A 1 87  ? -6.694  -7.160  2.898   1.00 58.57  ? 313 ASN A OD1 1 
ATOM   658  N ND2 . ASN A 1 87  ? -4.471  -7.431  3.034   1.00 60.23  ? 313 ASN A ND2 1 
ATOM   659  N N   . PRO A 1 88  ? -8.959  -5.574  4.484   1.00 53.92  ? 314 PRO A N   1 
ATOM   660  C CA  . PRO A 1 88  ? -10.388 -5.896  4.505   1.00 54.60  ? 314 PRO A CA  1 
ATOM   661  C C   . PRO A 1 88  ? -10.693 -7.315  4.036   1.00 58.33  ? 314 PRO A C   1 
ATOM   662  O O   . PRO A 1 88  ? -11.809 -7.780  4.267   1.00 57.96  ? 314 PRO A O   1 
ATOM   663  C CB  . PRO A 1 88  ? -10.986 -4.878  3.535   1.00 53.06  ? 314 PRO A CB  1 
ATOM   664  C CG  . PRO A 1 88  ? -9.892  -4.596  2.602   1.00 55.86  ? 314 PRO A CG  1 
ATOM   665  C CD  . PRO A 1 88  ? -8.648  -4.581  3.446   1.00 52.52  ? 314 PRO A CD  1 
ATOM   666  N N   . VAL A 1 89  ? -9.733  -7.989  3.409   1.00 54.88  ? 315 VAL A N   1 
ATOM   667  C CA  . VAL A 1 89  ? -9.976  -9.340  2.895   1.00 58.76  ? 315 VAL A CA  1 
ATOM   668  C C   . VAL A 1 89  ? -9.622  -10.469 3.869   1.00 60.64  ? 315 VAL A C   1 
ATOM   669  O O   . VAL A 1 89  ? -10.064 -11.606 3.680   1.00 66.97  ? 315 VAL A O   1 
ATOM   670  C CB  . VAL A 1 89  ? -9.247  -9.612  1.543   1.00 58.40  ? 315 VAL A CB  1 
ATOM   671  C CG1 . VAL A 1 89  ? -9.582  -8.541  0.529   1.00 64.87  ? 315 VAL A CG1 1 
ATOM   672  C CG2 . VAL A 1 89  ? -7.730  -9.725  1.732   1.00 57.15  ? 315 VAL A CG2 1 
ATOM   673  N N   . ASN A 1 90  ? -8.823  -10.177 4.892   1.00 54.53  ? 316 ASN A N   1 
ATOM   674  C CA  . ASN A 1 90  ? -8.410  -11.219 5.829   1.00 51.79  ? 316 ASN A CA  1 
ATOM   675  C C   . ASN A 1 90  ? -8.139  -10.680 7.230   1.00 54.50  ? 316 ASN A C   1 
ATOM   676  O O   . ASN A 1 90  ? -7.712  -11.417 8.137   1.00 54.50  ? 316 ASN A O   1 
ATOM   677  C CB  . ASN A 1 90  ? -7.182  -11.964 5.303   1.00 54.27  ? 316 ASN A CB  1 
ATOM   678  C CG  . ASN A 1 90  ? -5.984  -11.041 5.079   1.00 59.62  ? 316 ASN A CG  1 
ATOM   679  O OD1 . ASN A 1 90  ? -5.967  -9.898  5.550   1.00 59.42  ? 316 ASN A OD1 1 
ATOM   680  N ND2 . ASN A 1 90  ? -4.979  -11.537 4.364   1.00 60.67  ? 316 ASN A ND2 1 
ATOM   681  N N   . GLY A 1 91  ? -8.373  -9.386  7.400   1.00 49.40  ? 317 GLY A N   1 
ATOM   682  C CA  . GLY A 1 91  ? -8.237  -8.777  8.710   1.00 53.32  ? 317 GLY A CA  1 
ATOM   683  C C   . GLY A 1 91  ? -6.808  -8.649  9.206   1.00 50.97  ? 317 GLY A C   1 
ATOM   684  O O   . GLY A 1 91  ? -6.595  -8.214  10.322  1.00 56.59  ? 317 GLY A O   1 
ATOM   685  N N   . LYS A 1 92  ? -5.828  -9.018  8.386   1.00 57.68  ? 318 LYS A N   1 
ATOM   686  C CA  . LYS A 1 92  ? -4.423  -8.889  8.789   1.00 60.00  ? 318 LYS A CA  1 
ATOM   687  C C   . LYS A 1 92  ? -4.044  -7.433  9.010   1.00 51.87  ? 318 LYS A C   1 
ATOM   688  O O   . LYS A 1 92  ? -4.524  -6.537  8.309   1.00 51.39  ? 318 LYS A O   1 
ATOM   689  C CB  . LYS A 1 92  ? -3.460  -9.551  7.776   1.00 57.50  ? 318 LYS A CB  1 
ATOM   690  C CG  . LYS A 1 92  ? -3.571  -11.080 7.734   1.00 67.02  ? 318 LYS A CG  1 
ATOM   691  C CD  . LYS A 1 92  ? -2.259  -11.779 7.358   1.00 74.96  ? 318 LYS A CD  1 
ATOM   692  C CE  . LYS A 1 92  ? -2.456  -13.307 7.237   1.00 80.72  ? 318 LYS A CE  1 
ATOM   693  N NZ  . LYS A 1 92  ? -1.212  -14.117 7.506   1.00 91.74  ? 318 LYS A NZ  1 
ATOM   694  N N   . GLU A 1 93  ? -3.172  -7.212  9.986   1.00 49.27  ? 319 GLU A N   1 
ATOM   695  C CA  . GLU A 1 93  ? -2.678  -5.876  10.309  1.00 51.11  ? 319 GLU A CA  1 
ATOM   696  C C   . GLU A 1 93  ? -1.483  -5.511  9.464   1.00 48.28  ? 319 GLU A C   1 
ATOM   697  O O   . GLU A 1 93  ? -0.582  -6.325  9.261   1.00 48.16  ? 319 GLU A O   1 
ATOM   698  C CB  . GLU A 1 93  ? -2.282  -5.809  11.781  1.00 55.31  ? 319 GLU A CB  1 
ATOM   699  C CG  . GLU A 1 93  ? -3.470  -5.957  12.707  1.00 61.97  ? 319 GLU A CG  1 
ATOM   700  C CD  . GLU A 1 93  ? -3.060  -6.213  14.142  1.00 77.45  ? 319 GLU A CD  1 
ATOM   701  O OE1 . GLU A 1 93  ? -3.697  -7.121  14.754  1.00 69.01  ? 319 GLU A OE1 1 
ATOM   702  O OE2 . GLU A 1 93  ? -2.119  -5.506  14.639  1.00 67.77  ? 319 GLU A OE2 1 
ATOM   703  N N   . MET A 1 94  ? -1.492  -4.275  8.980   1.00 51.01  ? 320 MET A N   1 
ATOM   704  C CA  . MET A 1 94  ? -0.461  -3.742  8.095   1.00 45.63  ? 320 MET A CA  1 
ATOM   705  C C   . MET A 1 94  ? 0.043   -2.436  8.661   1.00 43.67  ? 320 MET A C   1 
ATOM   706  O O   . MET A 1 94  ? -0.728  -1.490  8.805   1.00 44.36  ? 320 MET A O   1 
ATOM   707  C CB  . MET A 1 94  ? -1.058  -3.406  6.738   1.00 45.33  ? 320 MET A CB  1 
ATOM   708  C CG  . MET A 1 94  ? -1.453  -4.582  5.885   1.00 55.68  ? 320 MET A CG  1 
ATOM   709  S SD  . MET A 1 94  ? -2.218  -3.945  4.370   1.00 67.85  ? 320 MET A SD  1 
ATOM   710  C CE  . MET A 1 94  ? -3.829  -3.495  5.008   1.00 57.23  ? 320 MET A CE  1 
ATOM   711  N N   . PRO A 1 95  ? 1.352   -2.345  8.915   1.00 43.97  ? 321 PRO A N   1 
ATOM   712  C CA  . PRO A 1 95  ? 1.855   -1.078  9.447   1.00 44.21  ? 321 PRO A CA  1 
ATOM   713  C C   . PRO A 1 95  ? 1.580   0.076   8.467   1.00 43.20  ? 321 PRO A C   1 
ATOM   714  O O   . PRO A 1 95  ? 1.628   -0.122  7.253   1.00 40.71  ? 321 PRO A O   1 
ATOM   715  C CB  . PRO A 1 95  ? 3.371   -1.325  9.570   1.00 38.25  ? 321 PRO A CB  1 
ATOM   716  C CG  . PRO A 1 95  ? 3.549   -2.803  9.424   1.00 41.06  ? 321 PRO A CG  1 
ATOM   717  C CD  . PRO A 1 95  ? 2.446   -3.245  8.516   1.00 41.02  ? 321 PRO A CD  1 
ATOM   718  N N   . ILE A 1 96  ? 1.282   1.255   9.005   1.00 43.13  ? 322 ILE A N   1 
ATOM   719  C CA  . ILE A 1 96  ? 1.132   2.458   8.203   1.00 42.02  ? 322 ILE A CA  1 
ATOM   720  C C   . ILE A 1 96  ? 2.375   3.319   8.326   1.00 40.83  ? 322 ILE A C   1 
ATOM   721  O O   . ILE A 1 96  ? 2.708   3.840   9.403   1.00 38.46  ? 322 ILE A O   1 
ATOM   722  C CB  . ILE A 1 96  ? -0.108  3.281   8.602   1.00 41.59  ? 322 ILE A CB  1 
ATOM   723  C CG1 . ILE A 1 96  ? -1.366  2.402   8.540   1.00 42.27  ? 322 ILE A CG1 1 
ATOM   724  C CG2 . ILE A 1 96  ? -0.215  4.511   7.703   1.00 37.03  ? 322 ILE A CG2 1 
ATOM   725  C CD1 . ILE A 1 96  ? -2.575  2.926   9.320   1.00 38.28  ? 322 ILE A CD1 1 
ATOM   726  N N   . TRP A 1 97  ? 3.069   3.439   7.200   1.00 40.22  ? 323 TRP A N   1 
ATOM   727  C CA  . TRP A 1 97  ? 4.251   4.270   7.086   1.00 38.77  ? 323 TRP A CA  1 
ATOM   728  C C   . TRP A 1 97  ? 3.905   5.523   6.306   1.00 42.03  ? 323 TRP A C   1 
ATOM   729  O O   . TRP A 1 97  ? 2.924   5.556   5.550   1.00 42.71  ? 323 TRP A O   1 
ATOM   730  C CB  . TRP A 1 97  ? 5.323   3.511   6.327   1.00 38.80  ? 323 TRP A CB  1 
ATOM   731  C CG  . TRP A 1 97  ? 5.909   2.442   7.112   1.00 38.77  ? 323 TRP A CG  1 
ATOM   732  C CD1 . TRP A 1 97  ? 5.297   1.300   7.523   1.00 37.04  ? 323 TRP A CD1 1 
ATOM   733  C CD2 . TRP A 1 97  ? 7.245   2.392   7.615   1.00 41.38  ? 323 TRP A CD2 1 
ATOM   734  N NE1 . TRP A 1 97  ? 6.162   0.545   8.268   1.00 36.15  ? 323 TRP A NE1 1 
ATOM   735  C CE2 . TRP A 1 97  ? 7.370   1.186   8.338   1.00 39.85  ? 323 TRP A CE2 1 
ATOM   736  C CE3 . TRP A 1 97  ? 8.351   3.246   7.523   1.00 37.14  ? 323 TRP A CE3 1 
ATOM   737  C CZ2 . TRP A 1 97  ? 8.559   0.809   8.966   1.00 39.72  ? 323 TRP A CZ2 1 
ATOM   738  C CZ3 . TRP A 1 97  ? 9.532   2.868   8.152   1.00 36.81  ? 323 TRP A CZ3 1 
ATOM   739  C CH2 . TRP A 1 97  ? 9.626   1.662   8.855   1.00 39.23  ? 323 TRP A CH2 1 
ATOM   740  N N   . ILE A 1 98  ? 4.721   6.553   6.475   1.00 40.26  ? 324 ILE A N   1 
ATOM   741  C CA  . ILE A 1 98  ? 4.703   7.677   5.540   1.00 47.51  ? 324 ILE A CA  1 
ATOM   742  C C   . ILE A 1 98  ? 6.042   7.704   4.814   1.00 43.74  ? 324 ILE A C   1 
ATOM   743  O O   . ILE A 1 98  ? 7.082   7.383   5.392   1.00 40.53  ? 324 ILE A O   1 
ATOM   744  C CB  . ILE A 1 98  ? 4.442   9.035   6.233   1.00 41.45  ? 324 ILE A CB  1 
ATOM   745  C CG1 . ILE A 1 98  ? 5.505   9.290   7.303   1.00 41.68  ? 324 ILE A CG1 1 
ATOM   746  C CG2 . ILE A 1 98  ? 3.052   9.051   6.846   1.00 42.34  ? 324 ILE A CG2 1 
ATOM   747  C CD1 . ILE A 1 98  ? 5.462   10.679  7.907   1.00 44.57  ? 324 ILE A CD1 1 
ATOM   748  N N   . ALA A 1 99  ? 6.010   8.090   3.546   1.00 48.16  ? 325 ALA A N   1 
ATOM   749  C CA  . ALA A 1 99  ? 7.204   8.045   2.708   1.00 47.21  ? 325 ALA A CA  1 
ATOM   750  C C   . ALA A 1 99  ? 7.134   9.087   1.595   1.00 45.63  ? 325 ALA A C   1 
ATOM   751  O O   . ALA A 1 99  ? 6.088   9.244   0.976   1.00 47.02  ? 325 ALA A O   1 
ATOM   752  C CB  . ALA A 1 99  ? 7.373   6.638   2.124   1.00 39.23  ? 325 ALA A CB  1 
ATOM   753  N N   . ASP A 1 100 ? 8.241   9.807   1.387   1.00 46.45  ? 326 ASP A N   1 
ATOM   754  C CA  . ASP A 1 100 ? 8.493   10.667  0.213   1.00 50.14  ? 326 ASP A CA  1 
ATOM   755  C C   . ASP A 1 100 ? 7.889   10.214  -1.093  1.00 48.31  ? 326 ASP A C   1 
ATOM   756  O O   . ASP A 1 100 ? 7.247   10.986  -1.794  1.00 50.37  ? 326 ASP A O   1 
ATOM   757  C CB  . ASP A 1 100 ? 9.993   10.681  -0.104  1.00 49.43  ? 326 ASP A CB  1 
ATOM   758  C CG  . ASP A 1 100 ? 10.706  11.765  0.598   1.00 56.17  ? 326 ASP A CG  1 
ATOM   759  O OD1 . ASP A 1 100 ? 10.009  12.550  1.272   1.00 63.82  ? 326 ASP A OD1 1 
ATOM   760  O OD2 . ASP A 1 100 ? 11.946  11.833  0.481   1.00 64.07  ? 326 ASP A OD2 1 
ATOM   761  N N   . TYR A 1 101 ? 8.185   8.972   -1.457  1.00 43.94  ? 327 TYR A N   1 
ATOM   762  C CA  . TYR A 1 101 ? 7.954   8.535   -2.822  1.00 46.33  ? 327 TYR A CA  1 
ATOM   763  C C   . TYR A 1 101 ? 6.478   8.517   -3.189  1.00 44.93  ? 327 TYR A C   1 
ATOM   764  O O   . TYR A 1 101 ? 6.129   8.396   -4.355  1.00 53.99  ? 327 TYR A O   1 
ATOM   765  C CB  . TYR A 1 101 ? 8.647   7.201   -3.102  1.00 41.22  ? 327 TYR A CB  1 
ATOM   766  C CG  . TYR A 1 101 ? 7.946   5.962   -2.599  1.00 45.93  ? 327 TYR A CG  1 
ATOM   767  C CD1 . TYR A 1 101 ? 7.125   5.220   -3.437  1.00 43.37  ? 327 TYR A CD1 1 
ATOM   768  C CD2 . TYR A 1 101 ? 8.129   5.516   -1.295  1.00 42.22  ? 327 TYR A CD2 1 
ATOM   769  C CE1 . TYR A 1 101 ? 6.491   4.073   -2.994  1.00 42.24  ? 327 TYR A CE1 1 
ATOM   770  C CE2 . TYR A 1 101 ? 7.505   4.376   -0.842  1.00 42.93  ? 327 TYR A CE2 1 
ATOM   771  C CZ  . TYR A 1 101 ? 6.691   3.650   -1.695  1.00 47.71  ? 327 TYR A CZ  1 
ATOM   772  O OH  . TYR A 1 101 ? 6.074   2.500   -1.246  1.00 43.00  ? 327 TYR A OH  1 
ATOM   773  N N   . VAL A 1 102 ? 5.622   8.670   -2.187  1.00 44.19  ? 328 VAL A N   1 
ATOM   774  C CA  . VAL A 1 102 ? 4.190   8.810   -2.401  1.00 47.35  ? 328 VAL A CA  1 
ATOM   775  C C   . VAL A 1 102 ? 3.849   10.293  -2.336  1.00 53.01  ? 328 VAL A C   1 
ATOM   776  O O   . VAL A 1 102 ? 4.190   10.963  -1.365  1.00 48.29  ? 328 VAL A O   1 
ATOM   777  C CB  . VAL A 1 102 ? 3.388   8.052   -1.322  1.00 51.44  ? 328 VAL A CB  1 
ATOM   778  C CG1 . VAL A 1 102 ? 1.889   8.380   -1.417  1.00 47.69  ? 328 VAL A CG1 1 
ATOM   779  C CG2 . VAL A 1 102 ? 3.642   6.550   -1.427  1.00 47.19  ? 328 VAL A CG2 1 
ATOM   780  N N   . LEU A 1 103 ? 3.200   10.810  -3.379  1.00 56.77  ? 329 LEU A N   1 
ATOM   781  C CA  . LEU A 1 103 ? 2.792   12.211  -3.396  1.00 55.22  ? 329 LEU A CA  1 
ATOM   782  C C   . LEU A 1 103 ? 1.335   12.354  -2.961  1.00 61.14  ? 329 LEU A C   1 
ATOM   783  O O   . LEU A 1 103 ? 0.519   11.453  -3.192  1.00 60.94  ? 329 LEU A O   1 
ATOM   784  C CB  . LEU A 1 103 ? 2.980   12.816  -4.785  1.00 54.45  ? 329 LEU A CB  1 
ATOM   785  C CG  . LEU A 1 103 ? 4.369   12.708  -5.407  1.00 60.80  ? 329 LEU A CG  1 
ATOM   786  C CD1 . LEU A 1 103 ? 4.369   13.306  -6.802  1.00 56.40  ? 329 LEU A CD1 1 
ATOM   787  C CD2 . LEU A 1 103 ? 5.422   13.377  -4.543  1.00 58.19  ? 329 LEU A CD2 1 
ATOM   788  N N   . ALA A 1 104 ? 1.012   13.488  -2.337  1.00 60.22  ? 330 ALA A N   1 
ATOM   789  C CA  . ALA A 1 104 ? -0.363  13.783  -1.933  1.00 65.70  ? 330 ALA A CA  1 
ATOM   790  C C   . ALA A 1 104 ? -1.369  13.785  -3.112  1.00 68.98  ? 330 ALA A C   1 
ATOM   791  O O   . ALA A 1 104 ? -2.581  13.612  -2.911  1.00 67.35  ? 330 ALA A O   1 
ATOM   792  C CB  . ALA A 1 104 ? -0.406  15.111  -1.175  1.00 60.35  ? 330 ALA A CB  1 
ATOM   793  N N   . SER A 1 105 ? -0.863  13.972  -4.333  1.00 68.44  ? 331 SER A N   1 
ATOM   794  C CA  . SER A 1 105 ? -1.712  14.020  -5.539  1.00 76.59  ? 331 SER A CA  1 
ATOM   795  C C   . SER A 1 105 ? -1.787  12.699  -6.321  1.00 75.04  ? 331 SER A C   1 
ATOM   796  O O   . SER A 1 105 ? -2.563  12.567  -7.272  1.00 76.64  ? 331 SER A O   1 
ATOM   797  C CB  . SER A 1 105 ? -1.241  15.136  -6.480  1.00 75.50  ? 331 SER A CB  1 
ATOM   798  O OG  . SER A 1 105 ? 0.053   14.857  -7.004  1.00 71.42  ? 331 SER A OG  1 
ATOM   799  N N   . TYR A 1 106 ? -0.961  11.734  -5.926  1.00 76.43  ? 332 TYR A N   1 
ATOM   800  C CA  . TYR A 1 106 ? -0.942  10.413  -6.553  1.00 82.56  ? 332 TYR A CA  1 
ATOM   801  C C   . TYR A 1 106 ? -2.102  9.586   -5.995  1.00 82.05  ? 332 TYR A C   1 
ATOM   802  O O   . TYR A 1 106 ? -1.994  8.971   -4.920  1.00 75.69  ? 332 TYR A O   1 
ATOM   803  C CB  . TYR A 1 106 ? 0.410   9.717   -6.305  1.00 86.46  ? 332 TYR A CB  1 
ATOM   804  C CG  . TYR A 1 106 ? 0.575   8.347   -6.955  1.00 98.91  ? 332 TYR A CG  1 
ATOM   805  C CD1 . TYR A 1 106 ? 0.567   8.206   -8.346  1.00 100.18 ? 332 TYR A CD1 1 
ATOM   806  C CD2 . TYR A 1 106 ? 0.763   7.195   -6.179  1.00 94.84  ? 332 TYR A CD2 1 
ATOM   807  C CE1 . TYR A 1 106 ? 0.726   6.953   -8.950  1.00 98.16  ? 332 TYR A CE1 1 
ATOM   808  C CE2 . TYR A 1 106 ? 0.923   5.936   -6.774  1.00 92.37  ? 332 TYR A CE2 1 
ATOM   809  C CZ  . TYR A 1 106 ? 0.902   5.824   -8.162  1.00 101.23 ? 332 TYR A CZ  1 
ATOM   810  O OH  . TYR A 1 106 ? 1.061   4.593   -8.773  1.00 94.85  ? 332 TYR A OH  1 
ATOM   811  N N   . GLY A 1 107 ? -3.210  9.592   -6.734  1.00 78.50  ? 333 GLY A N   1 
ATOM   812  C CA  . GLY A 1 107 ? -4.423  8.914   -6.319  1.00 67.30  ? 333 GLY A CA  1 
ATOM   813  C C   . GLY A 1 107 ? -5.051  9.649   -5.151  1.00 73.00  ? 333 GLY A C   1 
ATOM   814  O O   . GLY A 1 107 ? -5.413  10.833  -5.253  1.00 69.41  ? 333 GLY A O   1 
ATOM   815  N N   . THR A 1 108 ? -5.151  8.948   -4.026  1.00 65.83  ? 334 THR A N   1 
ATOM   816  C CA  . THR A 1 108 ? -5.760  9.502   -2.821  1.00 65.95  ? 334 THR A CA  1 
ATOM   817  C C   . THR A 1 108 ? -4.708  10.034  -1.843  1.00 66.27  ? 334 THR A C   1 
ATOM   818  O O   . THR A 1 108 ? -5.063  10.585  -0.780  1.00 63.34  ? 334 THR A O   1 
ATOM   819  C CB  . THR A 1 108 ? -6.580  8.428   -2.109  1.00 62.70  ? 334 THR A CB  1 
ATOM   820  O OG1 . THR A 1 108 ? -5.747  7.278   -1.901  1.00 64.21  ? 334 THR A OG1 1 
ATOM   821  C CG2 . THR A 1 108 ? -7.797  8.024   -2.955  1.00 58.38  ? 334 THR A CG2 1 
ATOM   822  N N   . GLY A 1 109 ? -3.432  9.878   -2.220  1.00 60.66  ? 335 GLY A N   1 
ATOM   823  C CA  . GLY A 1 109 ? -2.294  10.129  -1.343  1.00 54.24  ? 335 GLY A CA  1 
ATOM   824  C C   . GLY A 1 109 ? -1.988  8.933   -0.442  1.00 53.29  ? 335 GLY A C   1 
ATOM   825  O O   . GLY A 1 109 ? -1.254  9.047   0.542   1.00 52.47  ? 335 GLY A O   1 
ATOM   826  N N   . ALA A 1 110 ? -2.583  7.786   -0.763  1.00 49.23  ? 336 ALA A N   1 
ATOM   827  C CA  . ALA A 1 110 ? -2.438  6.563   0.026   1.00 49.62  ? 336 ALA A CA  1 
ATOM   828  C C   . ALA A 1 110 ? -2.252  5.357   -0.886  1.00 54.18  ? 336 ALA A C   1 
ATOM   829  O O   . ALA A 1 110 ? -3.023  5.169   -1.832  1.00 60.56  ? 336 ALA A O   1 
ATOM   830  C CB  . ALA A 1 110 ? -3.666  6.359   0.904   1.00 50.57  ? 336 ALA A CB  1 
ATOM   831  N N   . VAL A 1 111 ? -1.241  4.533   -0.618  1.00 49.03  ? 337 VAL A N   1 
ATOM   832  C CA  . VAL A 1 111 ? -1.071  3.320   -1.414  1.00 50.87  ? 337 VAL A CA  1 
ATOM   833  C C   . VAL A 1 111 ? -1.062  2.076   -0.538  1.00 48.28  ? 337 VAL A C   1 
ATOM   834  O O   . VAL A 1 111 ? -0.565  2.111   0.589   1.00 50.85  ? 337 VAL A O   1 
ATOM   835  C CB  . VAL A 1 111 ? 0.167   3.397   -2.377  1.00 50.27  ? 337 VAL A CB  1 
ATOM   836  C CG1 . VAL A 1 111 ? 0.239   4.769   -2.994  1.00 54.51  ? 337 VAL A CG1 1 
ATOM   837  C CG2 . VAL A 1 111 ? 1.471   3.088   -1.679  1.00 43.24  ? 337 VAL A CG2 1 
ATOM   838  N N   . MET A 1 112 ? -1.673  1.000   -1.022  1.00 48.23  ? 338 MET A N   1 
ATOM   839  C CA  . MET A 1 112 ? -1.481  -0.295  -0.399  1.00 50.73  ? 338 MET A CA  1 
ATOM   840  C C   . MET A 1 112 ? -0.249  -0.851  -1.078  1.00 51.07  ? 338 MET A C   1 
ATOM   841  O O   . MET A 1 112 ? -0.231  -1.027  -2.289  1.00 51.23  ? 338 MET A O   1 
ATOM   842  C CB  . MET A 1 112 ? -2.679  -1.228  -0.593  1.00 52.96  ? 338 MET A CB  1 
ATOM   843  C CG  . MET A 1 112 ? -2.928  -1.661  -2.032  1.00 64.51  ? 338 MET A CG  1 
ATOM   844  S SD  . MET A 1 112 ? -3.894  -3.198  -2.202  1.00 71.72  ? 338 MET A SD  1 
ATOM   845  C CE  . MET A 1 112 ? -3.465  -3.618  -3.897  1.00 62.26  ? 338 MET A CE  1 
ATOM   846  N N   . ALA A 1 113 ? 0.790   -1.093  -0.291  1.00 48.66  ? 339 ALA A N   1 
ATOM   847  C CA  . ALA A 1 113 ? 2.073   -1.473  -0.839  1.00 44.54  ? 339 ALA A CA  1 
ATOM   848  C C   . ALA A 1 113 ? 2.131   -2.973  -1.057  1.00 48.29  ? 339 ALA A C   1 
ATOM   849  O O   . ALA A 1 113 ? 1.897   -3.752  -0.128  1.00 49.85  ? 339 ALA A O   1 
ATOM   850  C CB  . ALA A 1 113 ? 3.196   -1.017  0.086   1.00 45.76  ? 339 ALA A CB  1 
ATOM   851  N N   . VAL A 1 114 ? 2.444   -3.363  -2.290  1.00 45.69  ? 340 VAL A N   1 
ATOM   852  C CA  . VAL A 1 114 ? 2.616   -4.761  -2.653  1.00 46.15  ? 340 VAL A CA  1 
ATOM   853  C C   . VAL A 1 114 ? 4.031   -4.894  -3.183  1.00 45.92  ? 340 VAL A C   1 
ATOM   854  O O   . VAL A 1 114 ? 4.248   -4.906  -4.397  1.00 46.90  ? 340 VAL A O   1 
ATOM   855  C CB  . VAL A 1 114 ? 1.627   -5.194  -3.769  1.00 49.61  ? 340 VAL A CB  1 
ATOM   856  C CG1 . VAL A 1 114 ? 1.700   -6.712  -3.999  1.00 48.64  ? 340 VAL A CG1 1 
ATOM   857  C CG2 . VAL A 1 114 ? 0.197   -4.762  -3.435  1.00 49.29  ? 340 VAL A CG2 1 
ATOM   858  N N   . PRO A 1 115 ? 5.007   -4.962  -2.274  1.00 45.44  ? 341 PRO A N   1 
ATOM   859  C CA  . PRO A 1 115 ? 6.430   -4.951  -2.629  1.00 44.01  ? 341 PRO A CA  1 
ATOM   860  C C   . PRO A 1 115 ? 6.834   -6.062  -3.612  1.00 45.63  ? 341 PRO A C   1 
ATOM   861  O O   . PRO A 1 115 ? 7.797   -5.894  -4.363  1.00 48.22  ? 341 PRO A O   1 
ATOM   862  C CB  . PRO A 1 115 ? 7.130   -5.131  -1.276  1.00 45.63  ? 341 PRO A CB  1 
ATOM   863  C CG  . PRO A 1 115 ? 6.088   -5.624  -0.346  1.00 42.45  ? 341 PRO A CG  1 
ATOM   864  C CD  . PRO A 1 115 ? 4.797   -5.078  -0.827  1.00 42.16  ? 341 PRO A CD  1 
ATOM   865  N N   . ALA A 1 116 ? 6.103   -7.171  -3.629  1.00 45.58  ? 342 ALA A N   1 
ATOM   866  C CA  . ALA A 1 116 ? 6.441   -8.277  -4.517  1.00 43.50  ? 342 ALA A CA  1 
ATOM   867  C C   . ALA A 1 116 ? 6.245   -7.925  -5.983  1.00 48.13  ? 342 ALA A C   1 
ATOM   868  O O   . ALA A 1 116 ? 6.882   -8.537  -6.848  1.00 49.80  ? 342 ALA A O   1 
ATOM   869  C CB  . ALA A 1 116 ? 5.626   -9.522  -4.170  1.00 41.43  ? 342 ALA A CB  1 
ATOM   870  N N   . HIS A 1 117 ? 5.376   -6.947  -6.266  1.00 47.21  ? 343 HIS A N   1 
ATOM   871  C CA  . HIS A 1 117 ? 4.932   -6.687  -7.637  1.00 43.58  ? 343 HIS A CA  1 
ATOM   872  C C   . HIS A 1 117 ? 4.936   -5.220  -8.050  1.00 47.54  ? 343 HIS A C   1 
ATOM   873  O O   . HIS A 1 117 ? 4.381   -4.841  -9.089  1.00 50.88  ? 343 HIS A O   1 
ATOM   874  C CB  . HIS A 1 117 ? 3.556   -7.304  -7.854  1.00 44.15  ? 343 HIS A CB  1 
ATOM   875  C CG  . HIS A 1 117 ? 3.497   -8.752  -7.475  1.00 51.84  ? 343 HIS A CG  1 
ATOM   876  N ND1 . HIS A 1 117 ? 4.247   -9.715  -8.113  1.00 51.84  ? 343 HIS A ND1 1 
ATOM   877  C CD2 . HIS A 1 117 ? 2.806   -9.394  -6.504  1.00 52.26  ? 343 HIS A CD2 1 
ATOM   878  C CE1 . HIS A 1 117 ? 4.019   -10.890 -7.552  1.00 54.28  ? 343 HIS A CE1 1 
ATOM   879  N NE2 . HIS A 1 117 ? 3.148   -10.723 -6.575  1.00 53.77  ? 343 HIS A NE2 1 
ATOM   880  N N   . ASP A 1 118 ? 5.571   -4.393  -7.234  1.00 49.16  ? 344 ASP A N   1 
ATOM   881  C CA  . ASP A 1 118 ? 5.731   -2.979  -7.539  1.00 49.46  ? 344 ASP A CA  1 
ATOM   882  C C   . ASP A 1 118 ? 7.145   -2.572  -7.140  1.00 46.83  ? 344 ASP A C   1 
ATOM   883  O O   . ASP A 1 118 ? 7.558   -2.727  -5.990  1.00 50.48  ? 344 ASP A O   1 
ATOM   884  C CB  . ASP A 1 118 ? 4.684   -2.135  -6.789  1.00 50.51  ? 344 ASP A CB  1 
ATOM   885  C CG  . ASP A 1 118 ? 4.845   -0.627  -7.040  1.00 54.73  ? 344 ASP A CG  1 
ATOM   886  O OD1 . ASP A 1 118 ? 5.827   -0.012  -6.548  1.00 56.10  ? 344 ASP A OD1 1 
ATOM   887  O OD2 . ASP A 1 118 ? 3.978   -0.053  -7.727  1.00 55.92  ? 344 ASP A OD2 1 
ATOM   888  N N   . GLN A 1 119 ? 7.882   -2.058  -8.102  1.00 46.05  ? 345 GLN A N   1 
ATOM   889  C CA  . GLN A 1 119 ? 9.297   -1.767  -7.924  1.00 49.63  ? 345 GLN A CA  1 
ATOM   890  C C   . GLN A 1 119 ? 9.583   -0.765  -6.804  1.00 44.32  ? 345 GLN A C   1 
ATOM   891  O O   . GLN A 1 119 ? 10.534  -0.931  -6.034  1.00 47.99  ? 345 GLN A O   1 
ATOM   892  C CB  . GLN A 1 119 ? 9.875   -1.235  -9.246  1.00 56.56  ? 345 GLN A CB  1 
ATOM   893  C CG  . GLN A 1 119 ? 11.364  -0.931  -9.185  1.00 55.92  ? 345 GLN A CG  1 
ATOM   894  C CD  . GLN A 1 119 ? 12.186  -2.182  -8.971  1.00 57.24  ? 345 GLN A CD  1 
ATOM   895  O OE1 . GLN A 1 119 ? 11.715  -3.295  -9.206  1.00 59.39  ? 345 GLN A OE1 1 
ATOM   896  N NE2 . GLN A 1 119 ? 13.418  -2.008  -8.503  1.00 68.99  ? 345 GLN A NE2 1 
ATOM   897  N N   . ARG A 1 120 ? 8.782   0.287   -6.730  1.00 41.07  ? 346 ARG A N   1 
ATOM   898  C CA  . ARG A 1 120 ? 8.954   1.286   -5.684  1.00 48.82  ? 346 ARG A CA  1 
ATOM   899  C C   . ARG A 1 120 ? 8.702   0.699   -4.294  1.00 45.17  ? 346 ARG A C   1 
ATOM   900  O O   . ARG A 1 120 ? 9.509   0.879   -3.388  1.00 45.81  ? 346 ARG A O   1 
ATOM   901  C CB  . ARG A 1 120 ? 8.038   2.473   -5.939  1.00 53.02  ? 346 ARG A CB  1 
ATOM   902  C CG  . ARG A 1 120 ? 8.409   3.205   -7.190  1.00 61.88  ? 346 ARG A CG  1 
ATOM   903  C CD  . ARG A 1 120 ? 7.282   4.090   -7.670  1.00 78.58  ? 346 ARG A CD  1 
ATOM   904  N NE  . ARG A 1 120 ? 7.776   4.986   -8.712  1.00 92.31  ? 346 ARG A NE  1 
ATOM   905  C CZ  . ARG A 1 120 ? 8.492   6.084   -8.468  1.00 95.73  ? 346 ARG A CZ  1 
ATOM   906  N NH1 . ARG A 1 120 ? 8.781   6.422   -7.200  1.00 79.99  ? 346 ARG A NH1 1 
ATOM   907  N NH2 . ARG A 1 120 ? 8.915   6.843   -9.488  1.00 78.03  ? 346 ARG A NH2 1 
ATOM   908  N N   . ASP A 1 121 ? 7.593   -0.024  -4.149  1.00 44.13  ? 347 ASP A N   1 
ATOM   909  C CA  . ASP A 1 121 ? 7.241   -0.681  -2.893  1.00 45.76  ? 347 ASP A CA  1 
ATOM   910  C C   . ASP A 1 121 ? 8.296   -1.699  -2.528  1.00 46.75  ? 347 ASP A C   1 
ATOM   911  O O   . ASP A 1 121 ? 8.660   -1.823  -1.356  1.00 42.22  ? 347 ASP A O   1 
ATOM   912  C CB  . ASP A 1 121 ? 5.892   -1.377  -3.007  1.00 45.61  ? 347 ASP A CB  1 
ATOM   913  C CG  . ASP A 1 121 ? 4.750   -0.412  -3.253  1.00 47.63  ? 347 ASP A CG  1 
ATOM   914  O OD1 . ASP A 1 121 ? 4.950   0.820   -3.087  1.00 47.11  ? 347 ASP A OD1 1 
ATOM   915  O OD2 . ASP A 1 121 ? 3.641   -0.895  -3.592  1.00 50.26  ? 347 ASP A OD2 1 
ATOM   916  N N   . TRP A 1 122 ? 8.800   -2.404  -3.544  1.00 44.96  ? 348 TRP A N   1 
ATOM   917  C CA  . TRP A 1 122 ? 9.859   -3.399  -3.359  1.00 44.26  ? 348 TRP A CA  1 
ATOM   918  C C   . TRP A 1 122 ? 11.090  -2.757  -2.719  1.00 46.01  ? 348 TRP A C   1 
ATOM   919  O O   . TRP A 1 122 ? 11.652  -3.250  -1.737  1.00 46.60  ? 348 TRP A O   1 
ATOM   920  C CB  . TRP A 1 122 ? 10.234  -4.037  -4.707  1.00 43.14  ? 348 TRP A CB  1 
ATOM   921  C CG  . TRP A 1 122 ? 11.117  -5.259  -4.583  1.00 48.04  ? 348 TRP A CG  1 
ATOM   922  C CD1 . TRP A 1 122 ? 10.711  -6.555  -4.402  1.00 50.99  ? 348 TRP A CD1 1 
ATOM   923  C CD2 . TRP A 1 122 ? 12.551  -5.295  -4.613  1.00 52.12  ? 348 TRP A CD2 1 
ATOM   924  N NE1 . TRP A 1 122 ? 11.800  -7.391  -4.320  1.00 47.48  ? 348 TRP A NE1 1 
ATOM   925  C CE2 . TRP A 1 122 ? 12.940  -6.645  -4.447  1.00 48.50  ? 348 TRP A CE2 1 
ATOM   926  C CE3 . TRP A 1 122 ? 13.545  -4.318  -4.769  1.00 54.56  ? 348 TRP A CE3 1 
ATOM   927  C CZ2 . TRP A 1 122 ? 14.278  -7.041  -4.428  1.00 54.25  ? 348 TRP A CZ2 1 
ATOM   928  C CZ3 . TRP A 1 122 ? 14.873  -4.716  -4.753  1.00 56.60  ? 348 TRP A CZ3 1 
ATOM   929  C CH2 . TRP A 1 122 ? 15.227  -6.066  -4.585  1.00 57.50  ? 348 TRP A CH2 1 
ATOM   930  N N   . GLU A 1 123 ? 11.504  -1.638  -3.288  1.00 47.39  ? 349 GLU A N   1 
ATOM   931  C CA  . GLU A 1 123 ? 12.715  -0.982  -2.849  1.00 48.71  ? 349 GLU A CA  1 
ATOM   932  C C   . GLU A 1 123 ? 12.537  -0.409  -1.456  1.00 47.75  ? 349 GLU A C   1 
ATOM   933  O O   . GLU A 1 123 ? 13.488  -0.362  -0.671  1.00 47.53  ? 349 GLU A O   1 
ATOM   934  C CB  . GLU A 1 123 ? 13.129  0.087   -3.869  1.00 52.66  ? 349 GLU A CB  1 
ATOM   935  C CG  . GLU A 1 123 ? 13.847  -0.515  -5.083  1.00 56.73  ? 349 GLU A CG  1 
ATOM   936  C CD  . GLU A 1 123 ? 14.089  0.492   -6.199  1.00 83.42  ? 349 GLU A CD  1 
ATOM   937  O OE1 . GLU A 1 123 ? 13.374  1.535   -6.261  1.00 77.35  ? 349 GLU A OE1 1 
ATOM   938  O OE2 . GLU A 1 123 ? 15.002  0.232   -7.022  1.00 91.92  ? 349 GLU A OE2 1 
ATOM   939  N N   . PHE A 1 124 ? 11.311  0.008   -1.144  1.00 47.21  ? 350 PHE A N   1 
ATOM   940  C CA  . PHE A 1 124 ? 11.001  0.501   0.190   1.00 41.71  ? 350 PHE A CA  1 
ATOM   941  C C   . PHE A 1 124 ? 11.030  -0.667  1.194   1.00 44.74  ? 350 PHE A C   1 
ATOM   942  O O   . PHE A 1 124 ? 11.629  -0.547  2.261   1.00 44.85  ? 350 PHE A O   1 
ATOM   943  C CB  . PHE A 1 124 ? 9.655   1.227   0.191   1.00 40.11  ? 350 PHE A CB  1 
ATOM   944  C CG  . PHE A 1 124 ? 9.330   1.893   1.492   1.00 42.50  ? 350 PHE A CG  1 
ATOM   945  C CD1 . PHE A 1 124 ? 9.689   3.216   1.718   1.00 44.25  ? 350 PHE A CD1 1 
ATOM   946  C CD2 . PHE A 1 124 ? 8.669   1.197   2.506   1.00 45.05  ? 350 PHE A CD2 1 
ATOM   947  C CE1 . PHE A 1 124 ? 9.388   3.848   2.935   1.00 42.64  ? 350 PHE A CE1 1 
ATOM   948  C CE2 . PHE A 1 124 ? 8.371   1.815   3.735   1.00 39.43  ? 350 PHE A CE2 1 
ATOM   949  C CZ  . PHE A 1 124 ? 8.724   3.152   3.938   1.00 37.87  ? 350 PHE A CZ  1 
ATOM   950  N N   . ALA A 1 125 ? 10.415  -1.801  0.838   1.00 43.52  ? 351 ALA A N   1 
ATOM   951  C CA  . ALA A 1 125 ? 10.417  -3.008  1.686   1.00 44.36  ? 351 ALA A CA  1 
ATOM   952  C C   . ALA A 1 125 ? 11.822  -3.545  1.970   1.00 49.46  ? 351 ALA A C   1 
ATOM   953  O O   . ALA A 1 125 ? 12.126  -3.969  3.088   1.00 47.55  ? 351 ALA A O   1 
ATOM   954  C CB  . ALA A 1 125 ? 9.565   -4.114  1.060   1.00 41.53  ? 351 ALA A CB  1 
ATOM   955  N N   . LYS A 1 126 ? 12.675  -3.524  0.953   1.00 46.38  ? 352 LYS A N   1 
ATOM   956  C CA  . LYS A 1 126 ? 14.046  -3.980  1.097   1.00 42.84  ? 352 LYS A CA  1 
ATOM   957  C C   . LYS A 1 126 ? 14.788  -3.019  1.991   1.00 44.08  ? 352 LYS A C   1 
ATOM   958  O O   . LYS A 1 126 ? 15.529  -3.423  2.884   1.00 51.20  ? 352 LYS A O   1 
ATOM   959  C CB  . LYS A 1 126 ? 14.715  -4.041  -0.285  1.00 50.15  ? 352 LYS A CB  1 
ATOM   960  C CG  . LYS A 1 126 ? 14.346  -5.292  -1.071  1.00 51.42  ? 352 LYS A CG  1 
ATOM   961  C CD  . LYS A 1 126 ? 14.502  -6.512  -0.161  1.00 50.73  ? 352 LYS A CD  1 
ATOM   962  C CE  . LYS A 1 126 ? 14.971  -7.759  -0.911  1.00 63.14  ? 352 LYS A CE  1 
ATOM   963  N NZ  . LYS A 1 126 ? 15.229  -8.876  0.060   1.00 66.69  ? 352 LYS A NZ  1 
ATOM   964  N N   . GLN A 1 127 ? 14.581  -1.730  1.768   1.00 41.10  ? 353 GLN A N   1 
ATOM   965  C CA  . GLN A 1 127 ? 15.234  -0.738  2.604   1.00 44.51  ? 353 GLN A CA  1 
ATOM   966  C C   . GLN A 1 127 ? 14.866  -0.933  4.078   1.00 46.44  ? 353 GLN A C   1 
ATOM   967  O O   . GLN A 1 127 ? 15.733  -0.878  4.944   1.00 45.79  ? 353 GLN A O   1 
ATOM   968  C CB  . GLN A 1 127 ? 14.865  0.679   2.150   1.00 42.78  ? 353 GLN A CB  1 
ATOM   969  C CG  . GLN A 1 127 ? 15.693  1.764   2.799   1.00 47.45  ? 353 GLN A CG  1 
ATOM   970  C CD  . GLN A 1 127 ? 17.171  1.639   2.467   1.00 57.67  ? 353 GLN A CD  1 
ATOM   971  O OE1 . GLN A 1 127 ? 17.558  1.512   1.297   1.00 61.72  ? 353 GLN A OE1 1 
ATOM   972  N NE2 . GLN A 1 127 ? 18.010  1.669   3.500   1.00 55.17  ? 353 GLN A NE2 1 
ATOM   973  N N   . PHE A 1 128 ? 13.581  -1.163  4.358   1.00 45.87  ? 354 PHE A N   1 
ATOM   974  C CA  . PHE A 1 128 ? 13.094  -1.197  5.748   1.00 49.93  ? 354 PHE A CA  1 
ATOM   975  C C   . PHE A 1 128 ? 12.768  -2.600  6.296   1.00 48.01  ? 354 PHE A C   1 
ATOM   976  O O   . PHE A 1 128 ? 12.122  -2.733  7.344   1.00 47.21  ? 354 PHE A O   1 
ATOM   977  C CB  . PHE A 1 128 ? 11.919  -0.212  5.947   1.00 37.00  ? 354 PHE A CB  1 
ATOM   978  C CG  . PHE A 1 128 ? 12.338  1.226   5.881   1.00 42.10  ? 354 PHE A CG  1 
ATOM   979  C CD1 . PHE A 1 128 ? 12.935  1.835   6.974   1.00 42.46  ? 354 PHE A CD1 1 
ATOM   980  C CD2 . PHE A 1 128 ? 12.187  1.963   4.710   1.00 41.84  ? 354 PHE A CD2 1 
ATOM   981  C CE1 . PHE A 1 128 ? 13.353  3.162   6.918   1.00 42.58  ? 354 PHE A CE1 1 
ATOM   982  C CE2 . PHE A 1 128 ? 12.610  3.293   4.643   1.00 43.95  ? 354 PHE A CE2 1 
ATOM   983  C CZ  . PHE A 1 128 ? 13.188  3.892   5.748   1.00 41.06  ? 354 PHE A CZ  1 
ATOM   984  N N   . ASP A 1 129 ? 13.226  -3.632  5.592   1.00 45.53  ? 355 ASP A N   1 
ATOM   985  C CA  . ASP A 1 129 ? 13.070  -5.020  6.047   1.00 52.21  ? 355 ASP A CA  1 
ATOM   986  C C   . ASP A 1 129 ? 11.620  -5.436  6.264   1.00 49.37  ? 355 ASP A C   1 
ATOM   987  O O   . ASP A 1 129 ? 11.319  -6.261  7.125   1.00 56.20  ? 355 ASP A O   1 
ATOM   988  C CB  . ASP A 1 129 ? 13.893  -5.276  7.317   1.00 54.07  ? 355 ASP A CB  1 
ATOM   989  C CG  . ASP A 1 129 ? 15.392  -5.221  7.060   1.00 59.47  ? 355 ASP A CG  1 
ATOM   990  O OD1 . ASP A 1 129 ? 15.852  -5.879  6.086   1.00 56.41  ? 355 ASP A OD1 1 
ATOM   991  O OD2 . ASP A 1 129 ? 16.095  -4.503  7.818   1.00 59.88  ? 355 ASP A OD2 1 
ATOM   992  N N   . LEU A 1 130 ? 10.735  -4.867  5.460   1.00 47.12  ? 356 LEU A N   1 
ATOM   993  C CA  . LEU A 1 130 ? 9.325   -5.176  5.506   1.00 46.01  ? 356 LEU A CA  1 
ATOM   994  C C   . LEU A 1 130 ? 9.103   -6.457  4.735   1.00 49.11  ? 356 LEU A C   1 
ATOM   995  O O   . LEU A 1 130 ? 9.921   -6.814  3.877   1.00 52.36  ? 356 LEU A O   1 
ATOM   996  C CB  . LEU A 1 130 ? 8.500   -4.009  4.936   1.00 42.34  ? 356 LEU A CB  1 
ATOM   997  C CG  . LEU A 1 130 ? 8.600   -2.755  5.825   1.00 44.72  ? 356 LEU A CG  1 
ATOM   998  C CD1 . LEU A 1 130 ? 8.103   -1.491  5.133   1.00 43.15  ? 356 LEU A CD1 1 
ATOM   999  C CD2 . LEU A 1 130 ? 7.871   -2.964  7.138   1.00 45.52  ? 356 LEU A CD2 1 
ATOM   1000 N N   . PRO A 1 131 ? 8.015   -7.177  5.059   1.00 52.11  ? 357 PRO A N   1 
ATOM   1001 C CA  . PRO A 1 131 ? 7.765   -8.468  4.410   1.00 50.03  ? 357 PRO A CA  1 
ATOM   1002 C C   . PRO A 1 131 ? 7.337   -8.333  2.952   1.00 52.81  ? 357 PRO A C   1 
ATOM   1003 O O   . PRO A 1 131 ? 6.679   -7.377  2.545   1.00 50.45  ? 357 PRO A O   1 
ATOM   1004 C CB  . PRO A 1 131 ? 6.672   -9.121  5.279   1.00 50.11  ? 357 PRO A CB  1 
ATOM   1005 C CG  . PRO A 1 131 ? 6.142   -8.055  6.149   1.00 51.68  ? 357 PRO A CG  1 
ATOM   1006 C CD  . PRO A 1 131 ? 7.152   -6.952  6.233   1.00 52.78  ? 357 PRO A CD  1 
ATOM   1007 N N   . ILE A 1 132 ? 7.761   -9.300  2.155   1.00 54.42  ? 358 ILE A N   1 
ATOM   1008 C CA  . ILE A 1 132 ? 7.460   -9.316  0.741   1.00 51.15  ? 358 ILE A CA  1 
ATOM   1009 C C   . ILE A 1 132 ? 6.710   -10.618 0.488   1.00 53.41  ? 358 ILE A C   1 
ATOM   1010 O O   . ILE A 1 132 ? 7.207   -11.690 0.824   1.00 59.81  ? 358 ILE A O   1 
ATOM   1011 C CB  . ILE A 1 132 ? 8.761   -9.271  -0.079  1.00 50.17  ? 358 ILE A CB  1 
ATOM   1012 C CG1 . ILE A 1 132 ? 9.539   -7.989  0.255   1.00 52.59  ? 358 ILE A CG1 1 
ATOM   1013 C CG2 . ILE A 1 132 ? 8.461   -9.396  -1.570  1.00 48.16  ? 358 ILE A CG2 1 
ATOM   1014 C CD1 . ILE A 1 132 ? 10.843  -7.777  -0.544  1.00 49.83  ? 358 ILE A CD1 1 
ATOM   1015 N N   . VAL A 1 133 ? 5.502   -10.532 -0.054  1.00 50.80  ? 359 VAL A N   1 
ATOM   1016 C CA  . VAL A 1 133 ? 4.705   -11.734 -0.277  1.00 54.20  ? 359 VAL A CA  1 
ATOM   1017 C C   . VAL A 1 133 ? 4.264   -11.816 -1.723  1.00 47.97  ? 359 VAL A C   1 
ATOM   1018 O O   . VAL A 1 133 ? 3.672   -10.879 -2.233  1.00 47.68  ? 359 VAL A O   1 
ATOM   1019 C CB  . VAL A 1 133 ? 3.448   -11.782 0.622   1.00 55.29  ? 359 VAL A CB  1 
ATOM   1020 C CG1 . VAL A 1 133 ? 2.677   -13.078 0.386   1.00 52.95  ? 359 VAL A CG1 1 
ATOM   1021 C CG2 . VAL A 1 133 ? 3.832   -11.646 2.074   1.00 49.90  ? 359 VAL A CG2 1 
ATOM   1022 N N   . GLU A 1 134 ? 4.558   -12.944 -2.363  1.00 50.16  ? 360 GLU A N   1 
ATOM   1023 C CA  . GLU A 1 134 ? 4.163   -13.224 -3.741  1.00 52.56  ? 360 GLU A CA  1 
ATOM   1024 C C   . GLU A 1 134 ? 2.687   -13.612 -3.903  1.00 55.56  ? 360 GLU A C   1 
ATOM   1025 O O   . GLU A 1 134 ? 2.169   -14.461 -3.174  1.00 57.76  ? 360 GLU A O   1 
ATOM   1026 C CB  . GLU A 1 134 ? 5.036   -14.356 -4.293  1.00 54.80  ? 360 GLU A CB  1 
ATOM   1027 C CG  . GLU A 1 134 ? 4.736   -14.778 -5.744  1.00 61.93  ? 360 GLU A CG  1 
ATOM   1028 C CD  . GLU A 1 134 ? 5.643   -15.915 -6.227  1.00 72.11  ? 360 GLU A CD  1 
ATOM   1029 O OE1 . GLU A 1 134 ? 5.886   -16.868 -5.443  1.00 72.53  ? 360 GLU A OE1 1 
ATOM   1030 O OE2 . GLU A 1 134 ? 6.125   -15.850 -7.386  1.00 72.26  ? 360 GLU A OE2 1 
ATOM   1031 N N   . VAL A 1 135 ? 2.019   -13.012 -4.882  1.00 54.38  ? 361 VAL A N   1 
ATOM   1032 C CA  . VAL A 1 135 ? 0.627   -13.361 -5.167  1.00 58.40  ? 361 VAL A CA  1 
ATOM   1033 C C   . VAL A 1 135 ? 0.383   -13.567 -6.671  1.00 55.35  ? 361 VAL A C   1 
ATOM   1034 O O   . VAL A 1 135 ? -0.656  -14.062 -7.073  1.00 58.70  ? 361 VAL A O   1 
ATOM   1035 C CB  . VAL A 1 135 ? -0.379  -12.318 -4.555  1.00 56.03  ? 361 VAL A CB  1 
ATOM   1036 C CG1 . VAL A 1 135 ? -0.350  -12.375 -3.037  1.00 46.51  ? 361 VAL A CG1 1 
ATOM   1037 C CG2 . VAL A 1 135 ? -0.064  -10.904 -5.046  1.00 50.73  ? 361 VAL A CG2 1 
ATOM   1038 N N   . LEU A 1 136 ? 1.346   -13.169 -7.496  1.00 63.47  ? 362 LEU A N   1 
ATOM   1039 C CA  . LEU A 1 136 ? 1.322   -13.462 -8.936  1.00 63.61  ? 362 LEU A CA  1 
ATOM   1040 C C   . LEU A 1 136 ? 2.557   -14.294 -9.246  1.00 63.95  ? 362 LEU A C   1 
ATOM   1041 O O   . LEU A 1 136 ? 3.674   -13.840 -9.010  1.00 68.34  ? 362 LEU A O   1 
ATOM   1042 C CB  . LEU A 1 136 ? 1.361   -12.173 -9.760  1.00 55.92  ? 362 LEU A CB  1 
ATOM   1043 C CG  . LEU A 1 136 ? 0.258   -11.121 -9.551  1.00 61.48  ? 362 LEU A CG  1 
ATOM   1044 C CD1 . LEU A 1 136 ? 0.607   -9.791  -10.240 1.00 57.23  ? 362 LEU A CD1 1 
ATOM   1045 C CD2 . LEU A 1 136 ? -1.100  -11.632 -10.025 1.00 66.67  ? 362 LEU A CD2 1 
ATOM   1046 N N   . GLU A 1 137 ? 2.383   -15.514 -9.745  1.00 66.68  ? 363 GLU A N   1 
ATOM   1047 C CA  . GLU A 1 137 ? 3.548   -16.378 -9.979  1.00 70.96  ? 363 GLU A CA  1 
ATOM   1048 C C   . GLU A 1 137 ? 4.260   -16.081 -11.301 1.00 64.01  ? 363 GLU A C   1 
ATOM   1049 O O   . GLU A 1 137 ? 3.644   -15.621 -12.265 1.00 63.31  ? 363 GLU A O   1 
ATOM   1050 C CB  . GLU A 1 137 ? 3.189   -17.862 -9.866  1.00 70.30  ? 363 GLU A CB  1 
ATOM   1051 C CG  . GLU A 1 137 ? 2.339   -18.405 -10.998 1.00 77.14  ? 363 GLU A CG  1 
ATOM   1052 C CD  . GLU A 1 137 ? 1.782   -19.791 -10.674 1.00 95.33  ? 363 GLU A CD  1 
ATOM   1053 O OE1 . GLU A 1 137 ? 2.175   -20.367 -9.622  1.00 90.56  ? 363 GLU A OE1 1 
ATOM   1054 O OE2 . GLU A 1 137 ? 0.945   -20.297 -11.467 1.00 94.69  ? 363 GLU A OE2 1 
ATOM   1055 N N   . GLY A 1 138 ? 5.566   -16.330 -11.330 1.00 61.27  ? 364 GLY A N   1 
ATOM   1056 C CA  . GLY A 1 138 ? 6.347   -16.058 -12.527 1.00 59.78  ? 364 GLY A CA  1 
ATOM   1057 C C   . GLY A 1 138 ? 7.748   -15.548 -12.241 1.00 60.52  ? 364 GLY A C   1 
ATOM   1058 O O   . GLY A 1 138 ? 8.642   -15.664 -13.085 1.00 59.00  ? 364 GLY A O   1 
ATOM   1059 N N   . GLY A 1 139 ? 7.943   -14.995 -11.047 1.00 56.26  ? 365 GLY A N   1 
ATOM   1060 C CA  . GLY A 1 139 ? 9.204   -14.384 -10.688 1.00 50.45  ? 365 GLY A CA  1 
ATOM   1061 C C   . GLY A 1 139 ? 9.849   -14.921 -9.428  1.00 57.96  ? 365 GLY A C   1 
ATOM   1062 O O   . GLY A 1 139 ? 9.568   -16.031 -8.963  1.00 61.27  ? 365 GLY A O   1 
ATOM   1063 N N   . ASN A 1 140 ? 10.727  -14.101 -8.871  1.00 57.95  ? 366 ASN A N   1 
ATOM   1064 C CA  . ASN A 1 140 ? 11.514  -14.445 -7.701  1.00 54.17  ? 366 ASN A CA  1 
ATOM   1065 C C   . ASN A 1 140 ? 11.535  -13.179 -6.860  1.00 55.07  ? 366 ASN A C   1 
ATOM   1066 O O   . ASN A 1 140 ? 12.510  -12.426 -6.878  1.00 49.68  ? 366 ASN A O   1 
ATOM   1067 C CB  . ASN A 1 140 ? 12.920  -14.818 -8.152  1.00 55.76  ? 366 ASN A CB  1 
ATOM   1068 C CG  . ASN A 1 140 ? 13.725  -15.525 -7.084  1.00 67.09  ? 366 ASN A CG  1 
ATOM   1069 O OD1 . ASN A 1 140 ? 13.373  -15.530 -5.888  1.00 65.62  ? 366 ASN A OD1 1 
ATOM   1070 N ND2 . ASN A 1 140 ? 14.842  -16.122 -7.512  1.00 67.68  ? 366 ASN A ND2 1 
ATOM   1071 N N   . VAL A 1 141 ? 10.441  -12.944 -6.137  1.00 54.64  ? 367 VAL A N   1 
ATOM   1072 C CA  . VAL A 1 141 ? 10.152  -11.632 -5.567  1.00 49.25  ? 367 VAL A CA  1 
ATOM   1073 C C   . VAL A 1 141 ? 11.115  -11.221 -4.469  1.00 52.85  ? 367 VAL A C   1 
ATOM   1074 O O   . VAL A 1 141 ? 11.188  -10.041 -4.119  1.00 53.46  ? 367 VAL A O   1 
ATOM   1075 C CB  . VAL A 1 141 ? 8.719   -11.561 -5.042  1.00 52.78  ? 367 VAL A CB  1 
ATOM   1076 C CG1 . VAL A 1 141 ? 7.768   -12.010 -6.125  1.00 48.98  ? 367 VAL A CG1 1 
ATOM   1077 C CG2 . VAL A 1 141 ? 8.558   -12.438 -3.794  1.00 45.70  ? 367 VAL A CG2 1 
ATOM   1078 N N   . GLU A 1 142 ? 11.867  -12.176 -3.929  1.00 49.66  ? 368 GLU A N   1 
ATOM   1079 C CA  . GLU A 1 142 ? 12.844  -11.825 -2.911  1.00 53.71  ? 368 GLU A CA  1 
ATOM   1080 C C   . GLU A 1 142 ? 14.066  -11.139 -3.497  1.00 54.76  ? 368 GLU A C   1 
ATOM   1081 O O   . GLU A 1 142 ? 14.771  -10.426 -2.780  1.00 55.61  ? 368 GLU A O   1 
ATOM   1082 C CB  . GLU A 1 142 ? 13.249  -13.043 -2.077  1.00 62.65  ? 368 GLU A CB  1 
ATOM   1083 C CG  . GLU A 1 142 ? 12.271  -13.360 -0.923  1.00 73.35  ? 368 GLU A CG  1 
ATOM   1084 C CD  . GLU A 1 142 ? 12.238  -12.284 0.192   1.00 80.35  ? 368 GLU A CD  1 
ATOM   1085 O OE1 . GLU A 1 142 ? 13.252  -11.571 0.403   1.00 80.24  ? 368 GLU A OE1 1 
ATOM   1086 O OE2 . GLU A 1 142 ? 11.185  -12.157 0.864   1.00 78.87  ? 368 GLU A OE2 1 
ATOM   1087 N N   . GLU A 1 143 ? 14.296  -11.337 -4.796  1.00 49.97  ? 369 GLU A N   1 
ATOM   1088 C CA  . GLU A 1 143 ? 15.486  -10.805 -5.459  1.00 50.83  ? 369 GLU A CA  1 
ATOM   1089 C C   . GLU A 1 143 ? 15.174  -9.641  -6.417  1.00 50.06  ? 369 GLU A C   1 
ATOM   1090 O O   . GLU A 1 143 ? 16.017  -8.779  -6.657  1.00 49.69  ? 369 GLU A O   1 
ATOM   1091 C CB  . GLU A 1 143 ? 16.249  -11.915 -6.189  1.00 46.29  ? 369 GLU A CB  1 
ATOM   1092 C CG  . GLU A 1 143 ? 16.824  -13.020 -5.308  1.00 47.81  ? 369 GLU A CG  1 
ATOM   1093 C CD  . GLU A 1 143 ? 17.701  -12.525 -4.147  1.00 63.42  ? 369 GLU A CD  1 
ATOM   1094 O OE1 . GLU A 1 143 ? 18.342  -11.443 -4.254  1.00 58.06  ? 369 GLU A OE1 1 
ATOM   1095 O OE2 . GLU A 1 143 ? 17.741  -13.236 -3.102  1.00 68.81  ? 369 GLU A OE2 1 
ATOM   1096 N N   . ALA A 1 144 ? 13.963  -9.627  -6.962  1.00 50.15  ? 370 ALA A N   1 
ATOM   1097 C CA  . ALA A 1 144 ? 13.492  -8.530  -7.805  1.00 47.52  ? 370 ALA A CA  1 
ATOM   1098 C C   . ALA A 1 144 ? 11.962  -8.498  -7.778  1.00 50.54  ? 370 ALA A C   1 
ATOM   1099 O O   . ALA A 1 144 ? 11.316  -9.547  -7.743  1.00 50.44  ? 370 ALA A O   1 
ATOM   1100 C CB  . ALA A 1 144 ? 13.994  -8.691  -9.217  1.00 49.73  ? 370 ALA A CB  1 
ATOM   1101 N N   . ALA A 1 145 ? 11.380  -7.303  -7.750  1.00 50.50  ? 371 ALA A N   1 
ATOM   1102 C CA  . ALA A 1 145 ? 9.936   -7.169  -7.923  1.00 50.35  ? 371 ALA A CA  1 
ATOM   1103 C C   . ALA A 1 145 ? 9.542   -7.869  -9.216  1.00 52.85  ? 371 ALA A C   1 
ATOM   1104 O O   . ALA A 1 145 ? 10.242  -7.764  -10.235 1.00 50.44  ? 371 ALA A O   1 
ATOM   1105 C CB  . ALA A 1 145 ? 9.531   -5.698  -7.996  1.00 49.58  ? 371 ALA A CB  1 
ATOM   1106 N N   . TYR A 1 146 ? 8.436   -8.599  -9.174  1.00 52.93  ? 372 TYR A N   1 
ATOM   1107 C CA  . TYR A 1 146 ? 7.908   -9.209  -10.386 1.00 53.27  ? 372 TYR A CA  1 
ATOM   1108 C C   . TYR A 1 146 ? 6.710   -8.395  -10.881 1.00 54.79  ? 372 TYR A C   1 
ATOM   1109 O O   . TYR A 1 146 ? 5.582   -8.528  -10.391 1.00 51.30  ? 372 TYR A O   1 
ATOM   1110 C CB  . TYR A 1 146 ? 7.554   -10.683 -10.170 1.00 51.97  ? 372 TYR A CB  1 
ATOM   1111 C CG  . TYR A 1 146 ? 6.995   -11.329 -11.416 1.00 59.35  ? 372 TYR A CG  1 
ATOM   1112 C CD1 . TYR A 1 146 ? 7.807   -11.550 -12.536 1.00 59.01  ? 372 TYR A CD1 1 
ATOM   1113 C CD2 . TYR A 1 146 ? 5.655   -11.707 -11.486 1.00 58.66  ? 372 TYR A CD2 1 
ATOM   1114 C CE1 . TYR A 1 146 ? 7.301   -12.138 -13.684 1.00 59.65  ? 372 TYR A CE1 1 
ATOM   1115 C CE2 . TYR A 1 146 ? 5.135   -12.293 -12.638 1.00 64.89  ? 372 TYR A CE2 1 
ATOM   1116 C CZ  . TYR A 1 146 ? 5.965   -12.506 -13.732 1.00 64.93  ? 372 TYR A CZ  1 
ATOM   1117 O OH  . TYR A 1 146 ? 5.457   -13.085 -14.869 1.00 66.96  ? 372 TYR A OH  1 
ATOM   1118 N N   . THR A 1 147 ? 6.979   -7.540  -11.855 1.00 49.16  ? 373 THR A N   1 
ATOM   1119 C CA  . THR A 1 147 ? 6.020   -6.539  -12.266 1.00 54.84  ? 373 THR A CA  1 
ATOM   1120 C C   . THR A 1 147 ? 5.182   -6.951  -13.471 1.00 58.35  ? 373 THR A C   1 
ATOM   1121 O O   . THR A 1 147 ? 4.659   -6.100  -14.174 1.00 58.31  ? 373 THR A O   1 
ATOM   1122 C CB  . THR A 1 147 ? 6.733   -5.206  -12.572 1.00 60.97  ? 373 THR A CB  1 
ATOM   1123 O OG1 . THR A 1 147 ? 7.623   -5.366  -13.687 1.00 66.52  ? 373 THR A OG1 1 
ATOM   1124 C CG2 . THR A 1 147 ? 7.521   -4.751  -11.360 1.00 58.28  ? 373 THR A CG2 1 
ATOM   1125 N N   . GLU A 1 148 ? 5.044   -8.249  -13.704 1.00 58.18  ? 374 GLU A N   1 
ATOM   1126 C CA  . GLU A 1 148 ? 4.258   -8.724  -14.837 1.00 63.40  ? 374 GLU A CA  1 
ATOM   1127 C C   . GLU A 1 148 ? 3.073   -9.552  -14.362 1.00 63.55  ? 374 GLU A C   1 
ATOM   1128 O O   . GLU A 1 148 ? 2.966   -9.869  -13.185 1.00 67.31  ? 374 GLU A O   1 
ATOM   1129 C CB  . GLU A 1 148 ? 5.137   -9.529  -15.806 1.00 59.79  ? 374 GLU A CB  1 
ATOM   1130 C CG  . GLU A 1 148 ? 6.201   -8.689  -16.476 1.00 60.99  ? 374 GLU A CG  1 
ATOM   1131 C CD  . GLU A 1 148 ? 5.591   -7.540  -17.271 1.00 78.05  ? 374 GLU A CD  1 
ATOM   1132 O OE1 . GLU A 1 148 ? 4.531   -7.768  -17.909 1.00 78.37  ? 374 GLU A OE1 1 
ATOM   1133 O OE2 . GLU A 1 148 ? 6.152   -6.412  -17.246 1.00 75.25  ? 374 GLU A OE2 1 
ATOM   1134 N N   . ASP A 1 149 ? 2.184   -9.903  -15.281 1.00 68.37  ? 375 ASP A N   1 
ATOM   1135 C CA  . ASP A 1 149 ? 1.032   -10.743 -14.957 1.00 70.34  ? 375 ASP A CA  1 
ATOM   1136 C C   . ASP A 1 149 ? 1.412   -12.217 -14.761 1.00 68.64  ? 375 ASP A C   1 
ATOM   1137 O O   . ASP A 1 149 ? 2.401   -12.699 -15.313 1.00 70.73  ? 375 ASP A O   1 
ATOM   1138 C CB  . ASP A 1 149 ? -0.046  -10.609 -16.042 1.00 79.11  ? 375 ASP A CB  1 
ATOM   1139 C CG  . ASP A 1 149 ? -0.920  -9.367  -15.856 1.00 86.38  ? 375 ASP A CG  1 
ATOM   1140 O OD1 . ASP A 1 149 ? -1.336  -9.109  -14.702 1.00 83.80  ? 375 ASP A OD1 1 
ATOM   1141 O OD2 . ASP A 1 149 ? -1.197  -8.658  -16.859 1.00 86.67  ? 375 ASP A OD2 1 
ATOM   1142 N N   . GLY A 1 150 ? 0.614   -12.920 -13.966 1.00 68.25  ? 376 GLY A N   1 
ATOM   1143 C CA  . GLY A 1 150 ? 0.823   -14.328 -13.683 1.00 63.16  ? 376 GLY A CA  1 
ATOM   1144 C C   . GLY A 1 150 ? -0.411  -14.843 -12.970 1.00 69.46  ? 376 GLY A C   1 
ATOM   1145 O O   . GLY A 1 150 ? -1.278  -14.050 -12.580 1.00 71.68  ? 376 GLY A O   1 
ATOM   1146 N N   . LEU A 1 151 ? -0.509  -16.158 -12.800 1.00 70.01  ? 377 LEU A N   1 
ATOM   1147 C CA  . LEU A 1 151 ? -1.638  -16.729 -12.067 1.00 71.92  ? 377 LEU A CA  1 
ATOM   1148 C C   . LEU A 1 151 ? -1.486  -16.483 -10.563 1.00 70.20  ? 377 LEU A C   1 
ATOM   1149 O O   . LEU A 1 151 ? -0.369  -16.469 -10.043 1.00 68.85  ? 377 LEU A O   1 
ATOM   1150 C CB  . LEU A 1 151 ? -1.793  -18.231 -12.359 1.00 71.26  ? 377 LEU A CB  1 
ATOM   1151 C CG  . LEU A 1 151 ? -2.169  -18.667 -13.785 1.00 76.10  ? 377 LEU A CG  1 
ATOM   1152 C CD1 . LEU A 1 151 ? -2.409  -20.171 -13.814 1.00 76.30  ? 377 LEU A CD1 1 
ATOM   1153 C CD2 . LEU A 1 151 ? -3.383  -17.912 -14.348 1.00 67.42  ? 377 LEU A CD2 1 
ATOM   1154 N N   . HIS A 1 152 ? -2.604  -16.307 -9.862  1.00 64.02  ? 378 HIS A N   1 
ATOM   1155 C CA  . HIS A 1 152 ? -2.546  -15.938 -8.456  1.00 60.66  ? 378 HIS A CA  1 
ATOM   1156 C C   . HIS A 1 152 ? -2.186  -17.075 -7.527  1.00 63.64  ? 378 HIS A C   1 
ATOM   1157 O O   . HIS A 1 152 ? -2.569  -18.213 -7.758  1.00 74.21  ? 378 HIS A O   1 
ATOM   1158 C CB  . HIS A 1 152 ? -3.847  -15.283 -8.025  1.00 62.14  ? 378 HIS A CB  1 
ATOM   1159 C CG  . HIS A 1 152 ? -4.095  -13.979 -8.704  1.00 64.00  ? 378 HIS A CG  1 
ATOM   1160 N ND1 . HIS A 1 152 ? -4.342  -13.884 -10.057 1.00 71.86  ? 378 HIS A ND1 1 
ATOM   1161 C CD2 . HIS A 1 152 ? -4.087  -12.711 -8.232  1.00 61.52  ? 378 HIS A CD2 1 
ATOM   1162 C CE1 . HIS A 1 152 ? -4.500  -12.614 -10.387 1.00 69.74  ? 378 HIS A CE1 1 
ATOM   1163 N NE2 . HIS A 1 152 ? -4.345  -11.881 -9.297  1.00 69.26  ? 378 HIS A NE2 1 
ATOM   1164 N N   . VAL A 1 153 ? -1.424  -16.756 -6.487  1.00 55.55  ? 379 VAL A N   1 
ATOM   1165 C CA  . VAL A 1 153 ? -1.091  -17.713 -5.447  1.00 59.89  ? 379 VAL A CA  1 
ATOM   1166 C C   . VAL A 1 153 ? -1.142  -16.979 -4.106  1.00 61.57  ? 379 VAL A C   1 
ATOM   1167 O O   . VAL A 1 153 ? -1.204  -15.750 -4.074  1.00 60.97  ? 379 VAL A O   1 
ATOM   1168 C CB  . VAL A 1 153 ? 0.304   -18.345 -5.670  1.00 61.19  ? 379 VAL A CB  1 
ATOM   1169 C CG1 . VAL A 1 153 ? 0.335   -19.076 -6.994  1.00 69.70  ? 379 VAL A CG1 1 
ATOM   1170 C CG2 . VAL A 1 153 ? 1.396   -17.284 -5.624  1.00 56.27  ? 379 VAL A CG2 1 
ATOM   1171 N N   . ASN A 1 154 ? -1.123  -17.724 -3.006  1.00 61.25  ? 380 ASN A N   1 
ATOM   1172 C CA  . ASN A 1 154 ? -1.243  -17.131 -1.671  1.00 62.33  ? 380 ASN A CA  1 
ATOM   1173 C C   . ASN A 1 154 ? -2.432  -16.171 -1.520  1.00 62.96  ? 380 ASN A C   1 
ATOM   1174 O O   . ASN A 1 154 ? -2.414  -15.254 -0.699  1.00 62.46  ? 380 ASN A O   1 
ATOM   1175 C CB  . ASN A 1 154 ? 0.055   -16.426 -1.305  1.00 61.83  ? 380 ASN A CB  1 
ATOM   1176 C CG  . ASN A 1 154 ? 1.225   -17.376 -1.262  1.00 64.63  ? 380 ASN A CG  1 
ATOM   1177 O OD1 . ASN A 1 154 ? 1.170   -18.401 -0.580  1.00 66.47  ? 380 ASN A OD1 1 
ATOM   1178 N ND2 . ASN A 1 154 ? 2.286   -17.055 -1.998  1.00 59.59  ? 380 ASN A ND2 1 
ATOM   1179 N N   . SER A 1 155 ? -3.471  -16.397 -2.310  1.00 60.90  ? 381 SER A N   1 
ATOM   1180 C CA  . SER A 1 155 ? -4.590  -15.475 -2.378  1.00 61.19  ? 381 SER A CA  1 
ATOM   1181 C C   . SER A 1 155 ? -5.936  -16.155 -2.158  1.00 62.12  ? 381 SER A C   1 
ATOM   1182 O O   . SER A 1 155 ? -6.929  -15.750 -2.771  1.00 61.56  ? 381 SER A O   1 
ATOM   1183 C CB  . SER A 1 155 ? -4.602  -14.764 -3.739  1.00 60.77  ? 381 SER A CB  1 
ATOM   1184 O OG  . SER A 1 155 ? -3.532  -13.844 -3.844  1.00 59.17  ? 381 SER A OG  1 
ATOM   1185 N N   . ASP A 1 156 ? -5.974  -17.179 -1.299  1.00 65.78  ? 382 ASP A N   1 
ATOM   1186 C CA  . ASP A 1 156 ? -7.242  -17.804 -0.925  1.00 66.51  ? 382 ASP A CA  1 
ATOM   1187 C C   . ASP A 1 156 ? -8.111  -18.078 -2.165  1.00 68.37  ? 382 ASP A C   1 
ATOM   1188 O O   . ASP A 1 156 ? -7.710  -18.798 -3.091  1.00 63.72  ? 382 ASP A O   1 
ATOM   1189 C CB  . ASP A 1 156 ? -8.003  -16.886 0.049   1.00 68.97  ? 382 ASP A CB  1 
ATOM   1190 C CG  . ASP A 1 156 ? -9.058  -17.637 0.908   1.00 89.46  ? 382 ASP A CG  1 
ATOM   1191 O OD1 . ASP A 1 156 ? -9.432  -18.797 0.570   1.00 82.74  ? 382 ASP A OD1 1 
ATOM   1192 O OD2 . ASP A 1 156 ? -9.522  -17.043 1.927   1.00 77.54  ? 382 ASP A OD2 1 
ATOM   1193 N N   . PHE A 1 157 ? -9.295  -17.473 -2.185  1.00 70.56  ? 383 PHE A N   1 
ATOM   1194 C CA  . PHE A 1 157 ? -10.261 -17.725 -3.252  1.00 70.60  ? 383 PHE A CA  1 
ATOM   1195 C C   . PHE A 1 157 ? -9.840  -17.180 -4.616  1.00 67.37  ? 383 PHE A C   1 
ATOM   1196 O O   . PHE A 1 157 ? -10.562 -17.339 -5.603  1.00 68.03  ? 383 PHE A O   1 
ATOM   1197 C CB  . PHE A 1 157 ? -11.647 -17.201 -2.862  1.00 69.20  ? 383 PHE A CB  1 
ATOM   1198 C CG  . PHE A 1 157 ? -11.714 -15.711 -2.684  1.00 66.60  ? 383 PHE A CG  1 
ATOM   1199 C CD1 . PHE A 1 157 ? -12.368 -14.920 -3.608  1.00 71.74  ? 383 PHE A CD1 1 
ATOM   1200 C CD2 . PHE A 1 157 ? -11.143 -15.104 -1.586  1.00 68.70  ? 383 PHE A CD2 1 
ATOM   1201 C CE1 . PHE A 1 157 ? -12.444 -13.547 -3.443  1.00 69.21  ? 383 PHE A CE1 1 
ATOM   1202 C CE2 . PHE A 1 157 ? -11.213 -13.738 -1.419  1.00 63.99  ? 383 PHE A CE2 1 
ATOM   1203 C CZ  . PHE A 1 157 ? -11.863 -12.960 -2.349  1.00 61.94  ? 383 PHE A CZ  1 
ATOM   1204 N N   . LEU A 1 158 ? -8.676  -16.548 -4.679  1.00 65.31  ? 384 LEU A N   1 
ATOM   1205 C CA  . LEU A 1 158 ? -8.207  -15.996 -5.945  1.00 63.86  ? 384 LEU A CA  1 
ATOM   1206 C C   . LEU A 1 158 ? -7.187  -16.910 -6.605  1.00 63.73  ? 384 LEU A C   1 
ATOM   1207 O O   . LEU A 1 158 ? -6.855  -16.728 -7.774  1.00 62.02  ? 384 LEU A O   1 
ATOM   1208 C CB  . LEU A 1 158 ? -7.622  -14.595 -5.757  1.00 62.91  ? 384 LEU A CB  1 
ATOM   1209 C CG  . LEU A 1 158 ? -8.547  -13.460 -5.310  1.00 61.22  ? 384 LEU A CG  1 
ATOM   1210 C CD1 . LEU A 1 158 ? -7.798  -12.147 -5.378  1.00 59.55  ? 384 LEU A CD1 1 
ATOM   1211 C CD2 . LEU A 1 158 ? -9.800  -13.393 -6.157  1.00 61.20  ? 384 LEU A CD2 1 
ATOM   1212 N N   . ASP A 1 159 ? -6.707  -17.899 -5.853  1.00 65.29  ? 385 ASP A N   1 
ATOM   1213 C CA  . ASP A 1 159 ? -5.694  -18.832 -6.347  1.00 64.23  ? 385 ASP A CA  1 
ATOM   1214 C C   . ASP A 1 159 ? -6.077  -19.464 -7.676  1.00 68.39  ? 385 ASP A C   1 
ATOM   1215 O O   . ASP A 1 159 ? -7.184  -19.996 -7.831  1.00 67.43  ? 385 ASP A O   1 
ATOM   1216 C CB  . ASP A 1 159 ? -5.393  -19.914 -5.307  1.00 62.87  ? 385 ASP A CB  1 
ATOM   1217 C CG  . ASP A 1 159 ? -4.666  -19.360 -4.100  1.00 68.08  ? 385 ASP A CG  1 
ATOM   1218 O OD1 . ASP A 1 159 ? -4.015  -18.308 -4.275  1.00 65.16  ? 385 ASP A OD1 1 
ATOM   1219 O OD2 . ASP A 1 159 ? -4.741  -19.957 -2.989  1.00 69.30  ? 385 ASP A OD2 1 
ATOM   1220 N N   . GLY A 1 160 ? -5.150  -19.386 -8.630  1.00 69.93  ? 386 GLY A N   1 
ATOM   1221 C CA  . GLY A 1 160 ? -5.300  -20.023 -9.924  1.00 65.82  ? 386 GLY A CA  1 
ATOM   1222 C C   . GLY A 1 160 ? -5.940  -19.168 -11.007 1.00 73.47  ? 386 GLY A C   1 
ATOM   1223 O O   . GLY A 1 160 ? -5.993  -19.567 -12.180 1.00 74.46  ? 386 GLY A O   1 
ATOM   1224 N N   . LEU A 1 161 ? -6.434  -17.993 -10.636 1.00 67.16  ? 387 LEU A N   1 
ATOM   1225 C CA  . LEU A 1 161 ? -7.107  -17.141 -11.609 1.00 73.85  ? 387 LEU A CA  1 
ATOM   1226 C C   . LEU A 1 161 ? -6.129  -16.216 -12.325 1.00 75.73  ? 387 LEU A C   1 
ATOM   1227 O O   . LEU A 1 161 ? -4.998  -16.029 -11.878 1.00 72.63  ? 387 LEU A O   1 
ATOM   1228 C CB  . LEU A 1 161 ? -8.204  -16.319 -10.929 1.00 76.80  ? 387 LEU A CB  1 
ATOM   1229 C CG  . LEU A 1 161 ? -9.225  -17.119 -10.124 1.00 79.00  ? 387 LEU A CG  1 
ATOM   1230 C CD1 . LEU A 1 161 ? -10.194 -16.186 -9.400  1.00 74.77  ? 387 LEU A CD1 1 
ATOM   1231 C CD2 . LEU A 1 161 ? -9.966  -18.094 -11.041 1.00 79.01  ? 387 LEU A CD2 1 
ATOM   1232 N N   . ASN A 1 162 ? -6.569  -15.642 -13.439 1.00 79.34  ? 388 ASN A N   1 
ATOM   1233 C CA  . ASN A 1 162 ? -5.772  -14.636 -14.127 1.00 81.49  ? 388 ASN A CA  1 
ATOM   1234 C C   . ASN A 1 162 ? -6.184  -13.229 -13.679 1.00 82.03  ? 388 ASN A C   1 
ATOM   1235 O O   . ASN A 1 162 ? -7.035  -13.085 -12.806 1.00 79.90  ? 388 ASN A O   1 
ATOM   1236 C CB  . ASN A 1 162 ? -5.851  -14.804 -15.658 1.00 83.69  ? 388 ASN A CB  1 
ATOM   1237 C CG  . ASN A 1 162 ? -7.265  -14.630 -16.209 1.00 88.40  ? 388 ASN A CG  1 
ATOM   1238 O OD1 . ASN A 1 162 ? -8.100  -13.954 -15.612 1.00 88.44  ? 388 ASN A OD1 1 
ATOM   1239 N ND2 . ASN A 1 162 ? -7.528  -15.231 -17.368 1.00 92.09  ? 388 ASN A ND2 1 
ATOM   1240 N N   . LYS A 1 163 ? -5.577  -12.206 -14.276 1.00 81.60  ? 389 LYS A N   1 
ATOM   1241 C CA  . LYS A 1 163 ? -5.850  -10.816 -13.920 1.00 77.34  ? 389 LYS A CA  1 
ATOM   1242 C C   . LYS A 1 163 ? -7.333  -10.452 -14.023 1.00 80.64  ? 389 LYS A C   1 
ATOM   1243 O O   . LYS A 1 163 ? -7.921  -9.972  -13.057 1.00 81.95  ? 389 LYS A O   1 
ATOM   1244 C CB  . LYS A 1 163 ? -4.993  -9.869  -14.777 1.00 75.61  ? 389 LYS A CB  1 
ATOM   1245 C CG  . LYS A 1 163 ? -5.460  -8.409  -14.819 1.00 75.98  ? 389 LYS A CG  1 
ATOM   1246 C CD  . LYS A 1 163 ? -4.480  -7.530  -15.609 1.00 76.72  ? 389 LYS A CD  1 
ATOM   1247 C CE  . LYS A 1 163 ? -4.997  -6.106  -15.801 1.00 75.51  ? 389 LYS A CE  1 
ATOM   1248 N NZ  . LYS A 1 163 ? -3.971  -5.216  -16.429 1.00 74.92  ? 389 LYS A NZ  1 
ATOM   1249 N N   . GLU A 1 164 ? -7.928  -10.681 -15.192 1.00 86.47  ? 390 GLU A N   1 
ATOM   1250 C CA  . GLU A 1 164 ? -9.328  -10.328 -15.453 1.00 84.62  ? 390 GLU A CA  1 
ATOM   1251 C C   . GLU A 1 164 ? -10.302 -11.012 -14.492 1.00 83.10  ? 390 GLU A C   1 
ATOM   1252 O O   . GLU A 1 164 ? -11.256 -10.390 -14.010 1.00 78.06  ? 390 GLU A O   1 
ATOM   1253 C CB  . GLU A 1 164 ? -9.717  -10.671 -16.902 1.00 85.02  ? 390 GLU A CB  1 
ATOM   1254 C CG  . GLU A 1 164 ? -8.998  -9.852  -17.985 1.00 100.59 ? 390 GLU A CG  1 
ATOM   1255 C CD  . GLU A 1 164 ? -7.606  -10.396 -18.347 1.00 103.57 ? 390 GLU A CD  1 
ATOM   1256 O OE1 . GLU A 1 164 ? -7.218  -11.478 -17.839 1.00 97.39  ? 390 GLU A OE1 1 
ATOM   1257 O OE2 . GLU A 1 164 ? -6.900  -9.735  -19.148 1.00 103.38 ? 390 GLU A OE2 1 
ATOM   1258 N N   . ASP A 1 165 ? -10.061 -12.295 -14.229 1.00 79.65  ? 391 ASP A N   1 
ATOM   1259 C CA  . ASP A 1 165 ? -10.927 -13.090 -13.367 1.00 81.15  ? 391 ASP A CA  1 
ATOM   1260 C C   . ASP A 1 165 ? -10.856 -12.601 -11.918 1.00 81.20  ? 391 ASP A C   1 
ATOM   1261 O O   . ASP A 1 165 ? -11.872 -12.227 -11.316 1.00 77.11  ? 391 ASP A O   1 
ATOM   1262 C CB  . ASP A 1 165 ? -10.550 -14.580 -13.446 1.00 85.67  ? 391 ASP A CB  1 
ATOM   1263 C CG  . ASP A 1 165 ? -10.834 -15.200 -14.827 1.00 96.52  ? 391 ASP A CG  1 
ATOM   1264 O OD1 . ASP A 1 165 ? -11.668 -14.633 -15.584 1.00 87.19  ? 391 ASP A OD1 1 
ATOM   1265 O OD2 . ASP A 1 165 ? -10.224 -16.259 -15.145 1.00 91.73  ? 391 ASP A OD2 1 
ATOM   1266 N N   . ALA A 1 166 ? -9.642  -12.599 -11.372 1.00 81.79  ? 392 ALA A N   1 
ATOM   1267 C CA  . ALA A 1 166 ? -9.400  -12.169 -10.000 1.00 75.49  ? 392 ALA A CA  1 
ATOM   1268 C C   . ALA A 1 166 ? -9.915  -10.757 -9.731  1.00 73.82  ? 392 ALA A C   1 
ATOM   1269 O O   . ALA A 1 166 ? -10.524 -10.502 -8.686  1.00 69.78  ? 392 ALA A O   1 
ATOM   1270 C CB  . ALA A 1 166 ? -7.921  -12.269 -9.664  1.00 66.96  ? 392 ALA A CB  1 
ATOM   1271 N N   . ILE A 1 167 ? -9.672  -9.838  -10.659 1.00 66.35  ? 393 ILE A N   1 
ATOM   1272 C CA  . ILE A 1 167 ? -10.168 -8.491  -10.460 1.00 66.73  ? 393 ILE A CA  1 
ATOM   1273 C C   . ILE A 1 167 ? -11.691 -8.520  -10.301 1.00 73.64  ? 393 ILE A C   1 
ATOM   1274 O O   . ILE A 1 167 ? -12.262 -7.818  -9.459  1.00 72.34  ? 393 ILE A O   1 
ATOM   1275 C CB  . ILE A 1 167 ? -9.738  -7.542  -11.579 1.00 66.48  ? 393 ILE A CB  1 
ATOM   1276 C CG1 . ILE A 1 167 ? -8.230  -7.287  -11.489 1.00 65.59  ? 393 ILE A CG1 1 
ATOM   1277 C CG2 . ILE A 1 167 ? -10.497 -6.228  -11.481 1.00 66.29  ? 393 ILE A CG2 1 
ATOM   1278 C CD1 . ILE A 1 167 ? -7.746  -6.105  -12.306 1.00 57.05  ? 393 ILE A CD1 1 
ATOM   1279 N N   . ALA A 1 168 ? -12.353 -9.357  -11.089 1.00 73.17  ? 394 ALA A N   1 
ATOM   1280 C CA  . ALA A 1 168 ? -13.800 -9.468  -10.974 1.00 77.26  ? 394 ALA A CA  1 
ATOM   1281 C C   . ALA A 1 168 ? -14.232 -9.979  -9.586  1.00 70.07  ? 394 ALA A C   1 
ATOM   1282 O O   . ALA A 1 168 ? -15.095 -9.383  -8.938  1.00 67.85  ? 394 ALA A O   1 
ATOM   1283 C CB  . ALA A 1 168 ? -14.363 -10.353 -12.085 1.00 67.46  ? 394 ALA A CB  1 
ATOM   1284 N N   . LYS A 1 169 ? -13.631 -11.075 -9.135  1.00 63.25  ? 395 LYS A N   1 
ATOM   1285 C CA  . LYS A 1 169 ? -14.048 -11.703 -7.886  1.00 66.48  ? 395 LYS A CA  1 
ATOM   1286 C C   . LYS A 1 169 ? -13.742 -10.846 -6.657  1.00 71.20  ? 395 LYS A C   1 
ATOM   1287 O O   . LYS A 1 169 ? -14.569 -10.705 -5.747  1.00 69.02  ? 395 LYS A O   1 
ATOM   1288 C CB  . LYS A 1 169 ? -13.429 -13.099 -7.741  1.00 68.81  ? 395 LYS A CB  1 
ATOM   1289 C CG  . LYS A 1 169 ? -14.373 -14.227 -8.155  1.00 79.07  ? 395 LYS A CG  1 
ATOM   1290 C CD  . LYS A 1 169 ? -13.688 -15.591 -8.136  1.00 84.03  ? 395 LYS A CD  1 
ATOM   1291 C CE  . LYS A 1 169 ? -13.343 -16.043 -6.718  1.00 82.29  ? 395 LYS A CE  1 
ATOM   1292 N NZ  . LYS A 1 169 ? -14.232 -17.145 -6.216  1.00 84.68  ? 395 LYS A NZ  1 
ATOM   1293 N N   . ILE A 1 170 ? -12.550 -10.269 -6.636  1.00 68.04  ? 396 ILE A N   1 
ATOM   1294 C CA  . ILE A 1 170 ? -12.152 -9.450  -5.516  1.00 62.67  ? 396 ILE A CA  1 
ATOM   1295 C C   . ILE A 1 170 ? -13.083 -8.248  -5.381  1.00 68.32  ? 396 ILE A C   1 
ATOM   1296 O O   . ILE A 1 170 ? -13.487 -7.882  -4.276  1.00 71.88  ? 396 ILE A O   1 
ATOM   1297 C CB  . ILE A 1 170 ? -10.682 -9.000  -5.640  1.00 65.23  ? 396 ILE A CB  1 
ATOM   1298 C CG1 . ILE A 1 170 ? -10.182 -8.514  -4.284  1.00 62.80  ? 396 ILE A CG1 1 
ATOM   1299 C CG2 . ILE A 1 170 ? -10.509 -7.939  -6.735  1.00 56.55  ? 396 ILE A CG2 1 
ATOM   1300 C CD1 . ILE A 1 170 ? -10.357 -9.539  -3.192  1.00 62.56  ? 396 ILE A CD1 1 
ATOM   1301 N N   . VAL A 1 171 ? -13.435 -7.650  -6.513  1.00 67.23  ? 397 VAL A N   1 
ATOM   1302 C CA  . VAL A 1 171 ? -14.266 -6.451  -6.526  1.00 69.36  ? 397 VAL A CA  1 
ATOM   1303 C C   . VAL A 1 171 ? -15.675 -6.735  -6.018  1.00 72.47  ? 397 VAL A C   1 
ATOM   1304 O O   . VAL A 1 171 ? -16.255 -5.927  -5.298  1.00 72.23  ? 397 VAL A O   1 
ATOM   1305 C CB  . VAL A 1 171 ? -14.347 -5.844  -7.938  1.00 72.29  ? 397 VAL A CB  1 
ATOM   1306 C CG1 . VAL A 1 171 ? -15.447 -4.798  -8.010  1.00 72.35  ? 397 VAL A CG1 1 
ATOM   1307 C CG2 . VAL A 1 171 ? -13.007 -5.239  -8.319  1.00 69.38  ? 397 VAL A CG2 1 
ATOM   1308 N N   . ALA A 1 172 ? -16.216 -7.886  -6.404  1.00 71.99  ? 398 ALA A N   1 
ATOM   1309 C CA  . ALA A 1 172 ? -17.525 -8.316  -5.940  1.00 71.35  ? 398 ALA A CA  1 
ATOM   1310 C C   . ALA A 1 172 ? -17.480 -8.508  -4.432  1.00 74.72  ? 398 ALA A C   1 
ATOM   1311 O O   . ALA A 1 172 ? -18.346 -8.023  -3.695  1.00 75.00  ? 398 ALA A O   1 
ATOM   1312 C CB  . ALA A 1 172 ? -17.925 -9.613  -6.627  1.00 67.20  ? 398 ALA A CB  1 
ATOM   1313 N N   . SER A 1 173 ? -16.453 -9.215  -3.979  1.00 73.69  ? 399 SER A N   1 
ATOM   1314 C CA  . SER A 1 173 ? -16.292 -9.496  -2.560  1.00 73.26  ? 399 SER A CA  1 
ATOM   1315 C C   . SER A 1 173 ? -16.268 -8.222  -1.709  1.00 70.81  ? 399 SER A C   1 
ATOM   1316 O O   . SER A 1 173 ? -16.737 -8.221  -0.574  1.00 75.55  ? 399 SER A O   1 
ATOM   1317 C CB  . SER A 1 173 ? -15.030 -10.325 -2.322  1.00 69.67  ? 399 SER A CB  1 
ATOM   1318 O OG  . SER A 1 173 ? -14.781 -10.455 -0.936  1.00 81.62  ? 399 SER A OG  1 
ATOM   1319 N N   . LEU A 1 174 ? -15.735 -7.142  -2.269  1.00 70.12  ? 400 LEU A N   1 
ATOM   1320 C CA  . LEU A 1 174 ? -15.617 -5.877  -1.549  1.00 72.78  ? 400 LEU A CA  1 
ATOM   1321 C C   . LEU A 1 174 ? -16.859 -5.001  -1.640  1.00 75.01  ? 400 LEU A C   1 
ATOM   1322 O O   . LEU A 1 174 ? -17.181 -4.299  -0.688  1.00 76.93  ? 400 LEU A O   1 
ATOM   1323 C CB  . LEU A 1 174 ? -14.425 -5.067  -2.062  1.00 68.64  ? 400 LEU A CB  1 
ATOM   1324 C CG  . LEU A 1 174 ? -13.036 -5.686  -1.978  1.00 65.88  ? 400 LEU A CG  1 
ATOM   1325 C CD1 . LEU A 1 174 ? -12.064 -4.798  -2.722  1.00 69.48  ? 400 LEU A CD1 1 
ATOM   1326 C CD2 . LEU A 1 174 ? -12.607 -5.857  -0.544  1.00 64.42  ? 400 LEU A CD2 1 
ATOM   1327 N N   . GLU A 1 175 ? -17.529 -5.000  -2.791  1.00 79.39  ? 401 GLU A N   1 
ATOM   1328 C CA  . GLU A 1 175 ? -18.706 -4.143  -2.972  1.00 85.31  ? 401 GLU A CA  1 
ATOM   1329 C C   . GLU A 1 175 ? -19.831 -4.643  -2.079  1.00 85.13  ? 401 GLU A C   1 
ATOM   1330 O O   . GLU A 1 175 ? -20.604 -3.856  -1.510  1.00 80.25  ? 401 GLU A O   1 
ATOM   1331 C CB  . GLU A 1 175 ? -19.167 -4.114  -4.433  1.00 75.98  ? 401 GLU A CB  1 
ATOM   1332 C CG  . GLU A 1 175 ? -18.465 -3.074  -5.296  1.00 86.63  ? 401 GLU A CG  1 
ATOM   1333 C CD  . GLU A 1 175 ? -19.194 -2.810  -6.621  1.00 102.32 ? 401 GLU A CD  1 
ATOM   1334 O OE1 . GLU A 1 175 ? -20.451 -2.775  -6.612  1.00 107.55 ? 401 GLU A OE1 1 
ATOM   1335 O OE2 . GLU A 1 175 ? -18.517 -2.637  -7.668  1.00 89.28  ? 401 GLU A OE2 1 
ATOM   1336 N N   . GLU A 1 176 ? -19.895 -5.968  -1.977  1.00 81.02  ? 402 GLU A N   1 
ATOM   1337 C CA  . GLU A 1 176 ? -20.833 -6.675  -1.120  1.00 83.00  ? 402 GLU A CA  1 
ATOM   1338 C C   . GLU A 1 176 ? -20.625 -6.312  0.365   1.00 86.28  ? 402 GLU A C   1 
ATOM   1339 O O   . GLU A 1 176 ? -21.587 -6.210  1.136   1.00 91.32  ? 402 GLU A O   1 
ATOM   1340 C CB  . GLU A 1 176 ? -20.680 -8.184  -1.366  1.00 85.09  ? 402 GLU A CB  1 
ATOM   1341 C CG  . GLU A 1 176 ? -21.650 -9.075  -0.612  1.00 99.82  ? 402 GLU A CG  1 
ATOM   1342 C CD  . GLU A 1 176 ? -21.263 -9.267  0.853   1.00 107.27 ? 402 GLU A CD  1 
ATOM   1343 O OE1 . GLU A 1 176 ? -20.041 -9.247  1.166   1.00 99.85  ? 402 GLU A OE1 1 
ATOM   1344 O OE2 . GLU A 1 176 ? -22.186 -9.435  1.689   1.00 105.81 ? 402 GLU A OE2 1 
ATOM   1345 N N   . LYS A 1 177 ? -19.370 -6.097  0.756   1.00 82.21  ? 403 LYS A N   1 
ATOM   1346 C CA  . LYS A 1 177 ? -19.037 -5.716  2.129   1.00 73.02  ? 403 LYS A CA  1 
ATOM   1347 C C   . LYS A 1 177 ? -19.100 -4.216  2.374   1.00 76.71  ? 403 LYS A C   1 
ATOM   1348 O O   . LYS A 1 177 ? -19.139 -3.778  3.524   1.00 71.89  ? 403 LYS A O   1 
ATOM   1349 C CB  . LYS A 1 177 ? -17.633 -6.192  2.485   1.00 71.94  ? 403 LYS A CB  1 
ATOM   1350 C CG  . LYS A 1 177 ? -17.557 -7.637  2.878   1.00 78.91  ? 403 LYS A CG  1 
ATOM   1351 C CD  . LYS A 1 177 ? -16.270 -7.919  3.628   1.00 75.22  ? 403 LYS A CD  1 
ATOM   1352 C CE  . LYS A 1 177 ? -15.085 -7.877  2.688   1.00 72.07  ? 403 LYS A CE  1 
ATOM   1353 N NZ  . LYS A 1 177 ? -14.116 -8.933  3.081   1.00 70.67  ? 403 LYS A NZ  1 
ATOM   1354 N N   . GLY A 1 178 ? -19.078 -3.427  1.300   1.00 74.59  ? 404 GLY A N   1 
ATOM   1355 C CA  . GLY A 1 178 ? -19.027 -1.977  1.419   1.00 72.78  ? 404 GLY A CA  1 
ATOM   1356 C C   . GLY A 1 178 ? -17.624 -1.446  1.696   1.00 77.11  ? 404 GLY A C   1 
ATOM   1357 O O   . GLY A 1 178 ? -17.455 -0.298  2.124   1.00 71.99  ? 404 GLY A O   1 
ATOM   1358 N N   . CYS A 1 179 ? -16.612 -2.277  1.454   1.00 74.79  ? 405 CYS A N   1 
ATOM   1359 C CA  . CYS A 1 179 ? -15.228 -1.893  1.732   1.00 77.22  ? 405 CYS A CA  1 
ATOM   1360 C C   . CYS A 1 179 ? -14.483 -1.528  0.448   1.00 77.23  ? 405 CYS A C   1 
ATOM   1361 O O   . CYS A 1 179 ? -13.258 -1.371  0.452   1.00 72.30  ? 405 CYS A O   1 
ATOM   1362 C CB  . CYS A 1 179 ? -14.488 -2.999  2.520   1.00 75.31  ? 405 CYS A CB  1 
ATOM   1363 S SG  . CYS A 1 179 ? -14.832 -3.028  4.342   1.00 92.04  ? 405 CYS A SG  1 
ATOM   1364 N N   . GLY A 1 180 ? -15.233 -1.380  -0.643  1.00 79.40  ? 406 GLY A N   1 
ATOM   1365 C CA  . GLY A 1 180 ? -14.649 -1.084  -1.943  1.00 75.88  ? 406 GLY A CA  1 
ATOM   1366 C C   . GLY A 1 180 ? -15.664 -0.839  -3.049  1.00 81.61  ? 406 GLY A C   1 
ATOM   1367 O O   . GLY A 1 180 ? -16.871 -0.961  -2.831  1.00 87.04  ? 406 GLY A O   1 
ATOM   1368 N N   . GLN A 1 181 ? -15.161 -0.483  -4.232  1.00 83.87  ? 407 GLN A N   1 
ATOM   1369 C CA  . GLN A 1 181 ? -15.973 -0.214  -5.423  1.00 84.55  ? 407 GLN A CA  1 
ATOM   1370 C C   . GLN A 1 181 ? -15.079 0.200   -6.598  1.00 85.55  ? 407 GLN A C   1 
ATOM   1371 O O   . GLN A 1 181 ? -14.082 0.904   -6.406  1.00 80.96  ? 407 GLN A O   1 
ATOM   1372 C CB  . GLN A 1 181 ? -16.999 0.893   -5.149  1.00 85.81  ? 407 GLN A CB  1 
ATOM   1373 C CG  . GLN A 1 181 ? -16.380 2.269   -4.906  1.00 93.82  ? 407 GLN A CG  1 
ATOM   1374 C CD  . GLN A 1 181 ? -17.419 3.374   -4.723  1.00 104.66 ? 407 GLN A CD  1 
ATOM   1375 O OE1 . GLN A 1 181 ? -18.625 3.146   -4.874  1.00 98.41  ? 407 GLN A OE1 1 
ATOM   1376 N NE2 . GLN A 1 181 ? -16.950 4.581   -4.396  1.00 98.77  ? 407 GLN A NE2 1 
ATOM   1377 N N   . GLU A 1 182 ? -15.435 -0.226  -7.811  1.00 88.10  ? 408 GLU A N   1 
ATOM   1378 C CA  . GLU A 1 182 ? -14.690 0.177   -9.007  1.00 90.03  ? 408 GLU A CA  1 
ATOM   1379 C C   . GLU A 1 182 ? -14.915 1.653   -9.348  1.00 85.75  ? 408 GLU A C   1 
ATOM   1380 O O   . GLU A 1 182 ? -16.036 2.149   -9.271  1.00 84.68  ? 408 GLU A O   1 
ATOM   1381 C CB  . GLU A 1 182 ? -15.030 -0.715  -10.207 1.00 92.96  ? 408 GLU A CB  1 
ATOM   1382 C CG  . GLU A 1 182 ? -16.471 -0.611  -10.703 1.00 104.37 ? 408 GLU A CG  1 
ATOM   1383 C CD  . GLU A 1 182 ? -16.675 -1.280  -12.066 1.00 112.35 ? 408 GLU A CD  1 
ATOM   1384 O OE1 . GLU A 1 182 ? -15.904 -2.216  -12.389 1.00 107.20 ? 408 GLU A OE1 1 
ATOM   1385 O OE2 . GLU A 1 182 ? -17.597 -0.863  -12.814 1.00 103.88 ? 408 GLU A OE2 1 
ATOM   1386 N N   . LYS A 1 183 ? -13.837 2.344   -9.716  1.00 86.16  ? 409 LYS A N   1 
ATOM   1387 C CA  . LYS A 1 183 ? -13.891 3.775   -10.018 1.00 94.05  ? 409 LYS A CA  1 
ATOM   1388 C C   . LYS A 1 183 ? -13.175 4.061   -11.345 1.00 98.43  ? 409 LYS A C   1 
ATOM   1389 O O   . LYS A 1 183 ? -12.224 3.362   -11.699 1.00 99.73  ? 409 LYS A O   1 
ATOM   1390 C CB  . LYS A 1 183 ? -13.274 4.592   -8.866  1.00 90.59  ? 409 LYS A CB  1 
ATOM   1391 C CG  . LYS A 1 183 ? -13.519 6.109   -8.942  1.00 98.28  ? 409 LYS A CG  1 
ATOM   1392 C CD  . LYS A 1 183 ? -13.250 6.804   -7.596  1.00 95.18  ? 409 LYS A CD  1 
ATOM   1393 C CE  . LYS A 1 183 ? -13.448 8.326   -7.663  1.00 97.28  ? 409 LYS A CE  1 
ATOM   1394 N NZ  . LYS A 1 183 ? -12.551 8.997   -8.659  1.00 98.01  ? 409 LYS A NZ  1 
ATOM   1395 N N   . VAL A 1 184 ? -13.642 5.069   -12.085 1.00 100.87 ? 410 VAL A N   1 
ATOM   1396 C CA  . VAL A 1 184 ? -13.013 5.438   -13.358 1.00 105.04 ? 410 VAL A CA  1 
ATOM   1397 C C   . VAL A 1 184 ? -12.495 6.880   -13.336 1.00 99.41  ? 410 VAL A C   1 
ATOM   1398 O O   . VAL A 1 184 ? -11.371 7.146   -12.897 1.00 90.95  ? 410 VAL A O   1 
ATOM   1399 C CB  . VAL A 1 184 ? -13.968 5.230   -14.573 1.00 107.12 ? 410 VAL A CB  1 
ATOM   1400 C CG1 . VAL A 1 184 ? -14.248 3.741   -14.800 1.00 100.50 ? 410 VAL A CG1 1 
ATOM   1401 C CG2 . VAL A 1 184 ? -15.268 6.015   -14.389 1.00 104.86 ? 410 VAL A CG2 1 
HETATM 1402 O O   . HOH B 2 .   ? 10.601  7.553   0.325   1.00 37.47  ? 501 HOH A O   1 
HETATM 1403 O O   . HOH B 2 .   ? -3.753  -11.217 -3.910  1.00 54.73  ? 502 HOH A O   1 
HETATM 1404 O O   . HOH B 2 .   ? 7.077   3.161   18.731  1.00 39.52  ? 503 HOH A O   1 
HETATM 1405 O O   . HOH B 2 .   ? -3.687  -19.786 -0.059  1.00 54.30  ? 504 HOH A O   1 
HETATM 1406 O O   . HOH B 2 .   ? 4.131   -8.285  -1.560  1.00 47.73  ? 505 HOH A O   1 
HETATM 1407 O O   . HOH B 2 .   ? 2.040   2.101   18.338  1.00 43.05  ? 506 HOH A O   1 
HETATM 1408 O O   . HOH B 2 .   ? 6.363   -14.023 -8.898  1.00 59.12  ? 507 HOH A O   1 
HETATM 1409 O O   . HOH B 2 .   ? 9.435   10.133  17.526  1.00 52.46  ? 508 HOH A O   1 
HETATM 1410 O O   . HOH B 2 .   ? -3.213  1.403   14.736  1.00 41.38  ? 509 HOH A O   1 
HETATM 1411 O O   . HOH B 2 .   ? 8.980   18.646  -9.194  1.00 50.70  ? 510 HOH A O   1 
HETATM 1412 O O   . HOH B 2 .   ? 7.766   11.456  19.621  1.00 47.99  ? 511 HOH A O   1 
HETATM 1413 O O   . HOH B 2 .   ? 11.012  -11.549 -9.748  1.00 50.81  ? 512 HOH A O   1 
HETATM 1414 O O   . HOH B 2 .   ? -0.025  3.141   19.867  1.00 43.07  ? 513 HOH A O   1 
HETATM 1415 O O   . HOH B 2 .   ? -13.430 -11.498 3.928   1.00 44.87  ? 514 HOH A O   1 
HETATM 1416 O O   . HOH B 2 .   ? 8.846   -15.487 -5.781  1.00 54.50  ? 515 HOH A O   1 
HETATM 1417 O O   . HOH B 2 .   ? 5.232   17.056  4.276   1.00 50.13  ? 516 HOH A O   1 
HETATM 1418 O O   . HOH B 2 .   ? 11.852  11.315  11.033  1.00 53.02  ? 517 HOH A O   1 
HETATM 1419 O O   . HOH B 2 .   ? 9.363   9.049   21.595  1.00 50.69  ? 518 HOH A O   1 
HETATM 1420 O O   . HOH B 2 .   ? -0.623  7.423   21.503  1.00 49.34  ? 519 HOH A O   1 
HETATM 1421 O O   . HOH B 2 .   ? 4.177   3.669   18.931  1.00 39.82  ? 520 HOH A O   1 
HETATM 1422 O O   . HOH B 2 .   ? 0.982   5.223   21.727  1.00 51.46  ? 521 HOH A O   1 
HETATM 1423 O O   . HOH B 2 .   ? -10.093 -2.429  6.631   1.00 52.18  ? 522 HOH A O   1 
HETATM 1424 O O   . HOH B 2 .   ? 13.141  -4.995  -8.274  1.00 54.79  ? 523 HOH A O   1 
HETATM 1425 O O   . HOH B 2 .   ? 10.516  7.551   16.581  0.50 49.13  ? 524 HOH A O   1 
HETATM 1426 O O   . HOH B 2 .   ? 5.824   -15.029 -1.035  1.00 57.75  ? 525 HOH A O   1 
HETATM 1427 O O   . HOH B 2 .   ? -11.586 8.752   8.882   1.00 59.82  ? 526 HOH A O   1 
HETATM 1428 O O   . HOH B 2 .   ? -0.967  -14.092 1.437   1.00 56.98  ? 527 HOH A O   1 
HETATM 1429 O O   . HOH B 2 .   ? 12.066  10.896  17.745  0.50 62.88  ? 528 HOH A O   1 
# 
loop_
_pdbx_poly_seq_scheme.asym_id 
_pdbx_poly_seq_scheme.entity_id 
_pdbx_poly_seq_scheme.seq_id 
_pdbx_poly_seq_scheme.mon_id 
_pdbx_poly_seq_scheme.ndb_seq_num 
_pdbx_poly_seq_scheme.pdb_seq_num 
_pdbx_poly_seq_scheme.auth_seq_num 
_pdbx_poly_seq_scheme.pdb_mon_id 
_pdbx_poly_seq_scheme.auth_mon_id 
_pdbx_poly_seq_scheme.pdb_strand_id 
_pdbx_poly_seq_scheme.pdb_ins_code 
_pdbx_poly_seq_scheme.hetero 
A 1 1   MET 1   227 ?   ?   ?   A . n 
A 1 2   THR 2   228 228 THR THR A . n 
A 1 3   GLY 3   229 229 GLY GLY A . n 
A 1 4   ALA 4   230 230 ALA ALA A . n 
A 1 5   ASN 5   231 231 ASN ASN A . n 
A 1 6   VAL 6   232 232 VAL VAL A . n 
A 1 7   THR 7   233 233 THR THR A . n 
A 1 8   PHE 8   234 234 PHE PHE A . n 
A 1 9   LYS 9   235 235 LYS LYS A . n 
A 1 10  VAL 10  236 236 VAL VAL A . n 
A 1 11  LYS 11  237 237 LYS LYS A . n 
A 1 12  GLY 12  238 238 GLY GLY A . n 
A 1 13  THR 13  239 239 THR THR A . n 
A 1 14  ASP 14  240 240 ASP ASP A . n 
A 1 15  LYS 15  241 241 LYS LYS A . n 
A 1 16  GLU 16  242 242 GLU GLU A . n 
A 1 17  PHE 17  243 243 PHE PHE A . n 
A 1 18  THR 18  244 244 THR THR A . n 
A 1 19  VAL 19  245 245 VAL VAL A . n 
A 1 20  PHE 20  246 246 PHE PHE A . n 
A 1 21  THR 21  247 247 THR THR A . n 
A 1 22  THR 22  248 248 THR THR A . n 
A 1 23  ARG 23  249 249 ARG ARG A . n 
A 1 24  PRO 24  250 250 PRO PRO A . n 
A 1 25  ASP 25  251 251 ASP ASP A . n 
A 1 26  THR 26  252 252 THR THR A . n 
A 1 27  LEU 27  253 253 LEU LEU A . n 
A 1 28  PHE 28  254 254 PHE PHE A . n 
A 1 29  GLY 29  255 255 GLY GLY A . n 
A 1 30  ALA 30  256 256 ALA ALA A . n 
A 1 31  THR 31  257 257 THR THR A . n 
A 1 32  PHE 32  258 258 PHE PHE A . n 
A 1 33  THR 33  259 259 THR THR A . n 
A 1 34  VAL 34  260 260 VAL VAL A . n 
A 1 35  LEU 35  261 261 LEU LEU A . n 
A 1 36  ALA 36  262 262 ALA ALA A . n 
A 1 37  PRO 37  263 263 PRO PRO A . n 
A 1 38  GLU 38  264 264 GLU GLU A . n 
A 1 39  HIS 39  265 265 HIS HIS A . n 
A 1 40  GLU 40  266 266 GLU GLU A . n 
A 1 41  LEU 41  267 267 LEU LEU A . n 
A 1 42  VAL 42  268 268 VAL VAL A . n 
A 1 43  ASP 43  269 269 ASP ASP A . n 
A 1 44  ALA 44  270 270 ALA ALA A . n 
A 1 45  ILE 45  271 271 ILE ILE A . n 
A 1 46  THR 46  272 272 THR THR A . n 
A 1 47  SER 47  273 273 SER SER A . n 
A 1 48  SER 48  274 274 SER SER A . n 
A 1 49  GLU 49  275 275 GLU GLU A . n 
A 1 50  GLN 50  276 276 GLN GLN A . n 
A 1 51  ALA 51  277 277 ALA ALA A . n 
A 1 52  GLU 52  278 278 GLU GLU A . n 
A 1 53  ALA 53  279 279 ALA ALA A . n 
A 1 54  VAL 54  280 280 VAL VAL A . n 
A 1 55  ALA 55  281 281 ALA ALA A . n 
A 1 56  ASP 56  282 282 ASP ASP A . n 
A 1 57  TYR 57  283 283 TYR TYR A . n 
A 1 58  LYS 58  284 284 LYS LYS A . n 
A 1 59  HIS 59  285 285 HIS HIS A . n 
A 1 60  GLN 60  286 286 GLN GLN A . n 
A 1 61  ALA 61  287 287 ALA ALA A . n 
A 1 62  SER 62  288 288 SER SER A . n 
A 1 63  LEU 63  289 289 LEU LEU A . n 
A 1 64  LYS 64  290 290 LYS LYS A . n 
A 1 65  SER 65  291 291 SER SER A . n 
A 1 66  ASP 66  292 292 ASP ASP A . n 
A 1 67  LEU 67  293 293 LEU LEU A . n 
A 1 68  VAL 68  294 294 VAL VAL A . n 
A 1 69  ARG 69  295 295 ARG ARG A . n 
A 1 70  THR 70  296 296 THR THR A . n 
A 1 71  ASP 71  297 297 ASP ASP A . n 
A 1 72  LEU 72  298 298 LEU LEU A . n 
A 1 73  ALA 73  299 299 ALA ALA A . n 
A 1 74  LYS 74  300 300 LYS LYS A . n 
A 1 75  GLU 75  301 301 GLU GLU A . n 
A 1 76  LYS 76  302 302 LYS LYS A . n 
A 1 77  THR 77  303 303 THR THR A . n 
A 1 78  GLY 78  304 304 GLY GLY A . n 
A 1 79  VAL 79  305 305 VAL VAL A . n 
A 1 80  TRP 80  306 306 TRP TRP A . n 
A 1 81  THR 81  307 307 THR THR A . n 
A 1 82  GLY 82  308 308 GLY GLY A . n 
A 1 83  ALA 83  309 309 ALA ALA A . n 
A 1 84  TYR 84  310 310 TYR TYR A . n 
A 1 85  ALA 85  311 311 ALA ALA A . n 
A 1 86  ILE 86  312 312 ILE ILE A . n 
A 1 87  ASN 87  313 313 ASN ASN A . n 
A 1 88  PRO 88  314 314 PRO PRO A . n 
A 1 89  VAL 89  315 315 VAL VAL A . n 
A 1 90  ASN 90  316 316 ASN ASN A . n 
A 1 91  GLY 91  317 317 GLY GLY A . n 
A 1 92  LYS 92  318 318 LYS LYS A . n 
A 1 93  GLU 93  319 319 GLU GLU A . n 
A 1 94  MET 94  320 320 MET MET A . n 
A 1 95  PRO 95  321 321 PRO PRO A . n 
A 1 96  ILE 96  322 322 ILE ILE A . n 
A 1 97  TRP 97  323 323 TRP TRP A . n 
A 1 98  ILE 98  324 324 ILE ILE A . n 
A 1 99  ALA 99  325 325 ALA ALA A . n 
A 1 100 ASP 100 326 326 ASP ASP A . n 
A 1 101 TYR 101 327 327 TYR TYR A . n 
A 1 102 VAL 102 328 328 VAL VAL A . n 
A 1 103 LEU 103 329 329 LEU LEU A . n 
A 1 104 ALA 104 330 330 ALA ALA A . n 
A 1 105 SER 105 331 331 SER SER A . n 
A 1 106 TYR 106 332 332 TYR TYR A . n 
A 1 107 GLY 107 333 333 GLY GLY A . n 
A 1 108 THR 108 334 334 THR THR A . n 
A 1 109 GLY 109 335 335 GLY GLY A . n 
A 1 110 ALA 110 336 336 ALA ALA A . n 
A 1 111 VAL 111 337 337 VAL VAL A . n 
A 1 112 MET 112 338 338 MET MET A . n 
A 1 113 ALA 113 339 339 ALA ALA A . n 
A 1 114 VAL 114 340 340 VAL VAL A . n 
A 1 115 PRO 115 341 341 PRO PRO A . n 
A 1 116 ALA 116 342 342 ALA ALA A . n 
A 1 117 HIS 117 343 343 HIS HIS A . n 
A 1 118 ASP 118 344 344 ASP ASP A . n 
A 1 119 GLN 119 345 345 GLN GLN A . n 
A 1 120 ARG 120 346 346 ARG ARG A . n 
A 1 121 ASP 121 347 347 ASP ASP A . n 
A 1 122 TRP 122 348 348 TRP TRP A . n 
A 1 123 GLU 123 349 349 GLU GLU A . n 
A 1 124 PHE 124 350 350 PHE PHE A . n 
A 1 125 ALA 125 351 351 ALA ALA A . n 
A 1 126 LYS 126 352 352 LYS LYS A . n 
A 1 127 GLN 127 353 353 GLN GLN A . n 
A 1 128 PHE 128 354 354 PHE PHE A . n 
A 1 129 ASP 129 355 355 ASP ASP A . n 
A 1 130 LEU 130 356 356 LEU LEU A . n 
A 1 131 PRO 131 357 357 PRO PRO A . n 
A 1 132 ILE 132 358 358 ILE ILE A . n 
A 1 133 VAL 133 359 359 VAL VAL A . n 
A 1 134 GLU 134 360 360 GLU GLU A . n 
A 1 135 VAL 135 361 361 VAL VAL A . n 
A 1 136 LEU 136 362 362 LEU LEU A . n 
A 1 137 GLU 137 363 363 GLU GLU A . n 
A 1 138 GLY 138 364 364 GLY GLY A . n 
A 1 139 GLY 139 365 365 GLY GLY A . n 
A 1 140 ASN 140 366 366 ASN ASN A . n 
A 1 141 VAL 141 367 367 VAL VAL A . n 
A 1 142 GLU 142 368 368 GLU GLU A . n 
A 1 143 GLU 143 369 369 GLU GLU A . n 
A 1 144 ALA 144 370 370 ALA ALA A . n 
A 1 145 ALA 145 371 371 ALA ALA A . n 
A 1 146 TYR 146 372 372 TYR TYR A . n 
A 1 147 THR 147 373 373 THR THR A . n 
A 1 148 GLU 148 374 374 GLU GLU A . n 
A 1 149 ASP 149 375 375 ASP ASP A . n 
A 1 150 GLY 150 376 376 GLY GLY A . n 
A 1 151 LEU 151 377 377 LEU LEU A . n 
A 1 152 HIS 152 378 378 HIS HIS A . n 
A 1 153 VAL 153 379 379 VAL VAL A . n 
A 1 154 ASN 154 380 380 ASN ASN A . n 
A 1 155 SER 155 381 381 SER SER A . n 
A 1 156 ASP 156 382 382 ASP ASP A . n 
A 1 157 PHE 157 383 383 PHE PHE A . n 
A 1 158 LEU 158 384 384 LEU LEU A . n 
A 1 159 ASP 159 385 385 ASP ASP A . n 
A 1 160 GLY 160 386 386 GLY GLY A . n 
A 1 161 LEU 161 387 387 LEU LEU A . n 
A 1 162 ASN 162 388 388 ASN ASN A . n 
A 1 163 LYS 163 389 389 LYS LYS A . n 
A 1 164 GLU 164 390 390 GLU GLU A . n 
A 1 165 ASP 165 391 391 ASP ASP A . n 
A 1 166 ALA 166 392 392 ALA ALA A . n 
A 1 167 ILE 167 393 393 ILE ILE A . n 
A 1 168 ALA 168 394 394 ALA ALA A . n 
A 1 169 LYS 169 395 395 LYS LYS A . n 
A 1 170 ILE 170 396 396 ILE ILE A . n 
A 1 171 VAL 171 397 397 VAL VAL A . n 
A 1 172 ALA 172 398 398 ALA ALA A . n 
A 1 173 SER 173 399 399 SER SER A . n 
A 1 174 LEU 174 400 400 LEU LEU A . n 
A 1 175 GLU 175 401 401 GLU GLU A . n 
A 1 176 GLU 176 402 402 GLU GLU A . n 
A 1 177 LYS 177 403 403 LYS LYS A . n 
A 1 178 GLY 178 404 404 GLY GLY A . n 
A 1 179 CYS 179 405 405 CYS CYS A . n 
A 1 180 GLY 180 406 406 GLY GLY A . n 
A 1 181 GLN 181 407 407 GLN GLN A . n 
A 1 182 GLU 182 408 408 GLU GLU A . n 
A 1 183 LYS 183 409 409 LYS LYS A . n 
A 1 184 VAL 184 410 410 VAL VAL A . n 
A 1 185 LEU 185 411 ?   ?   ?   A . n 
A 1 186 GLU 186 412 ?   ?   ?   A . n 
A 1 187 HIS 187 413 ?   ?   ?   A . n 
A 1 188 HIS 188 414 ?   ?   ?   A . n 
A 1 189 HIS 189 415 ?   ?   ?   A . n 
A 1 190 HIS 190 416 ?   ?   ?   A . n 
A 1 191 HIS 191 417 ?   ?   ?   A . n 
A 1 192 HIS 192 418 ?   ?   ?   A . n 
# 
loop_
_pdbx_nonpoly_scheme.asym_id 
_pdbx_nonpoly_scheme.entity_id 
_pdbx_nonpoly_scheme.mon_id 
_pdbx_nonpoly_scheme.ndb_seq_num 
_pdbx_nonpoly_scheme.pdb_seq_num 
_pdbx_nonpoly_scheme.auth_seq_num 
_pdbx_nonpoly_scheme.pdb_mon_id 
_pdbx_nonpoly_scheme.auth_mon_id 
_pdbx_nonpoly_scheme.pdb_strand_id 
_pdbx_nonpoly_scheme.pdb_ins_code 
B 2 HOH 1  501 1  HOH HOH A . 
B 2 HOH 2  502 2  HOH HOH A . 
B 2 HOH 3  503 3  HOH HOH A . 
B 2 HOH 4  504 4  HOH HOH A . 
B 2 HOH 5  505 5  HOH HOH A . 
B 2 HOH 6  506 6  HOH HOH A . 
B 2 HOH 7  507 7  HOH HOH A . 
B 2 HOH 8  508 8  HOH HOH A . 
B 2 HOH 9  509 9  HOH HOH A . 
B 2 HOH 10 510 10 HOH HOH A . 
B 2 HOH 11 511 11 HOH HOH A . 
B 2 HOH 12 512 12 HOH HOH A . 
B 2 HOH 13 513 13 HOH HOH A . 
B 2 HOH 14 514 14 HOH HOH A . 
B 2 HOH 15 515 15 HOH HOH A . 
B 2 HOH 16 516 16 HOH HOH A . 
B 2 HOH 17 517 17 HOH HOH A . 
B 2 HOH 18 518 18 HOH HOH A . 
B 2 HOH 19 519 19 HOH HOH A . 
B 2 HOH 20 520 20 HOH HOH A . 
B 2 HOH 21 521 21 HOH HOH A . 
B 2 HOH 22 522 22 HOH HOH A . 
B 2 HOH 23 523 23 HOH HOH A . 
B 2 HOH 24 524 24 HOH HOH A . 
B 2 HOH 25 525 25 HOH HOH A . 
B 2 HOH 26 526 26 HOH HOH A . 
B 2 HOH 27 527 27 HOH HOH A . 
B 2 HOH 28 528 28 HOH HOH A . 
# 
_pdbx_struct_assembly.id                   1 
_pdbx_struct_assembly.details              author_and_software_defined_assembly 
_pdbx_struct_assembly.method_details       PISA 
_pdbx_struct_assembly.oligomeric_details   monomeric 
_pdbx_struct_assembly.oligomeric_count     1 
# 
_pdbx_struct_assembly_gen.assembly_id       1 
_pdbx_struct_assembly_gen.oper_expression   1 
_pdbx_struct_assembly_gen.asym_id_list      A,B 
# 
_pdbx_struct_oper_list.id                   1 
_pdbx_struct_oper_list.type                 'identity operation' 
_pdbx_struct_oper_list.name                 1_555 
_pdbx_struct_oper_list.symmetry_operation   x,y,z 
_pdbx_struct_oper_list.matrix[1][1]         1.0000000000 
_pdbx_struct_oper_list.matrix[1][2]         0.0000000000 
_pdbx_struct_oper_list.matrix[1][3]         0.0000000000 
_pdbx_struct_oper_list.vector[1]            0.0000000000 
_pdbx_struct_oper_list.matrix[2][1]         0.0000000000 
_pdbx_struct_oper_list.matrix[2][2]         1.0000000000 
_pdbx_struct_oper_list.matrix[2][3]         0.0000000000 
_pdbx_struct_oper_list.vector[2]            0.0000000000 
_pdbx_struct_oper_list.matrix[3][1]         0.0000000000 
_pdbx_struct_oper_list.matrix[3][2]         0.0000000000 
_pdbx_struct_oper_list.matrix[3][3]         1.0000000000 
_pdbx_struct_oper_list.vector[3]            0.0000000000 
# 
loop_
_pdbx_struct_special_symmetry.id 
_pdbx_struct_special_symmetry.PDB_model_num 
_pdbx_struct_special_symmetry.auth_asym_id 
_pdbx_struct_special_symmetry.auth_comp_id 
_pdbx_struct_special_symmetry.auth_seq_id 
_pdbx_struct_special_symmetry.PDB_ins_code 
_pdbx_struct_special_symmetry.label_asym_id 
_pdbx_struct_special_symmetry.label_comp_id 
_pdbx_struct_special_symmetry.label_seq_id 
1 1 A HOH 524 ? B HOH . 
2 1 A HOH 528 ? B HOH . 
# 
loop_
_pdbx_audit_revision_history.ordinal 
_pdbx_audit_revision_history.data_content_type 
_pdbx_audit_revision_history.major_revision 
_pdbx_audit_revision_history.minor_revision 
_pdbx_audit_revision_history.revision_date 
1 'Structure model' 1 0 2013-09-04 
2 'Structure model' 1 1 2023-11-08 
# 
_pdbx_audit_revision_details.ordinal             1 
_pdbx_audit_revision_details.revision_ordinal    1 
_pdbx_audit_revision_details.data_content_type   'Structure model' 
_pdbx_audit_revision_details.provider            repository 
_pdbx_audit_revision_details.type                'Initial release' 
_pdbx_audit_revision_details.description         ? 
_pdbx_audit_revision_details.details             ? 
# 
loop_
_pdbx_audit_revision_group.ordinal 
_pdbx_audit_revision_group.revision_ordinal 
_pdbx_audit_revision_group.data_content_type 
_pdbx_audit_revision_group.group 
1 2 'Structure model' 'Data collection'        
2 2 'Structure model' 'Database references'    
3 2 'Structure model' 'Refinement description' 
# 
loop_
_pdbx_audit_revision_category.ordinal 
_pdbx_audit_revision_category.revision_ordinal 
_pdbx_audit_revision_category.data_content_type 
_pdbx_audit_revision_category.category 
1 2 'Structure model' chem_comp_atom                
2 2 'Structure model' chem_comp_bond                
3 2 'Structure model' database_2                    
4 2 'Structure model' pdbx_initial_refinement_model 
5 2 'Structure model' struct_ref_seq_dif            
# 
loop_
_pdbx_audit_revision_item.ordinal 
_pdbx_audit_revision_item.revision_ordinal 
_pdbx_audit_revision_item.data_content_type 
_pdbx_audit_revision_item.item 
1 2 'Structure model' '_database_2.pdbx_DOI'                
2 2 'Structure model' '_database_2.pdbx_database_accession' 
3 2 'Structure model' '_struct_ref_seq_dif.details'         
# 
loop_
_software.name 
_software.classification 
_software.version 
_software.citation_id 
_software.pdbx_ordinal 
HKL-2000 'data collection' .        ? 1 
MOLREP   phasing           .        ? 2 
REFMAC   refinement        5.5.0110 ? 3 
HKL-2000 'data reduction'  .        ? 4 
HKL-2000 'data scaling'    .        ? 5 
# 
loop_
_pdbx_validate_torsion.id 
_pdbx_validate_torsion.PDB_model_num 
_pdbx_validate_torsion.auth_comp_id 
_pdbx_validate_torsion.auth_asym_id 
_pdbx_validate_torsion.auth_seq_id 
_pdbx_validate_torsion.PDB_ins_code 
_pdbx_validate_torsion.label_alt_id 
_pdbx_validate_torsion.phi 
_pdbx_validate_torsion.psi 
1 1 ASN A 316 ? ? -150.86 2.95    
2 1 ASP A 382 ? ? 46.39   -119.82 
3 1 GLN A 407 ? ? 178.74  143.25  
# 
loop_
_pdbx_unobs_or_zero_occ_residues.id 
_pdbx_unobs_or_zero_occ_residues.PDB_model_num 
_pdbx_unobs_or_zero_occ_residues.polymer_flag 
_pdbx_unobs_or_zero_occ_residues.occupancy_flag 
_pdbx_unobs_or_zero_occ_residues.auth_asym_id 
_pdbx_unobs_or_zero_occ_residues.auth_comp_id 
_pdbx_unobs_or_zero_occ_residues.auth_seq_id 
_pdbx_unobs_or_zero_occ_residues.PDB_ins_code 
_pdbx_unobs_or_zero_occ_residues.label_asym_id 
_pdbx_unobs_or_zero_occ_residues.label_comp_id 
_pdbx_unobs_or_zero_occ_residues.label_seq_id 
1 1 Y 1 A MET 227 ? A MET 1   
2 1 Y 1 A LEU 411 ? A LEU 185 
3 1 Y 1 A GLU 412 ? A GLU 186 
4 1 Y 1 A HIS 413 ? A HIS 187 
5 1 Y 1 A HIS 414 ? A HIS 188 
6 1 Y 1 A HIS 415 ? A HIS 189 
7 1 Y 1 A HIS 416 ? A HIS 190 
8 1 Y 1 A HIS 417 ? A HIS 191 
9 1 Y 1 A HIS 418 ? A HIS 192 
# 
loop_
_chem_comp_atom.comp_id 
_chem_comp_atom.atom_id 
_chem_comp_atom.type_symbol 
_chem_comp_atom.pdbx_aromatic_flag 
_chem_comp_atom.pdbx_stereo_config 
_chem_comp_atom.pdbx_ordinal 
ALA N    N N N 1   
ALA CA   C N S 2   
ALA C    C N N 3   
ALA O    O N N 4   
ALA CB   C N N 5   
ALA OXT  O N N 6   
ALA H    H N N 7   
ALA H2   H N N 8   
ALA HA   H N N 9   
ALA HB1  H N N 10  
ALA HB2  H N N 11  
ALA HB3  H N N 12  
ALA HXT  H N N 13  
ARG N    N N N 14  
ARG CA   C N S 15  
ARG C    C N N 16  
ARG O    O N N 17  
ARG CB   C N N 18  
ARG CG   C N N 19  
ARG CD   C N N 20  
ARG NE   N N N 21  
ARG CZ   C N N 22  
ARG NH1  N N N 23  
ARG NH2  N N N 24  
ARG OXT  O N N 25  
ARG H    H N N 26  
ARG H2   H N N 27  
ARG HA   H N N 28  
ARG HB2  H N N 29  
ARG HB3  H N N 30  
ARG HG2  H N N 31  
ARG HG3  H N N 32  
ARG HD2  H N N 33  
ARG HD3  H N N 34  
ARG HE   H N N 35  
ARG HH11 H N N 36  
ARG HH12 H N N 37  
ARG HH21 H N N 38  
ARG HH22 H N N 39  
ARG HXT  H N N 40  
ASN N    N N N 41  
ASN CA   C N S 42  
ASN C    C N N 43  
ASN O    O N N 44  
ASN CB   C N N 45  
ASN CG   C N N 46  
ASN OD1  O N N 47  
ASN ND2  N N N 48  
ASN OXT  O N N 49  
ASN H    H N N 50  
ASN H2   H N N 51  
ASN HA   H N N 52  
ASN HB2  H N N 53  
ASN HB3  H N N 54  
ASN HD21 H N N 55  
ASN HD22 H N N 56  
ASN HXT  H N N 57  
ASP N    N N N 58  
ASP CA   C N S 59  
ASP C    C N N 60  
ASP O    O N N 61  
ASP CB   C N N 62  
ASP CG   C N N 63  
ASP OD1  O N N 64  
ASP OD2  O N N 65  
ASP OXT  O N N 66  
ASP H    H N N 67  
ASP H2   H N N 68  
ASP HA   H N N 69  
ASP HB2  H N N 70  
ASP HB3  H N N 71  
ASP HD2  H N N 72  
ASP HXT  H N N 73  
CYS N    N N N 74  
CYS CA   C N R 75  
CYS C    C N N 76  
CYS O    O N N 77  
CYS CB   C N N 78  
CYS SG   S N N 79  
CYS OXT  O N N 80  
CYS H    H N N 81  
CYS H2   H N N 82  
CYS HA   H N N 83  
CYS HB2  H N N 84  
CYS HB3  H N N 85  
CYS HG   H N N 86  
CYS HXT  H N N 87  
GLN N    N N N 88  
GLN CA   C N S 89  
GLN C    C N N 90  
GLN O    O N N 91  
GLN CB   C N N 92  
GLN CG   C N N 93  
GLN CD   C N N 94  
GLN OE1  O N N 95  
GLN NE2  N N N 96  
GLN OXT  O N N 97  
GLN H    H N N 98  
GLN H2   H N N 99  
GLN HA   H N N 100 
GLN HB2  H N N 101 
GLN HB3  H N N 102 
GLN HG2  H N N 103 
GLN HG3  H N N 104 
GLN HE21 H N N 105 
GLN HE22 H N N 106 
GLN HXT  H N N 107 
GLU N    N N N 108 
GLU CA   C N S 109 
GLU C    C N N 110 
GLU O    O N N 111 
GLU CB   C N N 112 
GLU CG   C N N 113 
GLU CD   C N N 114 
GLU OE1  O N N 115 
GLU OE2  O N N 116 
GLU OXT  O N N 117 
GLU H    H N N 118 
GLU H2   H N N 119 
GLU HA   H N N 120 
GLU HB2  H N N 121 
GLU HB3  H N N 122 
GLU HG2  H N N 123 
GLU HG3  H N N 124 
GLU HE2  H N N 125 
GLU HXT  H N N 126 
GLY N    N N N 127 
GLY CA   C N N 128 
GLY C    C N N 129 
GLY O    O N N 130 
GLY OXT  O N N 131 
GLY H    H N N 132 
GLY H2   H N N 133 
GLY HA2  H N N 134 
GLY HA3  H N N 135 
GLY HXT  H N N 136 
HIS N    N N N 137 
HIS CA   C N S 138 
HIS C    C N N 139 
HIS O    O N N 140 
HIS CB   C N N 141 
HIS CG   C Y N 142 
HIS ND1  N Y N 143 
HIS CD2  C Y N 144 
HIS CE1  C Y N 145 
HIS NE2  N Y N 146 
HIS OXT  O N N 147 
HIS H    H N N 148 
HIS H2   H N N 149 
HIS HA   H N N 150 
HIS HB2  H N N 151 
HIS HB3  H N N 152 
HIS HD1  H N N 153 
HIS HD2  H N N 154 
HIS HE1  H N N 155 
HIS HE2  H N N 156 
HIS HXT  H N N 157 
HOH O    O N N 158 
HOH H1   H N N 159 
HOH H2   H N N 160 
ILE N    N N N 161 
ILE CA   C N S 162 
ILE C    C N N 163 
ILE O    O N N 164 
ILE CB   C N S 165 
ILE CG1  C N N 166 
ILE CG2  C N N 167 
ILE CD1  C N N 168 
ILE OXT  O N N 169 
ILE H    H N N 170 
ILE H2   H N N 171 
ILE HA   H N N 172 
ILE HB   H N N 173 
ILE HG12 H N N 174 
ILE HG13 H N N 175 
ILE HG21 H N N 176 
ILE HG22 H N N 177 
ILE HG23 H N N 178 
ILE HD11 H N N 179 
ILE HD12 H N N 180 
ILE HD13 H N N 181 
ILE HXT  H N N 182 
LEU N    N N N 183 
LEU CA   C N S 184 
LEU C    C N N 185 
LEU O    O N N 186 
LEU CB   C N N 187 
LEU CG   C N N 188 
LEU CD1  C N N 189 
LEU CD2  C N N 190 
LEU OXT  O N N 191 
LEU H    H N N 192 
LEU H2   H N N 193 
LEU HA   H N N 194 
LEU HB2  H N N 195 
LEU HB3  H N N 196 
LEU HG   H N N 197 
LEU HD11 H N N 198 
LEU HD12 H N N 199 
LEU HD13 H N N 200 
LEU HD21 H N N 201 
LEU HD22 H N N 202 
LEU HD23 H N N 203 
LEU HXT  H N N 204 
LYS N    N N N 205 
LYS CA   C N S 206 
LYS C    C N N 207 
LYS O    O N N 208 
LYS CB   C N N 209 
LYS CG   C N N 210 
LYS CD   C N N 211 
LYS CE   C N N 212 
LYS NZ   N N N 213 
LYS OXT  O N N 214 
LYS H    H N N 215 
LYS H2   H N N 216 
LYS HA   H N N 217 
LYS HB2  H N N 218 
LYS HB3  H N N 219 
LYS HG2  H N N 220 
LYS HG3  H N N 221 
LYS HD2  H N N 222 
LYS HD3  H N N 223 
LYS HE2  H N N 224 
LYS HE3  H N N 225 
LYS HZ1  H N N 226 
LYS HZ2  H N N 227 
LYS HZ3  H N N 228 
LYS HXT  H N N 229 
MET N    N N N 230 
MET CA   C N S 231 
MET C    C N N 232 
MET O    O N N 233 
MET CB   C N N 234 
MET CG   C N N 235 
MET SD   S N N 236 
MET CE   C N N 237 
MET OXT  O N N 238 
MET H    H N N 239 
MET H2   H N N 240 
MET HA   H N N 241 
MET HB2  H N N 242 
MET HB3  H N N 243 
MET HG2  H N N 244 
MET HG3  H N N 245 
MET HE1  H N N 246 
MET HE2  H N N 247 
MET HE3  H N N 248 
MET HXT  H N N 249 
PHE N    N N N 250 
PHE CA   C N S 251 
PHE C    C N N 252 
PHE O    O N N 253 
PHE CB   C N N 254 
PHE CG   C Y N 255 
PHE CD1  C Y N 256 
PHE CD2  C Y N 257 
PHE CE1  C Y N 258 
PHE CE2  C Y N 259 
PHE CZ   C Y N 260 
PHE OXT  O N N 261 
PHE H    H N N 262 
PHE H2   H N N 263 
PHE HA   H N N 264 
PHE HB2  H N N 265 
PHE HB3  H N N 266 
PHE HD1  H N N 267 
PHE HD2  H N N 268 
PHE HE1  H N N 269 
PHE HE2  H N N 270 
PHE HZ   H N N 271 
PHE HXT  H N N 272 
PRO N    N N N 273 
PRO CA   C N S 274 
PRO C    C N N 275 
PRO O    O N N 276 
PRO CB   C N N 277 
PRO CG   C N N 278 
PRO CD   C N N 279 
PRO OXT  O N N 280 
PRO H    H N N 281 
PRO HA   H N N 282 
PRO HB2  H N N 283 
PRO HB3  H N N 284 
PRO HG2  H N N 285 
PRO HG3  H N N 286 
PRO HD2  H N N 287 
PRO HD3  H N N 288 
PRO HXT  H N N 289 
SER N    N N N 290 
SER CA   C N S 291 
SER C    C N N 292 
SER O    O N N 293 
SER CB   C N N 294 
SER OG   O N N 295 
SER OXT  O N N 296 
SER H    H N N 297 
SER H2   H N N 298 
SER HA   H N N 299 
SER HB2  H N N 300 
SER HB3  H N N 301 
SER HG   H N N 302 
SER HXT  H N N 303 
THR N    N N N 304 
THR CA   C N S 305 
THR C    C N N 306 
THR O    O N N 307 
THR CB   C N R 308 
THR OG1  O N N 309 
THR CG2  C N N 310 
THR OXT  O N N 311 
THR H    H N N 312 
THR H2   H N N 313 
THR HA   H N N 314 
THR HB   H N N 315 
THR HG1  H N N 316 
THR HG21 H N N 317 
THR HG22 H N N 318 
THR HG23 H N N 319 
THR HXT  H N N 320 
TRP N    N N N 321 
TRP CA   C N S 322 
TRP C    C N N 323 
TRP O    O N N 324 
TRP CB   C N N 325 
TRP CG   C Y N 326 
TRP CD1  C Y N 327 
TRP CD2  C Y N 328 
TRP NE1  N Y N 329 
TRP CE2  C Y N 330 
TRP CE3  C Y N 331 
TRP CZ2  C Y N 332 
TRP CZ3  C Y N 333 
TRP CH2  C Y N 334 
TRP OXT  O N N 335 
TRP H    H N N 336 
TRP H2   H N N 337 
TRP HA   H N N 338 
TRP HB2  H N N 339 
TRP HB3  H N N 340 
TRP HD1  H N N 341 
TRP HE1  H N N 342 
TRP HE3  H N N 343 
TRP HZ2  H N N 344 
TRP HZ3  H N N 345 
TRP HH2  H N N 346 
TRP HXT  H N N 347 
TYR N    N N N 348 
TYR CA   C N S 349 
TYR C    C N N 350 
TYR O    O N N 351 
TYR CB   C N N 352 
TYR CG   C Y N 353 
TYR CD1  C Y N 354 
TYR CD2  C Y N 355 
TYR CE1  C Y N 356 
TYR CE2  C Y N 357 
TYR CZ   C Y N 358 
TYR OH   O N N 359 
TYR OXT  O N N 360 
TYR H    H N N 361 
TYR H2   H N N 362 
TYR HA   H N N 363 
TYR HB2  H N N 364 
TYR HB3  H N N 365 
TYR HD1  H N N 366 
TYR HD2  H N N 367 
TYR HE1  H N N 368 
TYR HE2  H N N 369 
TYR HH   H N N 370 
TYR HXT  H N N 371 
VAL N    N N N 372 
VAL CA   C N S 373 
VAL C    C N N 374 
VAL O    O N N 375 
VAL CB   C N N 376 
VAL CG1  C N N 377 
VAL CG2  C N N 378 
VAL OXT  O N N 379 
VAL H    H N N 380 
VAL H2   H N N 381 
VAL HA   H N N 382 
VAL HB   H N N 383 
VAL HG11 H N N 384 
VAL HG12 H N N 385 
VAL HG13 H N N 386 
VAL HG21 H N N 387 
VAL HG22 H N N 388 
VAL HG23 H N N 389 
VAL HXT  H N N 390 
# 
loop_
_chem_comp_bond.comp_id 
_chem_comp_bond.atom_id_1 
_chem_comp_bond.atom_id_2 
_chem_comp_bond.value_order 
_chem_comp_bond.pdbx_aromatic_flag 
_chem_comp_bond.pdbx_stereo_config 
_chem_comp_bond.pdbx_ordinal 
ALA N   CA   sing N N 1   
ALA N   H    sing N N 2   
ALA N   H2   sing N N 3   
ALA CA  C    sing N N 4   
ALA CA  CB   sing N N 5   
ALA CA  HA   sing N N 6   
ALA C   O    doub N N 7   
ALA C   OXT  sing N N 8   
ALA CB  HB1  sing N N 9   
ALA CB  HB2  sing N N 10  
ALA CB  HB3  sing N N 11  
ALA OXT HXT  sing N N 12  
ARG N   CA   sing N N 13  
ARG N   H    sing N N 14  
ARG N   H2   sing N N 15  
ARG CA  C    sing N N 16  
ARG CA  CB   sing N N 17  
ARG CA  HA   sing N N 18  
ARG C   O    doub N N 19  
ARG C   OXT  sing N N 20  
ARG CB  CG   sing N N 21  
ARG CB  HB2  sing N N 22  
ARG CB  HB3  sing N N 23  
ARG CG  CD   sing N N 24  
ARG CG  HG2  sing N N 25  
ARG CG  HG3  sing N N 26  
ARG CD  NE   sing N N 27  
ARG CD  HD2  sing N N 28  
ARG CD  HD3  sing N N 29  
ARG NE  CZ   sing N N 30  
ARG NE  HE   sing N N 31  
ARG CZ  NH1  sing N N 32  
ARG CZ  NH2  doub N N 33  
ARG NH1 HH11 sing N N 34  
ARG NH1 HH12 sing N N 35  
ARG NH2 HH21 sing N N 36  
ARG NH2 HH22 sing N N 37  
ARG OXT HXT  sing N N 38  
ASN N   CA   sing N N 39  
ASN N   H    sing N N 40  
ASN N   H2   sing N N 41  
ASN CA  C    sing N N 42  
ASN CA  CB   sing N N 43  
ASN CA  HA   sing N N 44  
ASN C   O    doub N N 45  
ASN C   OXT  sing N N 46  
ASN CB  CG   sing N N 47  
ASN CB  HB2  sing N N 48  
ASN CB  HB3  sing N N 49  
ASN CG  OD1  doub N N 50  
ASN CG  ND2  sing N N 51  
ASN ND2 HD21 sing N N 52  
ASN ND2 HD22 sing N N 53  
ASN OXT HXT  sing N N 54  
ASP N   CA   sing N N 55  
ASP N   H    sing N N 56  
ASP N   H2   sing N N 57  
ASP CA  C    sing N N 58  
ASP CA  CB   sing N N 59  
ASP CA  HA   sing N N 60  
ASP C   O    doub N N 61  
ASP C   OXT  sing N N 62  
ASP CB  CG   sing N N 63  
ASP CB  HB2  sing N N 64  
ASP CB  HB3  sing N N 65  
ASP CG  OD1  doub N N 66  
ASP CG  OD2  sing N N 67  
ASP OD2 HD2  sing N N 68  
ASP OXT HXT  sing N N 69  
CYS N   CA   sing N N 70  
CYS N   H    sing N N 71  
CYS N   H2   sing N N 72  
CYS CA  C    sing N N 73  
CYS CA  CB   sing N N 74  
CYS CA  HA   sing N N 75  
CYS C   O    doub N N 76  
CYS C   OXT  sing N N 77  
CYS CB  SG   sing N N 78  
CYS CB  HB2  sing N N 79  
CYS CB  HB3  sing N N 80  
CYS SG  HG   sing N N 81  
CYS OXT HXT  sing N N 82  
GLN N   CA   sing N N 83  
GLN N   H    sing N N 84  
GLN N   H2   sing N N 85  
GLN CA  C    sing N N 86  
GLN CA  CB   sing N N 87  
GLN CA  HA   sing N N 88  
GLN C   O    doub N N 89  
GLN C   OXT  sing N N 90  
GLN CB  CG   sing N N 91  
GLN CB  HB2  sing N N 92  
GLN CB  HB3  sing N N 93  
GLN CG  CD   sing N N 94  
GLN CG  HG2  sing N N 95  
GLN CG  HG3  sing N N 96  
GLN CD  OE1  doub N N 97  
GLN CD  NE2  sing N N 98  
GLN NE2 HE21 sing N N 99  
GLN NE2 HE22 sing N N 100 
GLN OXT HXT  sing N N 101 
GLU N   CA   sing N N 102 
GLU N   H    sing N N 103 
GLU N   H2   sing N N 104 
GLU CA  C    sing N N 105 
GLU CA  CB   sing N N 106 
GLU CA  HA   sing N N 107 
GLU C   O    doub N N 108 
GLU C   OXT  sing N N 109 
GLU CB  CG   sing N N 110 
GLU CB  HB2  sing N N 111 
GLU CB  HB3  sing N N 112 
GLU CG  CD   sing N N 113 
GLU CG  HG2  sing N N 114 
GLU CG  HG3  sing N N 115 
GLU CD  OE1  doub N N 116 
GLU CD  OE2  sing N N 117 
GLU OE2 HE2  sing N N 118 
GLU OXT HXT  sing N N 119 
GLY N   CA   sing N N 120 
GLY N   H    sing N N 121 
GLY N   H2   sing N N 122 
GLY CA  C    sing N N 123 
GLY CA  HA2  sing N N 124 
GLY CA  HA3  sing N N 125 
GLY C   O    doub N N 126 
GLY C   OXT  sing N N 127 
GLY OXT HXT  sing N N 128 
HIS N   CA   sing N N 129 
HIS N   H    sing N N 130 
HIS N   H2   sing N N 131 
HIS CA  C    sing N N 132 
HIS CA  CB   sing N N 133 
HIS CA  HA   sing N N 134 
HIS C   O    doub N N 135 
HIS C   OXT  sing N N 136 
HIS CB  CG   sing N N 137 
HIS CB  HB2  sing N N 138 
HIS CB  HB3  sing N N 139 
HIS CG  ND1  sing Y N 140 
HIS CG  CD2  doub Y N 141 
HIS ND1 CE1  doub Y N 142 
HIS ND1 HD1  sing N N 143 
HIS CD2 NE2  sing Y N 144 
HIS CD2 HD2  sing N N 145 
HIS CE1 NE2  sing Y N 146 
HIS CE1 HE1  sing N N 147 
HIS NE2 HE2  sing N N 148 
HIS OXT HXT  sing N N 149 
HOH O   H1   sing N N 150 
HOH O   H2   sing N N 151 
ILE N   CA   sing N N 152 
ILE N   H    sing N N 153 
ILE N   H2   sing N N 154 
ILE CA  C    sing N N 155 
ILE CA  CB   sing N N 156 
ILE CA  HA   sing N N 157 
ILE C   O    doub N N 158 
ILE C   OXT  sing N N 159 
ILE CB  CG1  sing N N 160 
ILE CB  CG2  sing N N 161 
ILE CB  HB   sing N N 162 
ILE CG1 CD1  sing N N 163 
ILE CG1 HG12 sing N N 164 
ILE CG1 HG13 sing N N 165 
ILE CG2 HG21 sing N N 166 
ILE CG2 HG22 sing N N 167 
ILE CG2 HG23 sing N N 168 
ILE CD1 HD11 sing N N 169 
ILE CD1 HD12 sing N N 170 
ILE CD1 HD13 sing N N 171 
ILE OXT HXT  sing N N 172 
LEU N   CA   sing N N 173 
LEU N   H    sing N N 174 
LEU N   H2   sing N N 175 
LEU CA  C    sing N N 176 
LEU CA  CB   sing N N 177 
LEU CA  HA   sing N N 178 
LEU C   O    doub N N 179 
LEU C   OXT  sing N N 180 
LEU CB  CG   sing N N 181 
LEU CB  HB2  sing N N 182 
LEU CB  HB3  sing N N 183 
LEU CG  CD1  sing N N 184 
LEU CG  CD2  sing N N 185 
LEU CG  HG   sing N N 186 
LEU CD1 HD11 sing N N 187 
LEU CD1 HD12 sing N N 188 
LEU CD1 HD13 sing N N 189 
LEU CD2 HD21 sing N N 190 
LEU CD2 HD22 sing N N 191 
LEU CD2 HD23 sing N N 192 
LEU OXT HXT  sing N N 193 
LYS N   CA   sing N N 194 
LYS N   H    sing N N 195 
LYS N   H2   sing N N 196 
LYS CA  C    sing N N 197 
LYS CA  CB   sing N N 198 
LYS CA  HA   sing N N 199 
LYS C   O    doub N N 200 
LYS C   OXT  sing N N 201 
LYS CB  CG   sing N N 202 
LYS CB  HB2  sing N N 203 
LYS CB  HB3  sing N N 204 
LYS CG  CD   sing N N 205 
LYS CG  HG2  sing N N 206 
LYS CG  HG3  sing N N 207 
LYS CD  CE   sing N N 208 
LYS CD  HD2  sing N N 209 
LYS CD  HD3  sing N N 210 
LYS CE  NZ   sing N N 211 
LYS CE  HE2  sing N N 212 
LYS CE  HE3  sing N N 213 
LYS NZ  HZ1  sing N N 214 
LYS NZ  HZ2  sing N N 215 
LYS NZ  HZ3  sing N N 216 
LYS OXT HXT  sing N N 217 
MET N   CA   sing N N 218 
MET N   H    sing N N 219 
MET N   H2   sing N N 220 
MET CA  C    sing N N 221 
MET CA  CB   sing N N 222 
MET CA  HA   sing N N 223 
MET C   O    doub N N 224 
MET C   OXT  sing N N 225 
MET CB  CG   sing N N 226 
MET CB  HB2  sing N N 227 
MET CB  HB3  sing N N 228 
MET CG  SD   sing N N 229 
MET CG  HG2  sing N N 230 
MET CG  HG3  sing N N 231 
MET SD  CE   sing N N 232 
MET CE  HE1  sing N N 233 
MET CE  HE2  sing N N 234 
MET CE  HE3  sing N N 235 
MET OXT HXT  sing N N 236 
PHE N   CA   sing N N 237 
PHE N   H    sing N N 238 
PHE N   H2   sing N N 239 
PHE CA  C    sing N N 240 
PHE CA  CB   sing N N 241 
PHE CA  HA   sing N N 242 
PHE C   O    doub N N 243 
PHE C   OXT  sing N N 244 
PHE CB  CG   sing N N 245 
PHE CB  HB2  sing N N 246 
PHE CB  HB3  sing N N 247 
PHE CG  CD1  doub Y N 248 
PHE CG  CD2  sing Y N 249 
PHE CD1 CE1  sing Y N 250 
PHE CD1 HD1  sing N N 251 
PHE CD2 CE2  doub Y N 252 
PHE CD2 HD2  sing N N 253 
PHE CE1 CZ   doub Y N 254 
PHE CE1 HE1  sing N N 255 
PHE CE2 CZ   sing Y N 256 
PHE CE2 HE2  sing N N 257 
PHE CZ  HZ   sing N N 258 
PHE OXT HXT  sing N N 259 
PRO N   CA   sing N N 260 
PRO N   CD   sing N N 261 
PRO N   H    sing N N 262 
PRO CA  C    sing N N 263 
PRO CA  CB   sing N N 264 
PRO CA  HA   sing N N 265 
PRO C   O    doub N N 266 
PRO C   OXT  sing N N 267 
PRO CB  CG   sing N N 268 
PRO CB  HB2  sing N N 269 
PRO CB  HB3  sing N N 270 
PRO CG  CD   sing N N 271 
PRO CG  HG2  sing N N 272 
PRO CG  HG3  sing N N 273 
PRO CD  HD2  sing N N 274 
PRO CD  HD3  sing N N 275 
PRO OXT HXT  sing N N 276 
SER N   CA   sing N N 277 
SER N   H    sing N N 278 
SER N   H2   sing N N 279 
SER CA  C    sing N N 280 
SER CA  CB   sing N N 281 
SER CA  HA   sing N N 282 
SER C   O    doub N N 283 
SER C   OXT  sing N N 284 
SER CB  OG   sing N N 285 
SER CB  HB2  sing N N 286 
SER CB  HB3  sing N N 287 
SER OG  HG   sing N N 288 
SER OXT HXT  sing N N 289 
THR N   CA   sing N N 290 
THR N   H    sing N N 291 
THR N   H2   sing N N 292 
THR CA  C    sing N N 293 
THR CA  CB   sing N N 294 
THR CA  HA   sing N N 295 
THR C   O    doub N N 296 
THR C   OXT  sing N N 297 
THR CB  OG1  sing N N 298 
THR CB  CG2  sing N N 299 
THR CB  HB   sing N N 300 
THR OG1 HG1  sing N N 301 
THR CG2 HG21 sing N N 302 
THR CG2 HG22 sing N N 303 
THR CG2 HG23 sing N N 304 
THR OXT HXT  sing N N 305 
TRP N   CA   sing N N 306 
TRP N   H    sing N N 307 
TRP N   H2   sing N N 308 
TRP CA  C    sing N N 309 
TRP CA  CB   sing N N 310 
TRP CA  HA   sing N N 311 
TRP C   O    doub N N 312 
TRP C   OXT  sing N N 313 
TRP CB  CG   sing N N 314 
TRP CB  HB2  sing N N 315 
TRP CB  HB3  sing N N 316 
TRP CG  CD1  doub Y N 317 
TRP CG  CD2  sing Y N 318 
TRP CD1 NE1  sing Y N 319 
TRP CD1 HD1  sing N N 320 
TRP CD2 CE2  doub Y N 321 
TRP CD2 CE3  sing Y N 322 
TRP NE1 CE2  sing Y N 323 
TRP NE1 HE1  sing N N 324 
TRP CE2 CZ2  sing Y N 325 
TRP CE3 CZ3  doub Y N 326 
TRP CE3 HE3  sing N N 327 
TRP CZ2 CH2  doub Y N 328 
TRP CZ2 HZ2  sing N N 329 
TRP CZ3 CH2  sing Y N 330 
TRP CZ3 HZ3  sing N N 331 
TRP CH2 HH2  sing N N 332 
TRP OXT HXT  sing N N 333 
TYR N   CA   sing N N 334 
TYR N   H    sing N N 335 
TYR N   H2   sing N N 336 
TYR CA  C    sing N N 337 
TYR CA  CB   sing N N 338 
TYR CA  HA   sing N N 339 
TYR C   O    doub N N 340 
TYR C   OXT  sing N N 341 
TYR CB  CG   sing N N 342 
TYR CB  HB2  sing N N 343 
TYR CB  HB3  sing N N 344 
TYR CG  CD1  doub Y N 345 
TYR CG  CD2  sing Y N 346 
TYR CD1 CE1  sing Y N 347 
TYR CD1 HD1  sing N N 348 
TYR CD2 CE2  doub Y N 349 
TYR CD2 HD2  sing N N 350 
TYR CE1 CZ   doub Y N 351 
TYR CE1 HE1  sing N N 352 
TYR CE2 CZ   sing Y N 353 
TYR CE2 HE2  sing N N 354 
TYR CZ  OH   sing N N 355 
TYR OH  HH   sing N N 356 
TYR OXT HXT  sing N N 357 
VAL N   CA   sing N N 358 
VAL N   H    sing N N 359 
VAL N   H2   sing N N 360 
VAL CA  C    sing N N 361 
VAL CA  CB   sing N N 362 
VAL CA  HA   sing N N 363 
VAL C   O    doub N N 364 
VAL C   OXT  sing N N 365 
VAL CB  CG1  sing N N 366 
VAL CB  CG2  sing N N 367 
VAL CB  HB   sing N N 368 
VAL CG1 HG11 sing N N 369 
VAL CG1 HG12 sing N N 370 
VAL CG1 HG13 sing N N 371 
VAL CG2 HG21 sing N N 372 
VAL CG2 HG22 sing N N 373 
VAL CG2 HG23 sing N N 374 
VAL OXT HXT  sing N N 375 
# 
_pdbx_entity_nonpoly.entity_id   2 
_pdbx_entity_nonpoly.name        water 
_pdbx_entity_nonpoly.comp_id     HOH 
# 
_pdbx_initial_refinement_model.id               1 
_pdbx_initial_refinement_model.entity_id_list   ? 
_pdbx_initial_refinement_model.type             'experimental model' 
_pdbx_initial_refinement_model.source_name      PDB 
_pdbx_initial_refinement_model.accession_code   3PZ5 
_pdbx_initial_refinement_model.details          ? 
# 
